data_6GBM
#
_entry.id   6GBM
#
loop_
_entity.id
_entity.type
_entity.pdbx_description
1 polymer 'RNA-binding protein FUS'
2 polymer "RNA (5'-R(*GP*GP*CP*AP*GP*AP*UP*UP*AP*CP*AP*AP*UP*UP*CP*UP*AP*UP*UP*UP*GP*CP*C)-3')"
#
loop_
_entity_poly.entity_id
_entity_poly.type
_entity_poly.pdbx_seq_one_letter_code
_entity_poly.pdbx_strand_id
1 'polypeptide(L)'
;GSHMDNSDNNTIFVQGLGENVTIESVADYFKQIGIIKTNKKTGQPMINLYTDRETGKLKGEATVSFDDPPSAKAAIDWFD
GKEFSGNPIKVSFATRRADFNR
;
B
2 'polyribonucleotide' GGCAGAUUACAAUUCUAUUUGCC A
#
# COMPACT_ATOMS: atom_id res chain seq x y z
N GLY A 1 8.74 -7.44 -6.64
CA GLY A 1 9.94 -6.73 -6.13
C GLY A 1 10.78 -6.17 -7.27
N SER A 2 12.05 -6.58 -7.34
CA SER A 2 12.97 -6.14 -8.37
C SER A 2 12.74 -6.87 -9.69
N HIS A 3 11.67 -7.68 -9.76
CA HIS A 3 11.33 -8.46 -10.95
C HIS A 3 10.93 -7.56 -12.12
N MET A 4 10.81 -6.26 -11.87
CA MET A 4 10.44 -5.29 -12.91
C MET A 4 11.26 -4.01 -12.74
N ASP A 5 11.32 -3.19 -13.80
CA ASP A 5 12.04 -1.93 -13.76
C ASP A 5 11.25 -0.92 -12.92
N ASN A 6 9.96 -1.21 -12.67
CA ASN A 6 9.08 -0.37 -11.87
C ASN A 6 9.03 1.08 -12.36
N SER A 7 9.37 1.31 -13.64
CA SER A 7 9.32 2.63 -14.23
C SER A 7 7.86 3.07 -14.43
N ASP A 8 6.94 2.13 -14.31
CA ASP A 8 5.50 2.36 -14.43
C ASP A 8 4.74 1.81 -13.23
N ASN A 9 5.46 1.53 -12.14
CA ASN A 9 4.89 0.96 -10.94
C ASN A 9 5.01 1.94 -9.79
N ASN A 10 3.87 2.49 -9.35
CA ASN A 10 3.81 3.45 -8.27
C ASN A 10 3.09 2.88 -7.05
N THR A 11 2.74 1.59 -7.08
CA THR A 11 1.98 0.96 -6.01
C THR A 11 2.85 0.00 -5.22
N ILE A 12 2.63 -0.03 -3.92
CA ILE A 12 3.30 -0.98 -3.03
C ILE A 12 2.24 -1.88 -2.39
N PHE A 13 2.61 -3.12 -2.12
CA PHE A 13 1.73 -4.01 -1.38
C PHE A 13 2.22 -4.02 0.06
N VAL A 14 1.29 -4.09 0.99
CA VAL A 14 1.59 -4.12 2.42
C VAL A 14 0.92 -5.30 3.09
N GLN A 15 1.61 -5.93 4.03
CA GLN A 15 1.08 -7.04 4.81
C GLN A 15 1.29 -6.77 6.29
N GLY A 16 0.40 -7.28 7.13
CA GLY A 16 0.61 -7.30 8.57
C GLY A 16 0.10 -6.03 9.25
N LEU A 17 -0.67 -5.21 8.54
CA LEU A 17 -1.12 -3.92 9.06
C LEU A 17 -1.88 -4.12 10.37
N GLY A 18 -2.86 -5.00 10.36
CA GLY A 18 -3.68 -5.29 11.54
C GLY A 18 -5.11 -5.65 11.13
N GLU A 19 -5.93 -6.07 12.09
CA GLU A 19 -7.30 -6.48 11.83
C GLU A 19 -8.30 -5.35 12.14
N ASN A 20 -7.82 -4.20 12.61
CA ASN A 20 -8.66 -3.07 12.98
C ASN A 20 -8.20 -1.76 12.32
N VAL A 21 -7.33 -1.85 11.32
CA VAL A 21 -6.70 -0.68 10.71
C VAL A 21 -7.65 0.06 9.75
N THR A 22 -7.26 1.29 9.38
CA THR A 22 -8.04 2.13 8.49
C THR A 22 -7.19 2.72 7.37
N ILE A 23 -7.86 3.12 6.28
CA ILE A 23 -7.18 3.72 5.14
C ILE A 23 -6.45 4.99 5.55
N GLU A 24 -7.12 5.82 6.35
CA GLU A 24 -6.57 7.08 6.81
C GLU A 24 -5.32 6.85 7.68
N SER A 25 -5.31 5.79 8.48
CA SER A 25 -4.16 5.52 9.34
C SER A 25 -2.98 5.03 8.50
N VAL A 26 -3.25 4.13 7.55
CA VAL A 26 -2.23 3.62 6.66
C VAL A 26 -1.67 4.77 5.84
N ALA A 27 -2.55 5.66 5.37
CA ALA A 27 -2.13 6.79 4.56
C ALA A 27 -1.24 7.71 5.40
N ASP A 28 -1.57 7.86 6.69
CA ASP A 28 -0.81 8.74 7.58
C ASP A 28 0.56 8.12 7.85
N TYR A 29 0.67 6.79 7.77
CA TYR A 29 1.92 6.10 8.04
C TYR A 29 2.84 6.03 6.81
N PHE A 30 2.27 6.07 5.61
CA PHE A 30 3.04 6.04 4.37
C PHE A 30 3.33 7.41 3.76
N LYS A 31 2.49 8.41 4.06
CA LYS A 31 2.63 9.74 3.49
C LYS A 31 3.90 10.43 3.96
N GLN A 32 4.50 9.95 5.06
CA GLN A 32 5.70 10.57 5.62
C GLN A 32 6.93 10.28 4.75
N ILE A 33 6.87 9.23 3.92
CA ILE A 33 7.95 8.93 3.00
C ILE A 33 7.77 9.69 1.69
N GLY A 34 6.55 9.68 1.15
CA GLY A 34 6.24 10.38 -0.08
C GLY A 34 4.74 10.57 -0.26
N ILE A 35 4.35 11.43 -1.20
CA ILE A 35 2.95 11.76 -1.43
C ILE A 35 2.19 10.56 -1.98
N ILE A 36 1.17 10.13 -1.24
CA ILE A 36 0.26 9.09 -1.70
C ILE A 36 -0.66 9.71 -2.75
N LYS A 37 -0.91 8.98 -3.85
CA LYS A 37 -1.75 9.49 -4.92
C LYS A 37 -3.20 9.50 -4.46
N THR A 38 -3.90 10.60 -4.69
CA THR A 38 -5.31 10.72 -4.32
C THR A 38 -6.26 10.38 -5.45
N ASN A 39 -7.34 9.65 -5.14
CA ASN A 39 -8.37 9.37 -6.12
C ASN A 39 -9.13 10.66 -6.42
N LYS A 40 -9.32 10.96 -7.71
CA LYS A 40 -10.06 12.15 -8.10
C LYS A 40 -11.55 11.82 -8.27
N LYS A 41 -11.89 10.54 -8.14
CA LYS A 41 -13.27 10.08 -8.28
C LYS A 41 -13.93 9.96 -6.91
N THR A 42 -13.11 9.80 -5.87
CA THR A 42 -13.60 9.51 -4.52
C THR A 42 -13.01 10.45 -3.47
N GLY A 43 -11.84 11.01 -3.73
CA GLY A 43 -11.24 12.03 -2.87
C GLY A 43 -10.44 11.40 -1.72
N GLN A 44 -10.56 10.09 -1.52
CA GLN A 44 -9.77 9.38 -0.52
C GLN A 44 -8.41 9.02 -1.12
N PRO A 45 -7.38 8.82 -0.28
CA PRO A 45 -6.06 8.45 -0.77
C PRO A 45 -6.10 7.04 -1.35
N MET A 46 -5.15 6.72 -2.24
CA MET A 46 -5.09 5.41 -2.85
C MET A 46 -4.61 4.35 -1.88
N ILE A 47 -5.56 3.76 -1.15
CA ILE A 47 -5.31 2.61 -0.31
C ILE A 47 -6.45 1.63 -0.51
N ASN A 48 -6.13 0.33 -0.57
CA ASN A 48 -7.17 -0.69 -0.69
C ASN A 48 -6.91 -1.79 0.31
N LEU A 49 -7.75 -1.85 1.35
CA LEU A 49 -7.71 -2.90 2.36
C LEU A 49 -8.35 -4.17 1.80
N TYR A 50 -7.91 -5.32 2.29
CA TYR A 50 -8.50 -6.59 1.89
C TYR A 50 -9.15 -7.35 3.04
N THR A 51 -10.17 -8.13 2.73
CA THR A 51 -10.97 -8.85 3.73
C THR A 51 -11.17 -10.32 3.39
N ASP A 52 -11.24 -11.17 4.42
CA ASP A 52 -11.45 -12.60 4.22
C ASP A 52 -12.94 -12.79 3.95
N ARG A 53 -13.29 -13.52 2.89
CA ARG A 53 -14.68 -13.77 2.55
C ARG A 53 -15.22 -14.98 3.31
N GLU A 54 -14.34 -15.72 4.00
CA GLU A 54 -14.73 -16.90 4.76
C GLU A 54 -14.94 -16.57 6.24
N THR A 55 -14.48 -15.41 6.69
CA THR A 55 -14.61 -14.99 8.09
C THR A 55 -15.03 -13.54 8.25
N GLY A 56 -14.77 -12.72 7.24
CA GLY A 56 -15.18 -11.32 7.23
C GLY A 56 -14.17 -10.43 7.97
N LYS A 57 -13.09 -11.03 8.49
CA LYS A 57 -12.03 -10.29 9.16
C LYS A 57 -11.07 -9.74 8.12
N LEU A 58 -10.34 -8.69 8.47
CA LEU A 58 -9.40 -8.07 7.56
C LEU A 58 -8.19 -8.98 7.36
N LYS A 59 -7.68 -9.02 6.13
CA LYS A 59 -6.52 -9.84 5.77
C LYS A 59 -5.26 -9.28 6.40
N GLY A 60 -5.31 -8.01 6.84
CA GLY A 60 -4.13 -7.29 7.29
C GLY A 60 -3.32 -6.84 6.08
N GLU A 61 -3.86 -7.05 4.88
CA GLU A 61 -3.21 -6.71 3.63
C GLU A 61 -3.84 -5.45 3.03
N ALA A 62 -3.03 -4.66 2.32
CA ALA A 62 -3.51 -3.50 1.62
C ALA A 62 -2.51 -3.05 0.56
N THR A 63 -2.99 -2.33 -0.45
CA THR A 63 -2.11 -1.66 -1.39
C THR A 63 -2.09 -0.17 -1.05
N VAL A 64 -1.00 0.50 -1.39
CA VAL A 64 -0.89 1.96 -1.31
C VAL A 64 -0.22 2.48 -2.57
N SER A 65 -0.84 3.46 -3.24
CA SER A 65 -0.27 4.01 -4.46
C SER A 65 0.32 5.39 -4.23
N PHE A 66 1.41 5.69 -4.92
CA PHE A 66 2.13 6.94 -4.78
C PHE A 66 2.01 7.85 -6.01
N ASP A 67 2.25 9.14 -5.82
CA ASP A 67 2.15 10.10 -6.90
C ASP A 67 3.36 9.95 -7.83
N ASP A 68 4.42 9.29 -7.34
CA ASP A 68 5.64 9.06 -8.11
C ASP A 68 6.21 7.70 -7.71
N PRO A 69 6.90 7.02 -8.63
CA PRO A 69 7.45 5.70 -8.41
C PRO A 69 8.65 5.66 -7.43
N PRO A 70 9.51 6.69 -7.32
CA PRO A 70 10.66 6.63 -6.44
C PRO A 70 10.22 6.76 -4.99
N SER A 71 9.03 7.34 -4.76
CA SER A 71 8.45 7.43 -3.43
C SER A 71 7.96 6.06 -2.98
N ALA A 72 7.41 5.27 -3.92
CA ALA A 72 7.01 3.91 -3.63
C ALA A 72 8.25 3.06 -3.35
N LYS A 73 9.34 3.31 -4.07
CA LYS A 73 10.59 2.58 -3.88
C LYS A 73 11.15 2.89 -2.50
N ALA A 74 11.14 4.16 -2.09
CA ALA A 74 11.62 4.55 -0.78
C ALA A 74 10.72 3.97 0.31
N ALA A 75 9.41 3.88 0.04
CA ALA A 75 8.48 3.33 1.01
C ALA A 75 8.79 1.86 1.27
N ILE A 76 9.20 1.11 0.23
CA ILE A 76 9.60 -0.27 0.45
C ILE A 76 10.91 -0.31 1.23
N ASP A 77 11.91 0.42 0.74
CA ASP A 77 13.22 0.47 1.37
C ASP A 77 13.18 0.83 2.85
N TRP A 78 12.18 1.63 3.22
CA TRP A 78 12.03 2.12 4.59
C TRP A 78 11.04 1.30 5.42
N PHE A 79 9.80 1.16 4.97
CA PHE A 79 8.76 0.52 5.77
C PHE A 79 8.87 -0.99 5.84
N ASP A 80 9.42 -1.63 4.81
CA ASP A 80 9.57 -3.08 4.81
C ASP A 80 10.27 -3.58 6.08
N GLY A 81 9.51 -4.22 6.96
CA GLY A 81 10.05 -4.84 8.17
C GLY A 81 9.82 -3.97 9.41
N LYS A 82 9.20 -2.80 9.27
CA LYS A 82 8.88 -1.94 10.40
C LYS A 82 7.56 -2.38 11.04
N GLU A 83 7.00 -1.52 11.90
CA GLU A 83 5.72 -1.79 12.56
C GLU A 83 4.74 -0.66 12.33
N PHE A 84 3.45 -1.00 12.39
CA PHE A 84 2.36 -0.06 12.25
C PHE A 84 1.16 -0.43 13.11
N SER A 85 0.55 0.55 13.77
CA SER A 85 -0.53 0.30 14.71
C SER A 85 -0.14 -0.73 15.77
N GLY A 86 1.17 -0.93 15.94
CA GLY A 86 1.70 -1.86 16.95
C GLY A 86 1.81 -3.28 16.41
N ASN A 87 1.88 -3.42 15.07
CA ASN A 87 1.95 -4.73 14.43
C ASN A 87 3.08 -4.71 13.39
N PRO A 88 3.80 -5.82 13.25
CA PRO A 88 4.87 -5.94 12.27
C PRO A 88 4.27 -5.97 10.86
N ILE A 89 4.89 -5.23 9.93
CA ILE A 89 4.39 -5.15 8.56
C ILE A 89 5.47 -5.55 7.56
N LYS A 90 5.07 -5.68 6.30
CA LYS A 90 5.97 -6.05 5.22
C LYS A 90 5.53 -5.35 3.94
N VAL A 91 6.41 -4.52 3.37
CA VAL A 91 6.14 -3.77 2.16
C VAL A 91 6.93 -4.31 0.95
N SER A 92 6.38 -4.18 -0.25
CA SER A 92 7.07 -4.60 -1.48
C SER A 92 6.37 -3.98 -2.69
N PHE A 93 6.97 -4.15 -3.88
CA PHE A 93 6.37 -3.66 -5.11
C PHE A 93 5.11 -4.42 -5.53
N ALA A 94 4.04 -3.69 -5.82
CA ALA A 94 2.78 -4.27 -6.21
C ALA A 94 2.68 -4.48 -7.73
N THR A 95 1.56 -5.04 -8.16
CA THR A 95 1.18 -5.17 -9.57
C THR A 95 -0.34 -5.00 -9.66
N ARG A 96 -0.99 -5.55 -10.69
CA ARG A 96 -2.44 -5.52 -10.78
C ARG A 96 -3.01 -6.93 -10.93
N ARG A 97 -3.16 -7.65 -9.82
CA ARG A 97 -3.83 -8.94 -9.85
C ARG A 97 -5.29 -8.77 -10.27
N ALA A 98 -5.79 -7.53 -10.20
CA ALA A 98 -7.13 -7.21 -10.65
C ALA A 98 -7.28 -7.53 -12.14
N ASP A 99 -6.19 -7.41 -12.90
CA ASP A 99 -6.24 -7.59 -14.35
C ASP A 99 -6.64 -9.00 -14.79
N PHE A 100 -6.66 -9.94 -13.84
CA PHE A 100 -7.11 -11.30 -14.13
C PHE A 100 -8.64 -11.42 -14.23
N ASN A 101 -9.37 -10.41 -13.76
CA ASN A 101 -10.82 -10.42 -13.75
C ASN A 101 -11.43 -9.09 -14.19
N ARG A 102 -10.62 -8.01 -14.28
CA ARG A 102 -11.09 -6.73 -14.78
C ARG A 102 -11.36 -6.78 -16.28
N GLY A 1 18.74 -6.43 -16.87
CA GLY A 1 20.05 -6.03 -16.32
C GLY A 1 19.98 -4.66 -15.67
N SER A 2 20.82 -3.73 -16.12
CA SER A 2 20.87 -2.38 -15.59
C SER A 2 19.72 -1.51 -16.12
N HIS A 3 18.84 -2.12 -16.92
CA HIS A 3 17.70 -1.43 -17.49
C HIS A 3 16.74 -0.94 -16.40
N MET A 4 15.91 0.06 -16.74
CA MET A 4 14.96 0.62 -15.80
C MET A 4 13.88 -0.40 -15.45
N ASP A 5 13.20 -0.19 -14.32
CA ASP A 5 12.15 -1.07 -13.85
C ASP A 5 11.22 -0.25 -12.94
N ASN A 6 9.97 -0.70 -12.80
CA ASN A 6 8.95 0.00 -12.02
C ASN A 6 8.80 1.46 -12.45
N SER A 7 9.21 1.79 -13.67
CA SER A 7 9.07 3.13 -14.22
C SER A 7 7.60 3.46 -14.48
N ASP A 8 6.75 2.43 -14.44
CA ASP A 8 5.31 2.56 -14.60
C ASP A 8 4.55 1.96 -13.42
N ASN A 9 5.25 1.81 -12.28
CA ASN A 9 4.68 1.21 -11.09
C ASN A 9 4.88 2.14 -9.89
N ASN A 10 3.78 2.66 -9.36
CA ASN A 10 3.82 3.59 -8.24
C ASN A 10 3.20 2.96 -6.99
N THR A 11 2.78 1.69 -7.09
CA THR A 11 2.05 1.03 -6.02
C THR A 11 2.95 0.11 -5.22
N ILE A 12 2.72 0.09 -3.91
CA ILE A 12 3.38 -0.85 -3.03
C ILE A 12 2.34 -1.77 -2.41
N PHE A 13 2.72 -3.01 -2.16
CA PHE A 13 1.86 -3.95 -1.46
C PHE A 13 2.30 -3.96 0.00
N VAL A 14 1.33 -4.09 0.91
CA VAL A 14 1.61 -4.13 2.34
C VAL A 14 0.88 -5.29 3.00
N GLN A 15 1.55 -5.94 3.96
CA GLN A 15 0.95 -7.00 4.74
C GLN A 15 1.20 -6.74 6.23
N GLY A 16 0.33 -7.27 7.08
CA GLY A 16 0.56 -7.30 8.52
C GLY A 16 0.09 -6.03 9.20
N LEU A 17 -0.68 -5.20 8.50
CA LEU A 17 -1.12 -3.91 9.03
C LEU A 17 -1.88 -4.11 10.33
N GLY A 18 -2.86 -5.02 10.33
CA GLY A 18 -3.67 -5.31 11.50
C GLY A 18 -5.11 -5.63 11.08
N GLU A 19 -5.93 -6.09 12.02
CA GLU A 19 -7.31 -6.46 11.73
C GLU A 19 -8.29 -5.34 12.11
N ASN A 20 -7.78 -4.19 12.58
CA ASN A 20 -8.60 -3.06 12.98
C ASN A 20 -8.15 -1.76 12.30
N VAL A 21 -7.28 -1.86 11.30
CA VAL A 21 -6.67 -0.69 10.67
C VAL A 21 -7.63 0.06 9.74
N THR A 22 -7.26 1.30 9.39
CA THR A 22 -8.05 2.16 8.51
C THR A 22 -7.22 2.73 7.38
N ILE A 23 -7.89 3.16 6.31
CA ILE A 23 -7.23 3.72 5.15
C ILE A 23 -6.44 4.96 5.52
N GLU A 24 -7.05 5.83 6.33
CA GLU A 24 -6.44 7.08 6.73
C GLU A 24 -5.25 6.86 7.67
N SER A 25 -5.27 5.79 8.47
CA SER A 25 -4.13 5.49 9.35
C SER A 25 -2.96 4.99 8.52
N VAL A 26 -3.24 4.10 7.56
CA VAL A 26 -2.22 3.59 6.67
C VAL A 26 -1.66 4.74 5.85
N ALA A 27 -2.53 5.64 5.40
CA ALA A 27 -2.10 6.78 4.61
C ALA A 27 -1.21 7.68 5.45
N ASP A 28 -1.53 7.83 6.73
CA ASP A 28 -0.76 8.68 7.62
C ASP A 28 0.61 8.05 7.90
N TYR A 29 0.71 6.72 7.79
CA TYR A 29 1.97 6.05 8.06
C TYR A 29 2.89 5.99 6.83
N PHE A 30 2.31 6.04 5.63
CA PHE A 30 3.08 6.02 4.40
C PHE A 30 3.35 7.39 3.78
N LYS A 31 2.51 8.38 4.09
CA LYS A 31 2.66 9.72 3.51
C LYS A 31 3.93 10.41 4.00
N GLN A 32 4.51 9.93 5.10
CA GLN A 32 5.71 10.54 5.66
C GLN A 32 6.95 10.26 4.81
N ILE A 33 6.90 9.22 3.96
CA ILE A 33 7.98 8.93 3.03
C ILE A 33 7.79 9.71 1.73
N GLY A 34 6.56 9.70 1.21
CA GLY A 34 6.25 10.42 -0.02
C GLY A 34 4.75 10.59 -0.19
N ILE A 35 4.35 11.44 -1.14
CA ILE A 35 2.95 11.77 -1.35
C ILE A 35 2.19 10.58 -1.92
N ILE A 36 1.17 10.14 -1.18
CA ILE A 36 0.23 9.13 -1.66
C ILE A 36 -0.71 9.79 -2.67
N LYS A 37 -0.95 9.15 -3.81
CA LYS A 37 -1.83 9.72 -4.82
C LYS A 37 -3.27 9.66 -4.32
N THR A 38 -4.01 10.75 -4.51
CA THR A 38 -5.41 10.80 -4.14
C THR A 38 -6.33 10.51 -5.31
N ASN A 39 -7.40 9.75 -5.06
CA ASN A 39 -8.37 9.44 -6.10
C ASN A 39 -9.25 10.66 -6.35
N LYS A 40 -9.49 10.97 -7.61
CA LYS A 40 -10.42 12.03 -8.00
C LYS A 40 -11.83 11.45 -8.17
N LYS A 41 -11.91 10.12 -8.14
CA LYS A 41 -13.16 9.39 -8.34
C LYS A 41 -13.83 9.14 -6.99
N THR A 42 -13.07 9.20 -5.91
CA THR A 42 -13.55 8.86 -4.57
C THR A 42 -13.12 9.87 -3.49
N GLY A 43 -12.03 10.60 -3.73
CA GLY A 43 -11.58 11.67 -2.85
C GLY A 43 -10.73 11.13 -1.69
N GLN A 44 -10.71 9.81 -1.49
CA GLN A 44 -9.86 9.20 -0.47
C GLN A 44 -8.47 8.94 -1.06
N PRO A 45 -7.45 8.79 -0.21
CA PRO A 45 -6.11 8.46 -0.69
C PRO A 45 -6.11 7.06 -1.28
N MET A 46 -5.18 6.79 -2.20
CA MET A 46 -5.11 5.48 -2.84
C MET A 46 -4.63 4.41 -1.89
N ILE A 47 -5.58 3.74 -1.25
CA ILE A 47 -5.34 2.58 -0.41
C ILE A 47 -6.46 1.58 -0.66
N ASN A 48 -6.12 0.29 -0.73
CA ASN A 48 -7.12 -0.75 -0.87
C ASN A 48 -6.87 -1.85 0.14
N LEU A 49 -7.70 -1.89 1.18
CA LEU A 49 -7.64 -2.92 2.20
C LEU A 49 -8.28 -4.19 1.67
N TYR A 50 -7.87 -5.35 2.19
CA TYR A 50 -8.47 -6.62 1.81
C TYR A 50 -9.09 -7.37 2.98
N THR A 51 -10.14 -8.14 2.69
CA THR A 51 -10.91 -8.84 3.71
C THR A 51 -11.14 -10.31 3.40
N ASP A 52 -11.21 -11.12 4.45
CA ASP A 52 -11.45 -12.55 4.32
C ASP A 52 -12.93 -12.73 4.02
N ARG A 53 -13.25 -13.53 3.00
CA ARG A 53 -14.64 -13.79 2.64
C ARG A 53 -15.20 -14.93 3.50
N GLU A 54 -14.36 -15.55 4.33
CA GLU A 54 -14.77 -16.65 5.19
C GLU A 54 -15.04 -16.18 6.63
N THR A 55 -14.63 -14.95 6.97
CA THR A 55 -14.83 -14.39 8.30
C THR A 55 -15.30 -12.94 8.26
N GLY A 56 -14.95 -12.21 7.20
CA GLY A 56 -15.36 -10.82 7.05
C GLY A 56 -14.55 -9.91 7.98
N LYS A 57 -13.47 -10.46 8.57
CA LYS A 57 -12.56 -9.74 9.46
C LYS A 57 -11.75 -8.70 8.69
N LEU A 58 -10.45 -8.96 8.52
CA LEU A 58 -9.55 -8.20 7.67
C LEU A 58 -8.33 -9.08 7.39
N LYS A 59 -7.79 -8.99 6.18
CA LYS A 59 -6.62 -9.77 5.78
C LYS A 59 -5.35 -9.18 6.37
N GLY A 60 -5.42 -7.92 6.79
CA GLY A 60 -4.25 -7.19 7.25
C GLY A 60 -3.37 -6.78 6.06
N GLU A 61 -3.86 -7.04 4.84
CA GLU A 61 -3.15 -6.70 3.62
C GLU A 61 -3.81 -5.51 2.94
N ALA A 62 -3.00 -4.72 2.23
CA ALA A 62 -3.51 -3.56 1.51
C ALA A 62 -2.48 -3.09 0.49
N THR A 63 -2.95 -2.32 -0.49
CA THR A 63 -2.05 -1.63 -1.42
C THR A 63 -2.08 -0.14 -1.07
N VAL A 64 -0.99 0.55 -1.40
CA VAL A 64 -0.90 2.00 -1.32
C VAL A 64 -0.26 2.53 -2.60
N SER A 65 -0.88 3.52 -3.25
CA SER A 65 -0.38 4.03 -4.51
C SER A 65 0.19 5.43 -4.33
N PHE A 66 1.37 5.67 -4.90
CA PHE A 66 2.08 6.93 -4.76
C PHE A 66 1.94 7.87 -5.96
N ASP A 67 2.20 9.17 -5.74
CA ASP A 67 2.16 10.14 -6.83
C ASP A 67 3.36 9.93 -7.77
N ASP A 68 4.51 9.55 -7.21
CA ASP A 68 5.73 9.31 -7.96
C ASP A 68 6.28 7.93 -7.61
N PRO A 69 6.95 7.25 -8.56
CA PRO A 69 7.46 5.92 -8.37
C PRO A 69 8.66 5.81 -7.40
N PRO A 70 9.55 6.81 -7.28
CA PRO A 70 10.69 6.70 -6.41
C PRO A 70 10.26 6.81 -4.94
N SER A 71 9.08 7.41 -4.71
CA SER A 71 8.50 7.48 -3.37
C SER A 71 8.02 6.10 -2.95
N ALA A 72 7.48 5.32 -3.89
CA ALA A 72 7.09 3.94 -3.62
C ALA A 72 8.34 3.10 -3.35
N LYS A 73 9.42 3.35 -4.10
CA LYS A 73 10.66 2.63 -3.93
C LYS A 73 11.23 2.90 -2.54
N ALA A 74 11.21 4.16 -2.10
CA ALA A 74 11.70 4.55 -0.78
C ALA A 74 10.79 3.98 0.31
N ALA A 75 9.49 3.90 0.04
CA ALA A 75 8.54 3.37 1.01
C ALA A 75 8.84 1.90 1.28
N ILE A 76 9.22 1.14 0.25
CA ILE A 76 9.62 -0.24 0.46
C ILE A 76 10.93 -0.30 1.22
N ASP A 77 11.94 0.42 0.72
CA ASP A 77 13.26 0.43 1.35
C ASP A 77 13.24 0.83 2.82
N TRP A 78 12.25 1.64 3.20
CA TRP A 78 12.11 2.12 4.56
C TRP A 78 11.13 1.32 5.41
N PHE A 79 9.88 1.17 4.97
CA PHE A 79 8.85 0.54 5.78
C PHE A 79 8.96 -0.99 5.84
N ASP A 80 9.49 -1.62 4.79
CA ASP A 80 9.64 -3.06 4.76
C ASP A 80 10.36 -3.57 6.02
N GLY A 81 9.61 -4.24 6.91
CA GLY A 81 10.14 -4.86 8.11
C GLY A 81 9.89 -4.02 9.37
N LYS A 82 9.26 -2.86 9.23
CA LYS A 82 8.91 -2.02 10.39
C LYS A 82 7.61 -2.48 11.02
N GLU A 83 7.00 -1.62 11.84
CA GLU A 83 5.73 -1.93 12.49
C GLU A 83 4.75 -0.79 12.30
N PHE A 84 3.46 -1.12 12.34
CA PHE A 84 2.36 -0.18 12.22
C PHE A 84 1.16 -0.58 13.06
N SER A 85 0.53 0.39 13.74
CA SER A 85 -0.57 0.11 14.65
C SER A 85 -0.15 -0.91 15.72
N GLY A 86 1.15 -1.11 15.89
CA GLY A 86 1.69 -2.04 16.88
C GLY A 86 1.81 -3.46 16.32
N ASN A 87 1.89 -3.59 14.99
CA ASN A 87 1.95 -4.88 14.33
C ASN A 87 3.07 -4.86 13.30
N PRO A 88 3.81 -5.98 13.14
CA PRO A 88 4.86 -6.09 12.16
C PRO A 88 4.27 -6.09 10.76
N ILE A 89 4.87 -5.33 9.84
CA ILE A 89 4.36 -5.22 8.48
C ILE A 89 5.40 -5.66 7.47
N LYS A 90 4.97 -5.77 6.20
CA LYS A 90 5.84 -6.19 5.10
C LYS A 90 5.47 -5.42 3.84
N VAL A 91 6.37 -4.56 3.36
CA VAL A 91 6.15 -3.78 2.15
C VAL A 91 6.95 -4.34 0.96
N SER A 92 6.41 -4.16 -0.26
CA SER A 92 7.10 -4.58 -1.48
C SER A 92 6.45 -3.93 -2.70
N PHE A 93 7.02 -4.13 -3.88
CA PHE A 93 6.44 -3.62 -5.11
C PHE A 93 5.18 -4.36 -5.54
N ALA A 94 4.13 -3.61 -5.83
CA ALA A 94 2.85 -4.18 -6.24
C ALA A 94 2.79 -4.46 -7.73
N THR A 95 1.67 -5.04 -8.17
CA THR A 95 1.36 -5.30 -9.57
C THR A 95 -0.14 -5.19 -9.78
N ARG A 96 -0.70 -5.85 -10.81
CA ARG A 96 -2.13 -5.87 -11.06
C ARG A 96 -2.66 -7.30 -11.05
N ARG A 97 -2.80 -7.90 -9.85
CA ARG A 97 -3.46 -9.20 -9.75
C ARG A 97 -4.91 -9.09 -10.23
N ALA A 98 -5.41 -7.86 -10.30
CA ALA A 98 -6.74 -7.58 -10.83
C ALA A 98 -6.83 -8.08 -12.27
N ASP A 99 -5.75 -7.99 -13.04
CA ASP A 99 -5.75 -8.31 -14.46
C ASP A 99 -6.08 -9.77 -14.76
N PHE A 100 -6.09 -10.63 -13.73
CA PHE A 100 -6.42 -12.04 -13.91
C PHE A 100 -7.93 -12.30 -14.00
N ASN A 101 -8.75 -11.33 -13.58
CA ASN A 101 -10.20 -11.50 -13.53
C ASN A 101 -10.95 -10.30 -14.11
N ARG A 102 -10.30 -9.15 -14.27
CA ARG A 102 -10.92 -7.98 -14.87
C ARG A 102 -11.19 -8.21 -16.35
N GLY A 1 9.69 8.17 -16.96
CA GLY A 1 10.50 8.86 -15.94
C GLY A 1 11.93 8.31 -15.93
N SER A 2 12.91 9.21 -16.02
CA SER A 2 14.32 8.84 -16.01
C SER A 2 14.77 8.46 -14.61
N HIS A 3 15.97 7.86 -14.52
CA HIS A 3 16.56 7.42 -13.25
C HIS A 3 15.64 6.49 -12.47
N MET A 4 14.71 5.81 -13.15
CA MET A 4 13.79 4.88 -12.51
C MET A 4 13.33 3.82 -13.51
N ASP A 5 13.54 2.56 -13.17
CA ASP A 5 13.11 1.44 -14.00
C ASP A 5 11.67 1.02 -13.70
N ASN A 6 11.20 1.30 -12.48
CA ASN A 6 9.84 1.03 -12.06
C ASN A 6 8.94 2.23 -12.33
N SER A 7 9.24 2.98 -13.40
CA SER A 7 8.47 4.18 -13.73
C SER A 7 7.02 3.82 -14.10
N ASP A 8 6.76 2.56 -14.39
CA ASP A 8 5.42 2.07 -14.72
C ASP A 8 4.69 1.48 -13.50
N ASN A 9 5.28 1.64 -12.30
CA ASN A 9 4.72 1.08 -11.09
C ASN A 9 4.96 2.01 -9.91
N ASN A 10 3.88 2.62 -9.40
CA ASN A 10 3.95 3.54 -8.28
C ASN A 10 3.26 2.97 -7.03
N THR A 11 2.86 1.70 -7.07
CA THR A 11 2.08 1.10 -6.00
C THR A 11 2.94 0.12 -5.20
N ILE A 12 2.70 0.08 -3.89
CA ILE A 12 3.33 -0.86 -3.00
C ILE A 12 2.26 -1.75 -2.38
N PHE A 13 2.62 -3.01 -2.12
CA PHE A 13 1.74 -3.92 -1.41
C PHE A 13 2.22 -3.94 0.03
N VAL A 14 1.27 -4.09 0.96
CA VAL A 14 1.57 -4.14 2.39
C VAL A 14 0.91 -5.33 3.05
N GLN A 15 1.61 -5.94 4.01
CA GLN A 15 1.09 -7.04 4.80
C GLN A 15 1.33 -6.78 6.29
N GLY A 16 0.44 -7.28 7.15
CA GLY A 16 0.66 -7.29 8.58
C GLY A 16 0.17 -6.03 9.26
N LEU A 17 -0.60 -5.20 8.54
CA LEU A 17 -1.03 -3.91 9.06
C LEU A 17 -1.79 -4.07 10.38
N GLY A 18 -2.80 -4.94 10.39
CA GLY A 18 -3.62 -5.19 11.56
C GLY A 18 -5.02 -5.64 11.15
N GLU A 19 -5.86 -5.96 12.13
CA GLU A 19 -7.19 -6.50 11.86
C GLU A 19 -8.27 -5.40 11.86
N ASN A 20 -7.96 -4.21 12.39
CA ASN A 20 -8.93 -3.12 12.47
C ASN A 20 -8.40 -1.82 11.88
N VAL A 21 -7.35 -1.89 11.06
CA VAL A 21 -6.69 -0.70 10.51
C VAL A 21 -7.60 0.08 9.56
N THR A 22 -7.22 1.33 9.27
CA THR A 22 -7.99 2.24 8.43
C THR A 22 -7.15 2.80 7.28
N ILE A 23 -7.84 3.29 6.25
CA ILE A 23 -7.19 3.89 5.10
C ILE A 23 -6.44 5.15 5.52
N GLU A 24 -7.08 5.97 6.35
CA GLU A 24 -6.50 7.23 6.81
C GLU A 24 -5.26 6.99 7.68
N SER A 25 -5.26 5.94 8.52
CA SER A 25 -4.11 5.67 9.38
C SER A 25 -2.95 5.10 8.55
N VAL A 26 -3.25 4.19 7.62
CA VAL A 26 -2.23 3.66 6.73
C VAL A 26 -1.66 4.79 5.88
N ALA A 27 -2.53 5.68 5.40
CA ALA A 27 -2.10 6.80 4.58
C ALA A 27 -1.20 7.72 5.39
N ASP A 28 -1.51 7.90 6.68
CA ASP A 28 -0.73 8.77 7.57
C ASP A 28 0.62 8.12 7.83
N TYR A 29 0.71 6.80 7.75
CA TYR A 29 1.97 6.10 8.01
C TYR A 29 2.88 6.05 6.78
N PHE A 30 2.31 6.09 5.58
CA PHE A 30 3.07 6.07 4.34
C PHE A 30 3.36 7.44 3.73
N LYS A 31 2.52 8.44 4.03
CA LYS A 31 2.67 9.77 3.45
C LYS A 31 3.95 10.46 3.92
N GLN A 32 4.52 9.99 5.03
CA GLN A 32 5.73 10.60 5.57
C GLN A 32 6.95 10.31 4.71
N ILE A 33 6.88 9.27 3.87
CA ILE A 33 7.96 8.97 2.94
C ILE A 33 7.76 9.74 1.63
N GLY A 34 6.53 9.72 1.11
CA GLY A 34 6.19 10.43 -0.11
C GLY A 34 4.70 10.59 -0.28
N ILE A 35 4.30 11.43 -1.23
CA ILE A 35 2.89 11.75 -1.46
C ILE A 35 2.15 10.55 -2.01
N ILE A 36 1.11 10.12 -1.30
CA ILE A 36 0.21 9.07 -1.77
C ILE A 36 -0.72 9.67 -2.82
N LYS A 37 -0.97 8.94 -3.91
CA LYS A 37 -1.81 9.43 -4.98
C LYS A 37 -3.27 9.43 -4.51
N THR A 38 -3.98 10.51 -4.77
CA THR A 38 -5.38 10.62 -4.38
C THR A 38 -6.34 10.22 -5.48
N ASN A 39 -7.41 9.51 -5.12
CA ASN A 39 -8.45 9.16 -6.05
C ASN A 39 -9.21 10.43 -6.45
N LYS A 40 -9.32 10.70 -7.75
CA LYS A 40 -9.97 11.90 -8.22
C LYS A 40 -11.50 11.71 -8.25
N LYS A 41 -11.97 10.48 -8.02
CA LYS A 41 -13.38 10.14 -8.09
C LYS A 41 -13.95 9.96 -6.69
N THR A 42 -13.25 9.22 -5.84
CA THR A 42 -13.68 8.96 -4.47
C THR A 42 -13.15 10.00 -3.47
N GLY A 43 -12.02 10.63 -3.80
CA GLY A 43 -11.47 11.72 -2.99
C GLY A 43 -10.61 11.21 -1.84
N GLN A 44 -10.66 9.90 -1.56
CA GLN A 44 -9.80 9.31 -0.53
C GLN A 44 -8.44 8.99 -1.14
N PRO A 45 -7.39 8.85 -0.31
CA PRO A 45 -6.08 8.48 -0.80
C PRO A 45 -6.11 7.05 -1.32
N MET A 46 -5.20 6.71 -2.25
CA MET A 46 -5.17 5.38 -2.83
C MET A 46 -4.66 4.35 -1.85
N ILE A 47 -5.58 3.82 -1.05
CA ILE A 47 -5.32 2.69 -0.17
C ILE A 47 -6.46 1.70 -0.32
N ASN A 48 -6.15 0.40 -0.25
CA ASN A 48 -7.18 -0.62 -0.19
C ASN A 48 -6.88 -1.58 0.93
N LEU A 49 -7.92 -1.96 1.68
CA LEU A 49 -7.82 -2.93 2.75
C LEU A 49 -8.54 -4.20 2.33
N TYR A 50 -7.87 -5.35 2.46
CA TYR A 50 -8.45 -6.61 2.03
C TYR A 50 -9.17 -7.38 3.14
N THR A 51 -10.14 -8.21 2.74
CA THR A 51 -11.00 -8.90 3.68
C THR A 51 -11.27 -10.35 3.32
N ASP A 52 -11.36 -11.22 4.32
CA ASP A 52 -11.61 -12.64 4.11
C ASP A 52 -13.09 -12.80 3.79
N ARG A 53 -13.42 -13.59 2.76
CA ARG A 53 -14.80 -13.87 2.41
C ARG A 53 -15.37 -14.98 3.29
N GLU A 54 -14.49 -15.73 3.98
CA GLU A 54 -14.90 -16.86 4.80
C GLU A 54 -15.16 -16.46 6.25
N THR A 55 -14.70 -15.26 6.66
CA THR A 55 -14.87 -14.78 8.02
C THR A 55 -15.26 -13.30 8.09
N GLY A 56 -14.96 -12.55 7.02
CA GLY A 56 -15.32 -11.15 6.95
C GLY A 56 -14.32 -10.28 7.73
N LYS A 57 -13.29 -10.90 8.32
CA LYS A 57 -12.26 -10.16 9.04
C LYS A 57 -11.21 -9.67 8.05
N LEU A 58 -10.45 -8.64 8.43
CA LEU A 58 -9.44 -8.07 7.54
C LEU A 58 -8.30 -9.07 7.35
N LYS A 59 -7.74 -9.10 6.14
CA LYS A 59 -6.60 -9.95 5.81
C LYS A 59 -5.33 -9.38 6.44
N GLY A 60 -5.36 -8.12 6.86
CA GLY A 60 -4.17 -7.41 7.32
C GLY A 60 -3.32 -6.98 6.12
N GLU A 61 -3.84 -7.19 4.91
CA GLU A 61 -3.17 -6.87 3.68
C GLU A 61 -3.77 -5.59 3.07
N ALA A 62 -2.96 -4.86 2.31
CA ALA A 62 -3.40 -3.62 1.72
C ALA A 62 -2.51 -3.22 0.55
N THR A 63 -2.94 -2.21 -0.20
CA THR A 63 -2.12 -1.59 -1.22
C THR A 63 -2.12 -0.10 -0.94
N VAL A 64 -1.01 0.56 -1.30
CA VAL A 64 -0.90 2.01 -1.25
C VAL A 64 -0.25 2.50 -2.53
N SER A 65 -0.91 3.43 -3.24
CA SER A 65 -0.38 3.93 -4.50
C SER A 65 0.20 5.34 -4.31
N PHE A 66 1.39 5.57 -4.90
CA PHE A 66 2.09 6.84 -4.77
C PHE A 66 1.94 7.74 -5.99
N ASP A 67 2.17 9.04 -5.80
CA ASP A 67 2.09 9.99 -6.90
C ASP A 67 3.31 9.81 -7.82
N ASP A 68 4.45 9.40 -7.23
CA ASP A 68 5.70 9.19 -7.95
C ASP A 68 6.26 7.80 -7.59
N PRO A 69 6.93 7.14 -8.54
CA PRO A 69 7.45 5.80 -8.35
C PRO A 69 8.66 5.71 -7.39
N PRO A 70 9.55 6.72 -7.29
CA PRO A 70 10.71 6.60 -6.44
C PRO A 70 10.30 6.72 -4.97
N SER A 71 9.14 7.32 -4.72
CA SER A 71 8.59 7.41 -3.38
C SER A 71 8.11 6.03 -2.92
N ALA A 72 7.58 5.24 -3.86
CA ALA A 72 7.19 3.87 -3.58
C ALA A 72 8.43 3.02 -3.32
N LYS A 73 9.49 3.26 -4.09
CA LYS A 73 10.76 2.57 -3.92
C LYS A 73 11.31 2.86 -2.52
N ALA A 74 11.26 4.11 -2.09
CA ALA A 74 11.74 4.51 -0.78
C ALA A 74 10.84 3.94 0.31
N ALA A 75 9.54 3.86 0.04
CA ALA A 75 8.59 3.35 1.02
C ALA A 75 8.85 1.88 1.30
N ILE A 76 9.25 1.11 0.29
CA ILE A 76 9.61 -0.28 0.51
C ILE A 76 10.93 -0.36 1.26
N ASP A 77 11.93 0.37 0.78
CA ASP A 77 13.28 0.33 1.34
C ASP A 77 13.24 0.75 2.82
N TRP A 78 12.25 1.57 3.18
CA TRP A 78 12.13 2.07 4.54
C TRP A 78 11.14 1.28 5.39
N PHE A 79 9.88 1.16 4.96
CA PHE A 79 8.84 0.55 5.79
C PHE A 79 8.92 -0.97 5.88
N ASP A 80 9.41 -1.63 4.84
CA ASP A 80 9.50 -3.08 4.85
C ASP A 80 10.26 -3.58 6.08
N GLY A 81 9.54 -4.22 7.00
CA GLY A 81 10.13 -4.82 8.20
C GLY A 81 9.91 -3.96 9.45
N LYS A 82 9.28 -2.78 9.30
CA LYS A 82 8.97 -1.93 10.44
C LYS A 82 7.65 -2.36 11.07
N GLU A 83 7.08 -1.49 11.91
CA GLU A 83 5.82 -1.78 12.56
C GLU A 83 4.82 -0.65 12.35
N PHE A 84 3.53 -0.99 12.40
CA PHE A 84 2.44 -0.06 12.27
C PHE A 84 1.25 -0.44 13.14
N SER A 85 0.65 0.54 13.83
CA SER A 85 -0.42 0.30 14.78
C SER A 85 -0.01 -0.74 15.83
N GLY A 86 1.29 -0.98 15.99
CA GLY A 86 1.81 -1.92 16.97
C GLY A 86 1.90 -3.34 16.40
N ASN A 87 1.98 -3.46 15.08
CA ASN A 87 2.02 -4.74 14.40
C ASN A 87 3.15 -4.73 13.38
N PRO A 88 3.87 -5.85 13.22
CA PRO A 88 4.93 -5.97 12.24
C PRO A 88 4.33 -5.99 10.84
N ILE A 89 4.93 -5.24 9.91
CA ILE A 89 4.44 -5.13 8.54
C ILE A 89 5.50 -5.54 7.53
N LYS A 90 5.08 -5.69 6.27
CA LYS A 90 5.97 -6.09 5.18
C LYS A 90 5.53 -5.38 3.90
N VAL A 91 6.38 -4.49 3.39
CA VAL A 91 6.11 -3.73 2.18
C VAL A 91 6.89 -4.27 0.98
N SER A 92 6.35 -4.14 -0.24
CA SER A 92 7.03 -4.54 -1.46
C SER A 92 6.37 -3.90 -2.68
N PHE A 93 6.97 -4.04 -3.86
CA PHE A 93 6.38 -3.53 -5.09
C PHE A 93 5.15 -4.31 -5.54
N ALA A 94 4.08 -3.59 -5.83
CA ALA A 94 2.81 -4.18 -6.23
C ALA A 94 2.69 -4.33 -7.75
N THR A 95 1.55 -4.87 -8.18
CA THR A 95 1.17 -5.00 -9.59
C THR A 95 -0.36 -4.89 -9.67
N ARG A 96 -0.99 -5.43 -10.72
CA ARG A 96 -2.45 -5.48 -10.78
C ARG A 96 -2.93 -6.92 -10.94
N ARG A 97 -3.23 -7.58 -9.81
CA ARG A 97 -3.83 -8.91 -9.83
C ARG A 97 -5.27 -8.84 -10.33
N ALA A 98 -5.80 -7.62 -10.48
CA ALA A 98 -7.12 -7.41 -11.04
C ALA A 98 -7.20 -7.94 -12.47
N ASP A 99 -6.05 -8.02 -13.15
CA ASP A 99 -5.98 -8.43 -14.55
C ASP A 99 -6.40 -9.91 -14.72
N PHE A 100 -6.45 -10.67 -13.62
CA PHE A 100 -6.87 -12.06 -13.68
C PHE A 100 -8.37 -12.27 -13.83
N ASN A 101 -9.16 -11.23 -13.52
CA ASN A 101 -10.62 -11.32 -13.57
C ASN A 101 -11.25 -10.14 -14.31
N ARG A 102 -10.49 -9.07 -14.57
CA ARG A 102 -10.96 -7.91 -15.31
C ARG A 102 -9.80 -7.22 -16.01
N GLY A 1 7.08 10.32 -12.54
CA GLY A 1 7.38 10.19 -13.97
C GLY A 1 8.52 9.21 -14.22
N SER A 2 9.44 9.60 -15.10
CA SER A 2 10.58 8.76 -15.47
C SER A 2 11.67 8.77 -14.39
N HIS A 3 11.33 9.21 -13.18
CA HIS A 3 12.27 9.30 -12.06
C HIS A 3 12.73 7.92 -11.61
N MET A 4 12.10 6.86 -12.13
CA MET A 4 12.46 5.48 -11.82
C MET A 4 12.03 4.56 -12.96
N ASP A 5 12.72 3.44 -13.14
CA ASP A 5 12.41 2.50 -14.21
C ASP A 5 11.03 1.85 -14.03
N ASN A 6 10.51 1.88 -12.81
CA ASN A 6 9.17 1.38 -12.50
C ASN A 6 8.13 2.47 -12.77
N SER A 7 8.31 3.22 -13.86
CA SER A 7 7.41 4.32 -14.20
C SER A 7 5.98 3.82 -14.45
N ASP A 8 5.84 2.52 -14.72
CA ASP A 8 4.53 1.88 -14.90
C ASP A 8 3.96 1.28 -13.62
N ASN A 9 4.65 1.46 -12.49
CA ASN A 9 4.22 0.87 -11.23
C ASN A 9 4.54 1.81 -10.07
N ASN A 10 3.48 2.37 -9.47
CA ASN A 10 3.61 3.31 -8.36
C ASN A 10 2.96 2.78 -7.08
N THR A 11 2.52 1.52 -7.08
CA THR A 11 1.76 0.98 -5.96
C THR A 11 2.66 0.07 -5.15
N ILE A 12 2.51 0.14 -3.82
CA ILE A 12 3.20 -0.77 -2.92
C ILE A 12 2.18 -1.72 -2.30
N PHE A 13 2.59 -2.97 -2.10
CA PHE A 13 1.79 -3.94 -1.39
C PHE A 13 2.25 -3.93 0.07
N VAL A 14 1.29 -4.07 0.99
CA VAL A 14 1.60 -4.12 2.42
C VAL A 14 0.92 -5.31 3.07
N GLN A 15 1.63 -5.95 4.01
CA GLN A 15 1.08 -7.03 4.81
C GLN A 15 1.29 -6.73 6.28
N GLY A 16 0.44 -7.27 7.13
CA GLY A 16 0.65 -7.26 8.58
C GLY A 16 0.13 -5.98 9.23
N LEU A 17 -0.64 -5.18 8.49
CA LEU A 17 -1.09 -3.88 8.98
C LEU A 17 -1.86 -4.04 10.30
N GLY A 18 -2.83 -4.95 10.34
CA GLY A 18 -3.64 -5.19 11.52
C GLY A 18 -4.98 -5.81 11.13
N GLU A 19 -5.83 -6.08 12.13
CA GLU A 19 -7.11 -6.73 11.89
C GLU A 19 -8.26 -5.71 11.84
N ASN A 20 -7.99 -4.45 12.15
CA ASN A 20 -9.03 -3.42 12.15
C ASN A 20 -8.52 -2.08 11.61
N VAL A 21 -7.47 -2.09 10.79
CA VAL A 21 -6.82 -0.88 10.32
C VAL A 21 -7.72 -0.06 9.38
N THR A 22 -7.36 1.21 9.19
CA THR A 22 -8.12 2.14 8.35
C THR A 22 -7.28 2.74 7.23
N ILE A 23 -7.96 3.18 6.17
CA ILE A 23 -7.32 3.79 5.01
C ILE A 23 -6.58 5.05 5.43
N GLU A 24 -7.21 5.87 6.27
CA GLU A 24 -6.64 7.11 6.74
C GLU A 24 -5.40 6.87 7.60
N SER A 25 -5.39 5.80 8.40
CA SER A 25 -4.27 5.51 9.28
C SER A 25 -3.08 5.01 8.47
N VAL A 26 -3.32 4.10 7.51
CA VAL A 26 -2.26 3.61 6.65
C VAL A 26 -1.69 4.78 5.85
N ALA A 27 -2.57 5.67 5.37
CA ALA A 27 -2.13 6.80 4.58
C ALA A 27 -1.29 7.73 5.45
N ASP A 28 -1.62 7.85 6.73
CA ASP A 28 -0.90 8.73 7.64
C ASP A 28 0.48 8.14 7.93
N TYR A 29 0.60 6.80 7.88
CA TYR A 29 1.87 6.15 8.16
C TYR A 29 2.80 6.09 6.94
N PHE A 30 2.23 6.13 5.73
CA PHE A 30 2.99 6.10 4.50
C PHE A 30 3.29 7.47 3.87
N LYS A 31 2.46 8.47 4.19
CA LYS A 31 2.60 9.80 3.60
C LYS A 31 3.88 10.50 4.08
N GLN A 32 4.48 10.00 5.17
CA GLN A 32 5.68 10.62 5.72
C GLN A 32 6.90 10.33 4.85
N ILE A 33 6.83 9.30 4.00
CA ILE A 33 7.91 9.00 3.06
C ILE A 33 7.73 9.78 1.77
N GLY A 34 6.52 9.76 1.22
CA GLY A 34 6.25 10.46 -0.03
C GLY A 34 4.76 10.67 -0.23
N ILE A 35 4.39 11.38 -1.30
CA ILE A 35 3.01 11.73 -1.56
C ILE A 35 2.24 10.51 -2.04
N ILE A 36 1.31 10.03 -1.21
CA ILE A 36 0.39 8.98 -1.61
C ILE A 36 -0.55 9.54 -2.67
N LYS A 37 -0.80 8.78 -3.75
CA LYS A 37 -1.65 9.25 -4.81
C LYS A 37 -3.07 9.38 -4.27
N THR A 38 -3.75 10.46 -4.61
CA THR A 38 -5.11 10.70 -4.18
C THR A 38 -6.08 10.62 -5.34
N ASN A 39 -7.21 9.93 -5.13
CA ASN A 39 -8.18 9.73 -6.18
C ASN A 39 -8.82 11.07 -6.55
N LYS A 40 -8.90 11.35 -7.85
CA LYS A 40 -9.51 12.58 -8.34
C LYS A 40 -11.04 12.42 -8.36
N LYS A 41 -11.52 11.21 -8.07
CA LYS A 41 -12.93 10.87 -8.15
C LYS A 41 -13.56 10.71 -6.76
N THR A 42 -12.72 10.59 -5.73
CA THR A 42 -13.18 10.35 -4.36
C THR A 42 -12.51 11.26 -3.32
N GLY A 43 -11.29 11.73 -3.63
CA GLY A 43 -10.61 12.70 -2.79
C GLY A 43 -9.92 12.05 -1.58
N GLN A 44 -10.13 10.74 -1.38
CA GLN A 44 -9.44 10.00 -0.33
C GLN A 44 -8.14 9.43 -0.90
N PRO A 45 -7.15 9.13 -0.06
CA PRO A 45 -5.90 8.57 -0.53
C PRO A 45 -6.16 7.19 -1.10
N MET A 46 -5.37 6.79 -2.09
CA MET A 46 -5.62 5.56 -2.83
C MET A 46 -5.01 4.35 -2.12
N ILE A 47 -5.80 3.82 -1.18
CA ILE A 47 -5.51 2.60 -0.45
C ILE A 47 -6.61 1.59 -0.75
N ASN A 48 -6.26 0.31 -0.72
CA ASN A 48 -7.26 -0.75 -0.79
C ASN A 48 -6.95 -1.81 0.25
N LEU A 49 -7.85 -1.98 1.22
CA LEU A 49 -7.73 -2.97 2.26
C LEU A 49 -8.38 -4.28 1.81
N TYR A 50 -7.89 -5.42 2.28
CA TYR A 50 -8.45 -6.71 1.92
C TYR A 50 -9.08 -7.45 3.09
N THR A 51 -10.10 -8.27 2.80
CA THR A 51 -10.85 -9.00 3.81
C THR A 51 -11.14 -10.43 3.40
N ASP A 52 -11.19 -11.35 4.38
CA ASP A 52 -11.44 -12.75 4.12
C ASP A 52 -12.94 -12.95 3.94
N ARG A 53 -13.33 -13.71 2.92
CA ARG A 53 -14.74 -14.04 2.72
C ARG A 53 -15.13 -15.26 3.56
N GLU A 54 -14.15 -15.94 4.15
CA GLU A 54 -14.40 -17.12 4.98
C GLU A 54 -14.57 -16.75 6.45
N THR A 55 -14.20 -15.52 6.84
CA THR A 55 -14.31 -15.07 8.23
C THR A 55 -14.83 -13.63 8.35
N GLY A 56 -14.62 -12.81 7.32
CA GLY A 56 -15.11 -11.44 7.29
C GLY A 56 -14.31 -10.54 8.24
N LYS A 57 -13.19 -11.04 8.75
CA LYS A 57 -12.32 -10.27 9.66
C LYS A 57 -11.54 -9.21 8.89
N LEU A 58 -10.27 -9.50 8.62
CA LEU A 58 -9.42 -8.67 7.77
C LEU A 58 -8.18 -9.49 7.38
N LYS A 59 -7.66 -9.28 6.17
CA LYS A 59 -6.46 -10.01 5.71
C LYS A 59 -5.20 -9.40 6.32
N GLY A 60 -5.30 -8.16 6.80
CA GLY A 60 -4.14 -7.41 7.24
C GLY A 60 -3.30 -6.97 6.05
N GLU A 61 -3.79 -7.23 4.83
CA GLU A 61 -3.12 -6.88 3.60
C GLU A 61 -3.77 -5.65 2.97
N ALA A 62 -2.98 -4.87 2.24
CA ALA A 62 -3.46 -3.70 1.56
C ALA A 62 -2.52 -3.30 0.43
N THR A 63 -2.96 -2.37 -0.41
CA THR A 63 -2.13 -1.76 -1.41
C THR A 63 -2.37 -0.27 -1.30
N VAL A 64 -1.34 0.54 -1.57
CA VAL A 64 -1.53 1.98 -1.71
C VAL A 64 -0.76 2.55 -2.88
N SER A 65 -1.38 3.51 -3.58
CA SER A 65 -0.78 4.10 -4.77
C SER A 65 0.02 5.34 -4.40
N PHE A 66 1.12 5.58 -5.11
CA PHE A 66 1.93 6.78 -4.94
C PHE A 66 1.89 7.71 -6.16
N ASP A 67 2.08 9.01 -5.93
CA ASP A 67 2.00 9.98 -7.01
C ASP A 67 3.22 9.80 -7.94
N ASP A 68 4.30 9.22 -7.40
CA ASP A 68 5.53 8.97 -8.14
C ASP A 68 6.20 7.65 -7.70
N PRO A 69 6.90 6.96 -8.62
CA PRO A 69 7.44 5.63 -8.39
C PRO A 69 8.63 5.58 -7.43
N PRO A 70 9.50 6.59 -7.34
CA PRO A 70 10.66 6.51 -6.46
C PRO A 70 10.21 6.67 -5.00
N SER A 71 9.04 7.29 -4.80
CA SER A 71 8.45 7.41 -3.47
C SER A 71 7.91 6.06 -3.03
N ALA A 72 7.40 5.28 -3.98
CA ALA A 72 6.95 3.92 -3.69
C ALA A 72 8.15 3.05 -3.32
N LYS A 73 9.26 3.19 -4.04
CA LYS A 73 10.45 2.41 -3.75
C LYS A 73 11.09 2.85 -2.43
N ALA A 74 11.01 4.13 -2.11
CA ALA A 74 11.51 4.63 -0.83
C ALA A 74 10.65 4.08 0.30
N ALA A 75 9.33 3.97 0.07
CA ALA A 75 8.41 3.44 1.06
C ALA A 75 8.73 1.97 1.33
N ILE A 76 9.11 1.23 0.29
CA ILE A 76 9.52 -0.16 0.49
C ILE A 76 10.83 -0.19 1.26
N ASP A 77 11.83 0.54 0.77
CA ASP A 77 13.15 0.59 1.36
C ASP A 77 13.13 0.98 2.84
N TRP A 78 12.14 1.78 3.23
CA TRP A 78 12.02 2.28 4.59
C TRP A 78 11.05 1.45 5.45
N PHE A 79 9.80 1.28 5.00
CA PHE A 79 8.79 0.63 5.82
C PHE A 79 8.93 -0.89 5.89
N ASP A 80 9.51 -1.51 4.86
CA ASP A 80 9.73 -2.95 4.89
C ASP A 80 10.40 -3.41 6.18
N GLY A 81 9.64 -4.11 7.02
CA GLY A 81 10.16 -4.71 8.25
C GLY A 81 9.92 -3.85 9.48
N LYS A 82 9.26 -2.70 9.32
CA LYS A 82 8.91 -1.83 10.45
C LYS A 82 7.60 -2.31 11.08
N GLU A 83 6.99 -1.45 11.90
CA GLU A 83 5.73 -1.76 12.55
C GLU A 83 4.72 -0.64 12.33
N PHE A 84 3.44 -1.01 12.35
CA PHE A 84 2.33 -0.08 12.21
C PHE A 84 1.13 -0.49 13.06
N SER A 85 0.51 0.50 13.74
CA SER A 85 -0.58 0.23 14.66
C SER A 85 -0.18 -0.80 15.72
N GLY A 86 1.13 -0.99 15.90
CA GLY A 86 1.67 -1.92 16.89
C GLY A 86 1.80 -3.33 16.34
N ASN A 87 1.91 -3.46 15.01
CA ASN A 87 1.98 -4.76 14.35
C ASN A 87 3.12 -4.73 13.34
N PRO A 88 3.85 -5.84 13.18
CA PRO A 88 4.92 -5.94 12.22
C PRO A 88 4.33 -5.96 10.80
N ILE A 89 4.95 -5.22 9.88
CA ILE A 89 4.45 -5.13 8.51
C ILE A 89 5.51 -5.54 7.50
N LYS A 90 5.08 -5.68 6.25
CA LYS A 90 5.94 -6.06 5.14
C LYS A 90 5.53 -5.32 3.87
N VAL A 91 6.40 -4.44 3.39
CA VAL A 91 6.14 -3.64 2.19
C VAL A 91 6.94 -4.14 0.99
N SER A 92 6.38 -4.01 -0.22
CA SER A 92 7.07 -4.37 -1.47
C SER A 92 6.35 -3.74 -2.65
N PHE A 93 6.94 -3.85 -3.86
CA PHE A 93 6.28 -3.38 -5.07
C PHE A 93 5.11 -4.26 -5.47
N ALA A 94 3.96 -3.64 -5.72
CA ALA A 94 2.75 -4.34 -6.08
C ALA A 94 2.72 -4.72 -7.56
N THR A 95 1.70 -5.47 -7.95
CA THR A 95 1.42 -5.85 -9.33
C THR A 95 -0.07 -5.65 -9.66
N ARG A 96 -0.59 -6.38 -10.65
CA ARG A 96 -2.01 -6.32 -10.97
C ARG A 96 -2.65 -7.70 -10.84
N ARG A 97 -2.81 -8.19 -9.62
CA ARG A 97 -3.60 -9.41 -9.40
C ARG A 97 -5.06 -9.15 -9.77
N ALA A 98 -5.40 -7.87 -9.99
CA ALA A 98 -6.69 -7.46 -10.51
C ALA A 98 -6.88 -7.99 -11.93
N ASP A 99 -5.80 -8.04 -12.71
CA ASP A 99 -5.88 -8.36 -14.13
C ASP A 99 -6.24 -9.81 -14.43
N PHE A 100 -6.31 -10.66 -13.40
CA PHE A 100 -6.73 -12.04 -13.57
C PHE A 100 -8.23 -12.20 -13.79
N ASN A 101 -9.01 -11.15 -13.47
CA ASN A 101 -10.46 -11.18 -13.60
C ASN A 101 -11.02 -9.90 -14.22
N ARG A 102 -10.21 -8.83 -14.28
CA ARG A 102 -10.62 -7.56 -14.87
C ARG A 102 -9.42 -6.86 -15.50
N GLY A 1 5.64 -3.79 -23.41
CA GLY A 1 5.50 -4.44 -22.09
C GLY A 1 4.99 -3.45 -21.05
N SER A 2 4.95 -3.88 -19.79
CA SER A 2 4.48 -3.05 -18.68
C SER A 2 5.10 -3.54 -17.36
N HIS A 3 5.07 -2.68 -16.34
CA HIS A 3 5.64 -2.96 -15.03
C HIS A 3 7.14 -3.24 -15.10
N MET A 4 7.77 -2.95 -16.25
CA MET A 4 9.19 -3.13 -16.43
C MET A 4 9.96 -2.01 -15.71
N ASP A 5 10.98 -2.38 -14.93
CA ASP A 5 11.79 -1.43 -14.19
C ASP A 5 10.98 -0.45 -13.33
N ASN A 6 9.71 -0.79 -13.06
CA ASN A 6 8.80 0.05 -12.31
C ASN A 6 8.71 1.47 -12.89
N SER A 7 8.99 1.62 -14.19
CA SER A 7 8.89 2.91 -14.87
C SER A 7 7.44 3.35 -15.05
N ASP A 8 6.50 2.47 -14.67
CA ASP A 8 5.07 2.73 -14.74
C ASP A 8 4.36 2.12 -13.53
N ASN A 9 5.10 1.99 -12.42
CA ASN A 9 4.59 1.36 -11.21
C ASN A 9 4.87 2.25 -10.01
N ASN A 10 3.81 2.81 -9.44
CA ASN A 10 3.89 3.68 -8.27
C ASN A 10 3.22 3.03 -7.05
N THR A 11 2.89 1.75 -7.14
CA THR A 11 2.12 1.06 -6.10
C THR A 11 2.98 0.10 -5.31
N ILE A 12 2.68 -0.01 -4.02
CA ILE A 12 3.34 -0.94 -3.12
C ILE A 12 2.28 -1.86 -2.52
N PHE A 13 2.65 -3.11 -2.26
CA PHE A 13 1.80 -4.03 -1.55
C PHE A 13 2.26 -4.05 -0.10
N VAL A 14 1.31 -4.15 0.82
CA VAL A 14 1.61 -4.18 2.25
C VAL A 14 0.94 -5.38 2.93
N GLN A 15 1.64 -5.97 3.90
CA GLN A 15 1.11 -7.08 4.68
C GLN A 15 1.33 -6.82 6.16
N GLY A 16 0.45 -7.35 7.00
CA GLY A 16 0.67 -7.36 8.45
C GLY A 16 0.16 -6.10 9.13
N LEU A 17 -0.62 -5.28 8.41
CA LEU A 17 -1.06 -4.00 8.94
C LEU A 17 -1.79 -4.20 10.28
N GLY A 18 -2.77 -5.10 10.30
CA GLY A 18 -3.55 -5.38 11.51
C GLY A 18 -4.98 -5.75 11.15
N GLU A 19 -5.77 -6.11 12.17
CA GLU A 19 -7.16 -6.52 11.97
C GLU A 19 -8.14 -5.40 12.32
N ASN A 20 -7.62 -4.22 12.71
CA ASN A 20 -8.45 -3.08 13.09
C ASN A 20 -8.05 -1.80 12.35
N VAL A 21 -7.21 -1.94 11.31
CA VAL A 21 -6.62 -0.80 10.63
C VAL A 21 -7.60 -0.07 9.72
N THR A 22 -7.25 1.17 9.33
CA THR A 22 -8.07 2.01 8.45
C THR A 22 -7.22 2.62 7.34
N ILE A 23 -7.89 3.03 6.26
CA ILE A 23 -7.22 3.63 5.12
C ILE A 23 -6.50 4.90 5.52
N GLU A 24 -7.16 5.73 6.33
CA GLU A 24 -6.60 6.99 6.80
C GLU A 24 -5.37 6.75 7.67
N SER A 25 -5.35 5.68 8.48
CA SER A 25 -4.20 5.39 9.33
C SER A 25 -3.03 4.90 8.49
N VAL A 26 -3.29 4.01 7.53
CA VAL A 26 -2.25 3.51 6.65
C VAL A 26 -1.70 4.67 5.84
N ALA A 27 -2.59 5.55 5.37
CA ALA A 27 -2.15 6.69 4.57
C ALA A 27 -1.29 7.62 5.41
N ASP A 28 -1.61 7.76 6.70
CA ASP A 28 -0.86 8.62 7.60
C ASP A 28 0.51 8.01 7.87
N TYR A 29 0.62 6.68 7.78
CA TYR A 29 1.88 6.01 8.04
C TYR A 29 2.80 5.97 6.82
N PHE A 30 2.24 6.02 5.61
CA PHE A 30 3.01 6.02 4.38
C PHE A 30 3.29 7.40 3.78
N LYS A 31 2.44 8.39 4.10
CA LYS A 31 2.57 9.74 3.54
C LYS A 31 3.85 10.42 4.05
N GLN A 32 4.42 9.93 5.15
CA GLN A 32 5.62 10.54 5.72
C GLN A 32 6.85 10.28 4.86
N ILE A 33 6.80 9.26 4.00
CA ILE A 33 7.89 8.98 3.06
C ILE A 33 7.69 9.77 1.77
N GLY A 34 6.46 9.75 1.24
CA GLY A 34 6.14 10.49 0.03
C GLY A 34 4.64 10.63 -0.16
N ILE A 35 4.23 11.48 -1.10
CA ILE A 35 2.83 11.80 -1.33
C ILE A 35 2.10 10.58 -1.91
N ILE A 36 1.07 10.14 -1.20
CA ILE A 36 0.16 9.10 -1.69
C ILE A 36 -0.75 9.69 -2.74
N LYS A 37 -1.00 8.96 -3.83
CA LYS A 37 -1.85 9.46 -4.91
C LYS A 37 -3.30 9.48 -4.44
N THR A 38 -3.98 10.61 -4.63
CA THR A 38 -5.38 10.71 -4.27
C THR A 38 -6.31 10.37 -5.42
N ASN A 39 -7.43 9.71 -5.13
CA ASN A 39 -8.38 9.33 -6.14
C ASN A 39 -9.20 10.54 -6.58
N LYS A 40 -9.37 10.71 -7.89
CA LYS A 40 -10.26 11.74 -8.45
C LYS A 40 -11.71 11.27 -8.41
N LYS A 41 -11.90 9.97 -8.16
CA LYS A 41 -13.21 9.34 -8.23
C LYS A 41 -13.88 9.30 -6.86
N THR A 42 -13.07 9.35 -5.79
CA THR A 42 -13.56 9.15 -4.44
C THR A 42 -13.01 10.16 -3.43
N GLY A 43 -11.89 10.81 -3.75
CA GLY A 43 -11.33 11.87 -2.93
C GLY A 43 -10.49 11.32 -1.77
N GLN A 44 -10.58 10.01 -1.51
CA GLN A 44 -9.74 9.37 -0.49
C GLN A 44 -8.39 9.00 -1.11
N PRO A 45 -7.35 8.81 -0.29
CA PRO A 45 -6.04 8.42 -0.79
C PRO A 45 -6.10 7.00 -1.35
N MET A 46 -5.21 6.68 -2.29
CA MET A 46 -5.17 5.36 -2.92
C MET A 46 -4.68 4.30 -1.95
N ILE A 47 -5.62 3.67 -1.27
CA ILE A 47 -5.36 2.53 -0.41
C ILE A 47 -6.49 1.53 -0.60
N ASN A 48 -6.17 0.24 -0.61
CA ASN A 48 -7.19 -0.79 -0.57
C ASN A 48 -6.89 -1.75 0.57
N LEU A 49 -7.92 -2.05 1.38
CA LEU A 49 -7.80 -3.01 2.47
C LEU A 49 -8.54 -4.27 2.08
N TYR A 50 -7.94 -5.43 2.33
CA TYR A 50 -8.55 -6.70 1.96
C TYR A 50 -9.18 -7.44 3.12
N THR A 51 -10.27 -8.16 2.87
CA THR A 51 -11.04 -8.82 3.91
C THR A 51 -11.38 -10.27 3.57
N ASP A 52 -11.42 -11.12 4.59
CA ASP A 52 -11.75 -12.52 4.41
C ASP A 52 -13.24 -12.61 4.12
N ARG A 53 -13.62 -13.32 3.06
CA ARG A 53 -15.03 -13.48 2.71
C ARG A 53 -15.68 -14.60 3.53
N GLU A 54 -14.88 -15.33 4.30
CA GLU A 54 -15.36 -16.42 5.14
C GLU A 54 -15.57 -16.00 6.58
N THR A 55 -15.03 -14.83 6.98
CA THR A 55 -15.13 -14.33 8.34
C THR A 55 -15.48 -12.85 8.42
N GLY A 56 -15.12 -12.09 7.38
CA GLY A 56 -15.47 -10.67 7.29
C GLY A 56 -14.61 -9.81 8.23
N LYS A 57 -13.54 -10.39 8.78
CA LYS A 57 -12.63 -9.70 9.69
C LYS A 57 -11.76 -8.70 8.92
N LEU A 58 -10.48 -9.02 8.73
CA LEU A 58 -9.56 -8.28 7.88
C LEU A 58 -8.36 -9.18 7.56
N LYS A 59 -7.82 -9.06 6.35
CA LYS A 59 -6.68 -9.88 5.90
C LYS A 59 -5.37 -9.29 6.43
N GLY A 60 -5.39 -8.00 6.79
CA GLY A 60 -4.18 -7.29 7.18
C GLY A 60 -3.33 -6.93 5.96
N GLU A 61 -3.82 -7.25 4.76
CA GLU A 61 -3.13 -6.95 3.52
C GLU A 61 -3.75 -5.75 2.84
N ALA A 62 -2.95 -4.98 2.11
CA ALA A 62 -3.41 -3.76 1.48
C ALA A 62 -2.49 -3.33 0.35
N THR A 63 -2.95 -2.38 -0.46
CA THR A 63 -2.12 -1.71 -1.46
C THR A 63 -2.12 -0.23 -1.12
N VAL A 64 -1.04 0.46 -1.46
CA VAL A 64 -0.94 1.91 -1.37
C VAL A 64 -0.28 2.44 -2.63
N SER A 65 -0.88 3.44 -3.28
CA SER A 65 -0.31 4.00 -4.50
C SER A 65 0.24 5.40 -4.28
N PHE A 66 1.38 5.69 -4.89
CA PHE A 66 2.06 6.96 -4.73
C PHE A 66 1.94 7.89 -5.94
N ASP A 67 2.15 9.19 -5.74
CA ASP A 67 2.08 10.14 -6.83
C ASP A 67 3.31 9.96 -7.74
N ASP A 68 4.45 9.59 -7.15
CA ASP A 68 5.70 9.38 -7.89
C ASP A 68 6.26 8.01 -7.52
N PRO A 69 6.94 7.34 -8.47
CA PRO A 69 7.47 6.00 -8.28
C PRO A 69 8.66 5.91 -7.31
N PRO A 70 9.53 6.93 -7.18
CA PRO A 70 10.68 6.81 -6.31
C PRO A 70 10.24 6.92 -4.85
N SER A 71 9.08 7.52 -4.61
CA SER A 71 8.50 7.58 -3.27
C SER A 71 8.03 6.20 -2.84
N ALA A 72 7.50 5.42 -3.78
CA ALA A 72 7.11 4.05 -3.52
C ALA A 72 8.35 3.18 -3.29
N LYS A 73 9.43 3.47 -4.03
CA LYS A 73 10.68 2.74 -3.90
C LYS A 73 11.27 3.00 -2.51
N ALA A 74 11.23 4.24 -2.05
CA ALA A 74 11.72 4.59 -0.72
C ALA A 74 10.81 4.02 0.35
N ALA A 75 9.50 3.94 0.07
CA ALA A 75 8.54 3.40 1.01
C ALA A 75 8.83 1.93 1.27
N ILE A 76 9.24 1.19 0.24
CA ILE A 76 9.62 -0.20 0.44
C ILE A 76 10.92 -0.27 1.22
N ASP A 77 11.94 0.44 0.75
CA ASP A 77 13.24 0.45 1.39
C ASP A 77 13.21 0.84 2.86
N TRP A 78 12.22 1.65 3.24
CA TRP A 78 12.06 2.13 4.60
C TRP A 78 11.07 1.31 5.42
N PHE A 79 9.82 1.17 4.96
CA PHE A 79 8.78 0.53 5.76
C PHE A 79 8.88 -0.99 5.81
N ASP A 80 9.44 -1.61 4.76
CA ASP A 80 9.59 -3.06 4.75
C ASP A 80 10.33 -3.56 5.99
N GLY A 81 9.60 -4.20 6.89
CA GLY A 81 10.16 -4.81 8.10
C GLY A 81 9.94 -3.95 9.35
N LYS A 82 9.29 -2.79 9.22
CA LYS A 82 8.95 -1.94 10.36
C LYS A 82 7.65 -2.40 10.98
N GLU A 83 7.06 -1.55 11.82
CA GLU A 83 5.79 -1.87 12.48
C GLU A 83 4.78 -0.73 12.28
N PHE A 84 3.50 -1.09 12.31
CA PHE A 84 2.40 -0.16 12.18
C PHE A 84 1.21 -0.55 13.05
N SER A 85 0.60 0.43 13.73
CA SER A 85 -0.47 0.16 14.69
C SER A 85 -0.06 -0.87 15.74
N GLY A 86 1.25 -1.09 15.91
CA GLY A 86 1.78 -2.02 16.88
C GLY A 86 1.93 -3.42 16.31
N ASN A 87 1.99 -3.55 14.98
CA ASN A 87 2.07 -4.84 14.32
C ASN A 87 3.18 -4.82 13.28
N PRO A 88 3.91 -5.93 13.12
CA PRO A 88 4.96 -6.04 12.14
C PRO A 88 4.35 -6.06 10.74
N ILE A 89 4.95 -5.31 9.81
CA ILE A 89 4.44 -5.21 8.44
C ILE A 89 5.52 -5.60 7.44
N LYS A 90 5.10 -5.72 6.17
CA LYS A 90 6.00 -6.08 5.08
C LYS A 90 5.55 -5.35 3.82
N VAL A 91 6.42 -4.50 3.28
CA VAL A 91 6.16 -3.74 2.07
C VAL A 91 6.96 -4.28 0.88
N SER A 92 6.43 -4.14 -0.34
CA SER A 92 7.14 -4.53 -1.55
C SER A 92 6.46 -3.89 -2.77
N PHE A 93 7.08 -4.04 -3.95
CA PHE A 93 6.49 -3.54 -5.18
C PHE A 93 5.28 -4.33 -5.63
N ALA A 94 4.20 -3.62 -5.95
CA ALA A 94 2.98 -4.25 -6.43
C ALA A 94 3.01 -4.41 -7.95
N THR A 95 2.14 -5.26 -8.49
CA THR A 95 1.91 -5.44 -9.92
C THR A 95 0.47 -5.93 -10.03
N ARG A 96 -0.31 -5.33 -10.94
CA ARG A 96 -1.75 -5.54 -10.99
C ARG A 96 -2.13 -7.01 -11.01
N ARG A 97 -2.57 -7.51 -9.86
CA ARG A 97 -3.14 -8.85 -9.76
C ARG A 97 -4.50 -8.87 -10.46
N ALA A 98 -5.08 -7.67 -10.64
CA ALA A 98 -6.33 -7.50 -11.35
C ALA A 98 -6.18 -7.84 -12.83
N ASP A 99 -4.95 -8.10 -13.30
CA ASP A 99 -4.69 -8.37 -14.70
C ASP A 99 -4.56 -9.85 -15.04
N PHE A 100 -4.48 -10.74 -14.04
CA PHE A 100 -4.33 -12.16 -14.29
C PHE A 100 -5.16 -13.08 -13.39
N ASN A 101 -5.62 -12.58 -12.24
CA ASN A 101 -6.42 -13.37 -11.32
C ASN A 101 -7.87 -13.47 -11.81
N ARG A 102 -8.24 -12.64 -12.79
CA ARG A 102 -9.60 -12.59 -13.31
C ARG A 102 -9.92 -13.86 -14.10
N GLY A 1 22.90 7.54 -10.13
CA GLY A 1 22.89 8.97 -10.48
C GLY A 1 21.48 9.42 -10.85
N SER A 2 21.32 10.01 -12.04
CA SER A 2 20.04 10.49 -12.52
C SER A 2 19.17 9.36 -13.04
N HIS A 3 19.64 8.11 -12.89
CA HIS A 3 18.90 6.93 -13.34
C HIS A 3 17.59 6.79 -12.57
N MET A 4 16.63 6.06 -13.16
CA MET A 4 15.33 5.84 -12.55
C MET A 4 14.75 4.52 -13.09
N ASP A 5 13.90 3.87 -12.30
CA ASP A 5 13.28 2.61 -12.68
C ASP A 5 11.87 2.49 -12.09
N ASN A 6 11.16 1.43 -12.47
CA ASN A 6 9.81 1.17 -12.01
C ASN A 6 8.89 2.37 -12.23
N SER A 7 9.15 3.16 -13.28
CA SER A 7 8.35 4.32 -13.61
C SER A 7 6.91 3.91 -13.97
N ASP A 8 6.72 2.63 -14.30
CA ASP A 8 5.42 2.07 -14.63
C ASP A 8 4.74 1.43 -13.42
N ASN A 9 5.31 1.61 -12.22
CA ASN A 9 4.78 0.99 -11.00
C ASN A 9 4.93 1.95 -9.82
N ASN A 10 3.81 2.47 -9.33
CA ASN A 10 3.80 3.44 -8.24
C ASN A 10 3.14 2.85 -6.99
N THR A 11 2.72 1.58 -7.05
CA THR A 11 1.99 0.97 -5.96
C THR A 11 2.89 0.04 -5.17
N ILE A 12 2.69 0.03 -3.85
CA ILE A 12 3.36 -0.89 -2.96
C ILE A 12 2.33 -1.82 -2.34
N PHE A 13 2.73 -3.07 -2.08
CA PHE A 13 1.89 -4.00 -1.38
C PHE A 13 2.34 -4.01 0.07
N VAL A 14 1.39 -4.16 0.99
CA VAL A 14 1.67 -4.16 2.41
C VAL A 14 1.03 -5.37 3.09
N GLN A 15 1.78 -6.02 3.98
CA GLN A 15 1.30 -7.14 4.76
C GLN A 15 1.55 -6.87 6.24
N GLY A 16 0.76 -7.50 7.10
CA GLY A 16 0.97 -7.45 8.55
C GLY A 16 0.38 -6.19 9.15
N LEU A 17 -0.44 -5.50 8.36
CA LEU A 17 -0.96 -4.18 8.68
C LEU A 17 -1.76 -4.21 9.98
N GLY A 18 -2.71 -5.13 10.10
CA GLY A 18 -3.49 -5.30 11.32
C GLY A 18 -4.93 -5.67 11.01
N GLU A 19 -5.65 -6.15 12.02
CA GLU A 19 -7.05 -6.55 11.86
C GLU A 19 -8.00 -5.42 12.27
N ASN A 20 -7.47 -4.24 12.62
CA ASN A 20 -8.26 -3.08 13.01
C ASN A 20 -7.87 -1.84 12.22
N VAL A 21 -7.09 -1.99 11.15
CA VAL A 21 -6.55 -0.86 10.41
C VAL A 21 -7.59 -0.11 9.59
N THR A 22 -7.22 1.09 9.12
CA THR A 22 -8.06 1.94 8.30
C THR A 22 -7.26 2.57 7.16
N ILE A 23 -7.95 3.04 6.12
CA ILE A 23 -7.27 3.66 4.99
C ILE A 23 -6.56 4.92 5.44
N GLU A 24 -7.20 5.70 6.32
CA GLU A 24 -6.64 6.94 6.82
C GLU A 24 -5.40 6.72 7.68
N SER A 25 -5.38 5.66 8.49
CA SER A 25 -4.24 5.39 9.37
C SER A 25 -3.06 4.88 8.54
N VAL A 26 -3.32 3.96 7.60
CA VAL A 26 -2.27 3.46 6.72
C VAL A 26 -1.71 4.63 5.92
N ALA A 27 -2.59 5.50 5.42
CA ALA A 27 -2.15 6.64 4.62
C ALA A 27 -1.31 7.59 5.47
N ASP A 28 -1.65 7.73 6.75
CA ASP A 28 -0.91 8.61 7.66
C ASP A 28 0.48 8.02 7.93
N TYR A 29 0.61 6.70 7.85
CA TYR A 29 1.88 6.05 8.11
C TYR A 29 2.80 6.02 6.89
N PHE A 30 2.22 6.05 5.68
CA PHE A 30 2.97 6.04 4.43
C PHE A 30 3.23 7.43 3.83
N LYS A 31 2.40 8.41 4.16
CA LYS A 31 2.52 9.75 3.59
C LYS A 31 3.78 10.47 4.07
N GLN A 32 4.37 9.99 5.17
CA GLN A 32 5.56 10.62 5.73
C GLN A 32 6.80 10.37 4.87
N ILE A 33 6.75 9.33 4.01
CA ILE A 33 7.84 9.06 3.09
C ILE A 33 7.66 9.84 1.80
N GLY A 34 6.45 9.79 1.23
CA GLY A 34 6.15 10.48 -0.02
C GLY A 34 4.65 10.66 -0.22
N ILE A 35 4.27 11.40 -1.27
CA ILE A 35 2.88 11.71 -1.52
C ILE A 35 2.14 10.48 -2.00
N ILE A 36 1.16 10.03 -1.21
CA ILE A 36 0.26 8.96 -1.60
C ILE A 36 -0.67 9.49 -2.69
N LYS A 37 -0.92 8.68 -3.72
CA LYS A 37 -1.79 9.09 -4.81
C LYS A 37 -3.22 9.17 -4.29
N THR A 38 -3.97 10.17 -4.77
CA THR A 38 -5.35 10.35 -4.36
C THR A 38 -6.32 10.12 -5.51
N ASN A 39 -7.41 9.42 -5.24
CA ASN A 39 -8.40 9.08 -6.24
C ASN A 39 -9.08 10.35 -6.73
N LYS A 40 -9.16 10.52 -8.05
CA LYS A 40 -9.78 11.70 -8.64
C LYS A 40 -11.30 11.57 -8.62
N LYS A 41 -11.81 10.37 -8.29
CA LYS A 41 -13.24 10.08 -8.32
C LYS A 41 -13.83 10.15 -6.92
N THR A 42 -13.00 9.93 -5.89
CA THR A 42 -13.49 9.79 -4.52
C THR A 42 -12.79 10.73 -3.53
N GLY A 43 -11.58 11.17 -3.84
CA GLY A 43 -10.87 12.16 -3.04
C GLY A 43 -10.20 11.55 -1.80
N GLN A 44 -10.44 10.25 -1.54
CA GLN A 44 -9.75 9.57 -0.47
C GLN A 44 -8.41 9.05 -1.00
N PRO A 45 -7.42 8.80 -0.14
CA PRO A 45 -6.11 8.35 -0.58
C PRO A 45 -6.24 6.93 -1.12
N MET A 46 -5.38 6.58 -2.08
CA MET A 46 -5.50 5.32 -2.80
C MET A 46 -4.88 4.17 -2.01
N ILE A 47 -5.69 3.60 -1.12
CA ILE A 47 -5.37 2.43 -0.33
C ILE A 47 -6.49 1.42 -0.55
N ASN A 48 -6.15 0.12 -0.51
CA ASN A 48 -7.19 -0.91 -0.56
C ASN A 48 -6.91 -1.95 0.49
N LEU A 49 -7.78 -2.00 1.51
CA LEU A 49 -7.69 -3.00 2.57
C LEU A 49 -8.32 -4.30 2.07
N TYR A 50 -7.83 -5.43 2.58
CA TYR A 50 -8.37 -6.71 2.19
C TYR A 50 -9.04 -7.47 3.32
N THR A 51 -10.10 -8.21 2.99
CA THR A 51 -10.90 -8.93 3.97
C THR A 51 -11.23 -10.34 3.53
N ASP A 52 -11.31 -11.26 4.50
CA ASP A 52 -11.68 -12.63 4.24
C ASP A 52 -13.15 -12.63 3.83
N ARG A 53 -13.46 -13.19 2.66
CA ARG A 53 -14.83 -13.18 2.17
C ARG A 53 -15.66 -14.23 2.92
N GLU A 54 -14.98 -15.11 3.67
CA GLU A 54 -15.62 -16.21 4.37
C GLU A 54 -15.92 -15.84 5.83
N THR A 55 -15.31 -14.77 6.34
CA THR A 55 -15.47 -14.37 7.74
C THR A 55 -15.71 -12.87 7.91
N GLY A 56 -15.25 -12.07 6.95
CA GLY A 56 -15.54 -10.64 6.91
C GLY A 56 -14.70 -9.86 7.94
N LYS A 57 -13.67 -10.49 8.50
CA LYS A 57 -12.77 -9.85 9.47
C LYS A 57 -11.86 -8.84 8.79
N LEU A 58 -10.56 -9.14 8.71
CA LEU A 58 -9.58 -8.38 7.92
C LEU A 58 -8.37 -9.29 7.65
N LYS A 59 -7.79 -9.17 6.45
CA LYS A 59 -6.63 -9.98 6.05
C LYS A 59 -5.34 -9.46 6.65
N GLY A 60 -5.34 -8.19 7.07
CA GLY A 60 -4.13 -7.54 7.55
C GLY A 60 -3.24 -7.14 6.37
N GLU A 61 -3.83 -7.00 5.18
CA GLU A 61 -3.10 -6.66 3.97
C GLU A 61 -3.76 -5.49 3.26
N ALA A 62 -2.95 -4.64 2.62
CA ALA A 62 -3.47 -3.55 1.82
C ALA A 62 -2.48 -3.12 0.74
N THR A 63 -2.97 -2.45 -0.29
CA THR A 63 -2.11 -1.80 -1.29
C THR A 63 -2.14 -0.30 -0.99
N VAL A 64 -1.10 0.41 -1.42
CA VAL A 64 -1.03 1.86 -1.36
C VAL A 64 -0.42 2.42 -2.64
N SER A 65 -1.14 3.29 -3.35
CA SER A 65 -0.61 3.90 -4.56
C SER A 65 0.10 5.21 -4.25
N PHE A 66 1.18 5.51 -4.98
CA PHE A 66 1.93 6.73 -4.81
C PHE A 66 1.85 7.67 -6.02
N ASP A 67 1.96 8.97 -5.80
CA ASP A 67 1.84 9.94 -6.87
C ASP A 67 3.06 9.82 -7.79
N ASP A 68 4.20 9.41 -7.23
CA ASP A 68 5.45 9.28 -7.97
C ASP A 68 6.07 7.91 -7.63
N PRO A 69 6.80 7.30 -8.57
CA PRO A 69 7.38 5.98 -8.40
C PRO A 69 8.56 5.93 -7.39
N PRO A 70 9.40 6.97 -7.26
CA PRO A 70 10.54 6.90 -6.36
C PRO A 70 10.07 6.97 -4.91
N SER A 71 8.87 7.52 -4.69
CA SER A 71 8.28 7.57 -3.36
C SER A 71 7.84 6.18 -2.93
N ALA A 72 7.33 5.37 -3.88
CA ALA A 72 6.99 3.99 -3.60
C ALA A 72 8.26 3.18 -3.34
N LYS A 73 9.32 3.48 -4.09
CA LYS A 73 10.59 2.79 -3.95
C LYS A 73 11.18 3.08 -2.57
N ALA A 74 11.10 4.34 -2.13
CA ALA A 74 11.60 4.73 -0.81
C ALA A 74 10.70 4.14 0.29
N ALA A 75 9.39 4.04 0.03
CA ALA A 75 8.47 3.50 1.01
C ALA A 75 8.80 2.03 1.27
N ILE A 76 9.20 1.29 0.25
CA ILE A 76 9.62 -0.09 0.44
C ILE A 76 10.94 -0.11 1.21
N ASP A 77 11.94 0.60 0.70
CA ASP A 77 13.25 0.65 1.32
C ASP A 77 13.22 1.05 2.79
N TRP A 78 12.23 1.84 3.19
CA TRP A 78 12.09 2.33 4.54
C TRP A 78 11.14 1.50 5.39
N PHE A 79 9.90 1.32 4.95
CA PHE A 79 8.88 0.66 5.76
C PHE A 79 9.03 -0.85 5.83
N ASP A 80 9.59 -1.46 4.80
CA ASP A 80 9.83 -2.91 4.81
C ASP A 80 10.58 -3.34 6.07
N GLY A 81 9.87 -4.04 6.97
CA GLY A 81 10.45 -4.61 8.16
C GLY A 81 10.15 -3.78 9.42
N LYS A 82 9.45 -2.65 9.26
CA LYS A 82 9.07 -1.82 10.41
C LYS A 82 7.76 -2.31 11.02
N GLU A 83 7.15 -1.48 11.86
CA GLU A 83 5.88 -1.81 12.49
C GLU A 83 4.86 -0.68 12.28
N PHE A 84 3.59 -1.06 12.33
CA PHE A 84 2.47 -0.15 12.19
C PHE A 84 1.28 -0.56 13.06
N SER A 85 0.67 0.41 13.75
CA SER A 85 -0.42 0.13 14.67
C SER A 85 -0.02 -0.91 15.73
N GLY A 86 1.29 -1.11 15.90
CA GLY A 86 1.82 -2.04 16.88
C GLY A 86 1.97 -3.45 16.33
N ASN A 87 2.10 -3.58 15.00
CA ASN A 87 2.21 -4.86 14.33
C ASN A 87 3.34 -4.80 13.32
N PRO A 88 4.11 -5.88 13.16
CA PRO A 88 5.17 -5.97 12.18
C PRO A 88 4.57 -6.02 10.79
N ILE A 89 5.15 -5.25 9.85
CA ILE A 89 4.63 -5.18 8.49
C ILE A 89 5.70 -5.54 7.48
N LYS A 90 5.29 -5.72 6.22
CA LYS A 90 6.16 -6.08 5.12
C LYS A 90 5.72 -5.37 3.85
N VAL A 91 6.55 -4.44 3.37
CA VAL A 91 6.27 -3.68 2.16
C VAL A 91 7.07 -4.20 0.96
N SER A 92 6.50 -4.10 -0.24
CA SER A 92 7.19 -4.51 -1.46
C SER A 92 6.51 -3.90 -2.68
N PHE A 93 7.10 -4.07 -3.86
CA PHE A 93 6.51 -3.60 -5.11
C PHE A 93 5.27 -4.38 -5.53
N ALA A 94 4.18 -3.67 -5.80
CA ALA A 94 2.93 -4.28 -6.19
C ALA A 94 2.83 -4.49 -7.70
N THR A 95 1.71 -5.06 -8.14
CA THR A 95 1.37 -5.22 -9.55
C THR A 95 -0.16 -5.13 -9.67
N ARG A 96 -0.76 -5.74 -10.70
CA ARG A 96 -2.22 -5.81 -10.80
C ARG A 96 -2.69 -7.26 -10.92
N ARG A 97 -3.00 -7.90 -9.78
CA ARG A 97 -3.59 -9.23 -9.78
C ARG A 97 -4.97 -9.19 -10.46
N ALA A 98 -5.52 -7.99 -10.65
CA ALA A 98 -6.78 -7.80 -11.33
C ALA A 98 -6.70 -8.28 -12.78
N ASP A 99 -5.50 -8.61 -13.27
CA ASP A 99 -5.30 -9.04 -14.63
C ASP A 99 -5.17 -10.56 -14.80
N PHE A 100 -4.98 -11.31 -13.70
CA PHE A 100 -4.79 -12.74 -13.78
C PHE A 100 -5.46 -13.60 -12.70
N ASN A 101 -5.69 -13.04 -11.52
CA ASN A 101 -6.35 -13.78 -10.44
C ASN A 101 -7.86 -13.85 -10.63
N ARG A 102 -8.39 -13.15 -11.64
CA ARG A 102 -9.83 -13.11 -11.91
C ARG A 102 -10.31 -14.47 -12.41
N GLY A 1 16.91 5.83 -4.70
CA GLY A 1 16.78 5.29 -6.08
C GLY A 1 15.74 6.07 -6.86
N SER A 2 16.10 6.51 -8.07
CA SER A 2 15.21 7.29 -8.93
C SER A 2 15.48 6.95 -10.39
N HIS A 3 14.51 7.27 -11.27
CA HIS A 3 14.59 6.99 -12.70
C HIS A 3 14.83 5.51 -12.97
N MET A 4 14.48 4.64 -12.02
CA MET A 4 14.63 3.21 -12.16
C MET A 4 13.62 2.65 -13.16
N ASP A 5 13.79 1.37 -13.53
CA ASP A 5 12.88 0.71 -14.46
C ASP A 5 11.47 0.52 -13.88
N ASN A 6 11.31 0.73 -12.57
CA ASN A 6 10.02 0.69 -11.92
C ASN A 6 9.27 2.02 -12.07
N SER A 7 9.67 2.85 -13.04
CA SER A 7 9.02 4.13 -13.26
C SER A 7 7.54 3.94 -13.64
N ASP A 8 7.19 2.76 -14.16
CA ASP A 8 5.81 2.42 -14.51
C ASP A 8 5.04 1.83 -13.33
N ASN A 9 5.67 1.79 -12.14
CA ASN A 9 5.07 1.17 -10.98
C ASN A 9 5.20 2.09 -9.77
N ASN A 10 4.06 2.64 -9.33
CA ASN A 10 4.01 3.56 -8.20
C ASN A 10 3.28 2.96 -7.00
N THR A 11 2.91 1.68 -7.07
CA THR A 11 2.11 1.05 -6.03
C THR A 11 2.94 0.04 -5.25
N ILE A 12 2.70 0.01 -3.94
CA ILE A 12 3.37 -0.93 -3.05
C ILE A 12 2.31 -1.82 -2.41
N PHE A 13 2.68 -3.05 -2.10
CA PHE A 13 1.84 -3.96 -1.36
C PHE A 13 2.29 -3.92 0.09
N VAL A 14 1.34 -4.08 1.01
CA VAL A 14 1.64 -4.12 2.43
C VAL A 14 0.96 -5.29 3.12
N GLN A 15 1.66 -5.91 4.06
CA GLN A 15 1.12 -7.01 4.86
C GLN A 15 1.37 -6.72 6.33
N GLY A 16 0.49 -7.23 7.20
CA GLY A 16 0.72 -7.23 8.62
C GLY A 16 0.21 -5.96 9.30
N LEU A 17 -0.57 -5.14 8.58
CA LEU A 17 -1.02 -3.85 9.10
C LEU A 17 -1.74 -4.03 10.43
N GLY A 18 -2.73 -4.92 10.48
CA GLY A 18 -3.50 -5.20 11.67
C GLY A 18 -4.93 -5.60 11.31
N GLU A 19 -5.73 -5.95 12.31
CA GLU A 19 -7.10 -6.43 12.10
C GLU A 19 -8.13 -5.32 12.39
N ASN A 20 -7.67 -4.13 12.80
CA ASN A 20 -8.55 -3.01 13.13
C ASN A 20 -8.14 -1.72 12.40
N VAL A 21 -7.23 -1.84 11.43
CA VAL A 21 -6.63 -0.68 10.78
C VAL A 21 -7.60 0.03 9.82
N THR A 22 -7.25 1.27 9.45
CA THR A 22 -8.04 2.10 8.55
C THR A 22 -7.20 2.68 7.43
N ILE A 23 -7.87 3.07 6.34
CA ILE A 23 -7.21 3.64 5.18
C ILE A 23 -6.48 4.93 5.58
N GLU A 24 -7.14 5.78 6.36
CA GLU A 24 -6.58 7.04 6.80
C GLU A 24 -5.33 6.83 7.66
N SER A 25 -5.32 5.78 8.48
CA SER A 25 -4.17 5.50 9.35
C SER A 25 -3.00 5.00 8.50
N VAL A 26 -3.26 4.10 7.57
CA VAL A 26 -2.24 3.59 6.68
C VAL A 26 -1.69 4.74 5.85
N ALA A 27 -2.56 5.63 5.38
CA ALA A 27 -2.14 6.75 4.57
C ALA A 27 -1.26 7.68 5.39
N ASP A 28 -1.57 7.83 6.68
CA ASP A 28 -0.83 8.70 7.57
C ASP A 28 0.55 8.10 7.84
N TYR A 29 0.67 6.77 7.77
CA TYR A 29 1.94 6.10 8.03
C TYR A 29 2.85 6.03 6.81
N PHE A 30 2.27 6.06 5.60
CA PHE A 30 3.04 6.03 4.37
C PHE A 30 3.32 7.40 3.74
N LYS A 31 2.48 8.40 4.06
CA LYS A 31 2.61 9.73 3.46
C LYS A 31 3.88 10.42 3.92
N GLN A 32 4.48 9.96 5.03
CA GLN A 32 5.68 10.58 5.57
C GLN A 32 6.90 10.29 4.71
N ILE A 33 6.85 9.24 3.88
CA ILE A 33 7.93 8.94 2.94
C ILE A 33 7.73 9.70 1.63
N GLY A 34 6.50 9.67 1.11
CA GLY A 34 6.16 10.38 -0.12
C GLY A 34 4.66 10.55 -0.28
N ILE A 35 4.26 11.40 -1.22
CA ILE A 35 2.86 11.72 -1.43
C ILE A 35 2.11 10.52 -1.98
N ILE A 36 1.08 10.09 -1.26
CA ILE A 36 0.18 9.04 -1.71
C ILE A 36 -0.74 9.62 -2.79
N LYS A 37 -0.98 8.85 -3.87
CA LYS A 37 -1.80 9.31 -4.97
C LYS A 37 -3.27 9.29 -4.54
N THR A 38 -3.98 10.39 -4.80
CA THR A 38 -5.38 10.50 -4.44
C THR A 38 -6.33 10.13 -5.57
N ASN A 39 -7.43 9.43 -5.23
CA ASN A 39 -8.44 9.08 -6.20
C ASN A 39 -9.19 10.34 -6.61
N LYS A 40 -9.40 10.52 -7.92
CA LYS A 40 -10.13 11.67 -8.44
C LYS A 40 -11.62 11.36 -8.52
N LYS A 41 -12.00 10.11 -8.24
CA LYS A 41 -13.39 9.65 -8.37
C LYS A 41 -14.02 9.50 -7.00
N THR A 42 -13.19 9.41 -5.95
CA THR A 42 -13.65 9.14 -4.59
C THR A 42 -13.10 10.12 -3.57
N GLY A 43 -11.94 10.72 -3.86
CA GLY A 43 -11.34 11.76 -3.01
C GLY A 43 -10.53 11.18 -1.86
N GLN A 44 -10.64 9.87 -1.61
CA GLN A 44 -9.84 9.22 -0.58
C GLN A 44 -8.47 8.87 -1.18
N PRO A 45 -7.44 8.70 -0.34
CA PRO A 45 -6.11 8.34 -0.81
C PRO A 45 -6.13 6.90 -1.35
N MET A 46 -5.19 6.58 -2.24
CA MET A 46 -5.12 5.25 -2.83
C MET A 46 -4.62 4.23 -1.82
N ILE A 47 -5.57 3.59 -1.15
CA ILE A 47 -5.32 2.45 -0.29
C ILE A 47 -6.45 1.46 -0.49
N ASN A 48 -6.11 0.17 -0.56
CA ASN A 48 -7.13 -0.87 -0.67
C ASN A 48 -6.87 -1.95 0.36
N LEU A 49 -7.68 -1.96 1.41
CA LEU A 49 -7.62 -2.95 2.48
C LEU A 49 -8.21 -4.26 1.97
N TYR A 50 -7.76 -5.38 2.55
CA TYR A 50 -8.29 -6.69 2.23
C TYR A 50 -9.01 -7.40 3.36
N THR A 51 -10.03 -8.20 2.99
CA THR A 51 -10.89 -8.89 3.94
C THR A 51 -11.16 -10.33 3.53
N ASP A 52 -11.31 -11.22 4.52
CA ASP A 52 -11.60 -12.62 4.26
C ASP A 52 -13.06 -12.70 3.82
N ARG A 53 -13.33 -13.40 2.72
CA ARG A 53 -14.69 -13.54 2.20
C ARG A 53 -15.42 -14.70 2.89
N GLU A 54 -14.71 -15.48 3.71
CA GLU A 54 -15.30 -16.63 4.41
C GLU A 54 -15.55 -16.32 5.88
N THR A 55 -14.97 -15.22 6.39
CA THR A 55 -15.13 -14.83 7.80
C THR A 55 -15.38 -13.34 7.97
N GLY A 56 -15.05 -12.54 6.95
CA GLY A 56 -15.34 -11.11 6.95
C GLY A 56 -14.35 -10.32 7.81
N LYS A 57 -13.34 -10.99 8.36
CA LYS A 57 -12.31 -10.32 9.16
C LYS A 57 -11.22 -9.80 8.22
N LEU A 58 -10.50 -8.75 8.66
CA LEU A 58 -9.48 -8.12 7.83
C LEU A 58 -8.27 -9.04 7.70
N LYS A 59 -7.70 -9.10 6.50
CA LYS A 59 -6.52 -9.92 6.21
C LYS A 59 -5.26 -9.24 6.74
N GLY A 60 -5.33 -7.95 7.04
CA GLY A 60 -4.17 -7.16 7.43
C GLY A 60 -3.33 -6.79 6.22
N GLU A 61 -3.81 -7.09 5.02
CA GLU A 61 -3.12 -6.77 3.79
C GLU A 61 -3.76 -5.56 3.13
N ALA A 62 -2.98 -4.81 2.35
CA ALA A 62 -3.47 -3.65 1.64
C ALA A 62 -2.48 -3.21 0.55
N THR A 63 -2.97 -2.43 -0.42
CA THR A 63 -2.08 -1.77 -1.36
C THR A 63 -2.10 -0.28 -1.03
N VAL A 64 -1.03 0.41 -1.40
CA VAL A 64 -0.95 1.87 -1.32
C VAL A 64 -0.29 2.41 -2.59
N SER A 65 -0.91 3.37 -3.26
CA SER A 65 -0.34 3.92 -4.49
C SER A 65 0.28 5.29 -4.24
N PHE A 66 1.35 5.59 -4.97
CA PHE A 66 2.08 6.83 -4.82
C PHE A 66 1.96 7.76 -6.04
N ASP A 67 2.21 9.06 -5.84
CA ASP A 67 2.14 10.02 -6.93
C ASP A 67 3.41 9.92 -7.78
N ASP A 68 4.46 9.29 -7.25
CA ASP A 68 5.73 9.13 -7.95
C ASP A 68 6.31 7.76 -7.59
N PRO A 69 7.03 7.12 -8.53
CA PRO A 69 7.59 5.79 -8.35
C PRO A 69 8.77 5.72 -7.36
N PRO A 70 9.61 6.76 -7.22
CA PRO A 70 10.76 6.69 -6.33
C PRO A 70 10.31 6.77 -4.88
N SER A 71 9.13 7.34 -4.64
CA SER A 71 8.55 7.39 -3.31
C SER A 71 8.07 6.01 -2.89
N ALA A 72 7.55 5.22 -3.86
CA ALA A 72 7.16 3.86 -3.61
C ALA A 72 8.38 2.99 -3.33
N LYS A 73 9.47 3.23 -4.08
CA LYS A 73 10.70 2.49 -3.89
C LYS A 73 11.28 2.80 -2.51
N ALA A 74 11.24 4.07 -2.10
CA ALA A 74 11.72 4.47 -0.79
C ALA A 74 10.82 3.92 0.31
N ALA A 75 9.51 3.82 0.03
CA ALA A 75 8.56 3.31 1.00
C ALA A 75 8.84 1.84 1.28
N ILE A 76 9.25 1.08 0.27
CA ILE A 76 9.64 -0.31 0.48
C ILE A 76 10.94 -0.37 1.24
N ASP A 77 11.95 0.36 0.76
CA ASP A 77 13.26 0.40 1.38
C ASP A 77 13.22 0.79 2.86
N TRP A 78 12.22 1.60 3.23
CA TRP A 78 12.09 2.11 4.59
C TRP A 78 11.08 1.30 5.43
N PHE A 79 9.84 1.18 4.98
CA PHE A 79 8.79 0.57 5.79
C PHE A 79 8.87 -0.95 5.89
N ASP A 80 9.38 -1.61 4.85
CA ASP A 80 9.48 -3.06 4.87
C ASP A 80 10.27 -3.54 6.09
N GLY A 81 9.58 -4.16 7.03
CA GLY A 81 10.19 -4.73 8.23
C GLY A 81 9.97 -3.87 9.47
N LYS A 82 9.33 -2.70 9.31
CA LYS A 82 9.00 -1.84 10.45
C LYS A 82 7.70 -2.29 11.09
N GLU A 83 7.10 -1.42 11.90
CA GLU A 83 5.83 -1.72 12.57
C GLU A 83 4.82 -0.59 12.35
N PHE A 84 3.54 -0.95 12.40
CA PHE A 84 2.43 -0.02 12.26
C PHE A 84 1.24 -0.42 13.12
N SER A 85 0.62 0.55 13.80
CA SER A 85 -0.47 0.28 14.74
C SER A 85 -0.03 -0.72 15.81
N GLY A 86 1.29 -0.90 15.96
CA GLY A 86 1.84 -1.82 16.96
C GLY A 86 1.98 -3.24 16.41
N ASN A 87 2.05 -3.39 15.08
CA ASN A 87 2.11 -4.68 14.43
C ASN A 87 3.22 -4.68 13.39
N PRO A 88 3.96 -5.79 13.24
CA PRO A 88 5.02 -5.91 12.26
C PRO A 88 4.41 -5.94 10.86
N ILE A 89 5.00 -5.19 9.93
CA ILE A 89 4.49 -5.11 8.57
C ILE A 89 5.55 -5.53 7.55
N LYS A 90 5.12 -5.68 6.30
CA LYS A 90 6.01 -6.10 5.21
C LYS A 90 5.57 -5.40 3.91
N VAL A 91 6.43 -4.51 3.40
CA VAL A 91 6.15 -3.78 2.16
C VAL A 91 6.93 -4.32 0.97
N SER A 92 6.38 -4.19 -0.24
CA SER A 92 7.03 -4.63 -1.47
C SER A 92 6.36 -3.97 -2.68
N PHE A 93 6.88 -4.20 -3.88
CA PHE A 93 6.27 -3.69 -5.10
C PHE A 93 5.02 -4.45 -5.52
N ALA A 94 3.97 -3.68 -5.87
CA ALA A 94 2.69 -4.25 -6.30
C ALA A 94 2.56 -4.25 -7.83
N THR A 95 1.43 -4.80 -8.30
CA THR A 95 1.04 -4.88 -9.70
C THR A 95 -0.45 -4.56 -9.84
N ARG A 96 -1.10 -4.98 -10.93
CA ARG A 96 -2.52 -4.73 -11.14
C ARG A 96 -3.30 -6.02 -11.29
N ARG A 97 -3.57 -6.73 -10.19
CA ARG A 97 -4.50 -7.85 -10.22
C ARG A 97 -5.87 -7.34 -10.66
N ALA A 98 -6.10 -6.03 -10.53
CA ALA A 98 -7.31 -5.38 -10.97
C ALA A 98 -7.54 -5.57 -12.47
N ASP A 99 -6.52 -6.06 -13.19
CA ASP A 99 -6.59 -6.23 -14.63
C ASP A 99 -6.90 -7.66 -15.06
N PHE A 100 -6.82 -8.63 -14.15
CA PHE A 100 -7.05 -10.02 -14.49
C PHE A 100 -7.85 -10.86 -13.50
N ASN A 101 -7.92 -10.41 -12.24
CA ASN A 101 -8.69 -11.10 -11.21
C ASN A 101 -10.18 -10.76 -11.31
N ARG A 102 -10.55 -9.83 -12.20
CA ARG A 102 -11.93 -9.43 -12.39
C ARG A 102 -12.73 -10.53 -13.07
N GLY A 1 21.35 11.70 -13.80
CA GLY A 1 20.52 10.74 -13.06
C GLY A 1 19.16 10.56 -13.71
N SER A 2 18.53 9.41 -13.48
CA SER A 2 17.22 9.10 -14.03
C SER A 2 16.51 8.07 -13.15
N HIS A 3 15.18 7.98 -13.26
CA HIS A 3 14.38 7.05 -12.48
C HIS A 3 14.67 5.61 -12.88
N MET A 4 14.38 4.67 -11.97
CA MET A 4 14.57 3.25 -12.24
C MET A 4 13.52 2.73 -13.21
N ASP A 5 13.67 1.48 -13.64
CA ASP A 5 12.72 0.85 -14.56
C ASP A 5 11.32 0.66 -13.94
N ASN A 6 11.21 0.86 -12.63
CA ASN A 6 9.93 0.80 -11.93
C ASN A 6 9.17 2.11 -12.06
N SER A 7 9.59 2.98 -12.98
CA SER A 7 8.92 4.26 -13.20
C SER A 7 7.47 4.04 -13.66
N ASP A 8 7.15 2.82 -14.12
CA ASP A 8 5.81 2.45 -14.54
C ASP A 8 4.98 1.88 -13.39
N ASN A 9 5.51 1.91 -12.16
CA ASN A 9 4.84 1.34 -11.01
C ASN A 9 5.08 2.21 -9.79
N ASN A 10 4.01 2.83 -9.28
CA ASN A 10 4.06 3.71 -8.13
C ASN A 10 3.32 3.12 -6.93
N THR A 11 2.96 1.83 -7.00
CA THR A 11 2.18 1.18 -5.95
C THR A 11 3.01 0.18 -5.18
N ILE A 12 2.72 0.07 -3.88
CA ILE A 12 3.37 -0.88 -3.00
C ILE A 12 2.31 -1.77 -2.37
N PHE A 13 2.68 -3.02 -2.11
CA PHE A 13 1.82 -3.94 -1.38
C PHE A 13 2.28 -3.97 0.06
N VAL A 14 1.32 -4.08 0.99
CA VAL A 14 1.61 -4.09 2.41
C VAL A 14 0.94 -5.28 3.08
N GLN A 15 1.70 -6.01 3.90
CA GLN A 15 1.18 -7.12 4.68
C GLN A 15 1.41 -6.84 6.16
N GLY A 16 0.60 -7.45 7.02
CA GLY A 16 0.81 -7.41 8.47
C GLY A 16 0.23 -6.13 9.06
N LEU A 17 -0.57 -5.42 8.27
CA LEU A 17 -1.05 -4.09 8.59
C LEU A 17 -1.86 -4.11 9.89
N GLY A 18 -2.84 -5.01 9.99
CA GLY A 18 -3.63 -5.18 11.19
C GLY A 18 -5.08 -5.53 10.86
N GLU A 19 -5.81 -6.01 11.87
CA GLU A 19 -7.21 -6.41 11.70
C GLU A 19 -8.17 -5.27 12.05
N ASN A 20 -7.62 -4.12 12.46
CA ASN A 20 -8.43 -2.96 12.83
C ASN A 20 -7.97 -1.68 12.12
N VAL A 21 -7.13 -1.81 11.08
CA VAL A 21 -6.54 -0.66 10.40
C VAL A 21 -7.56 0.16 9.62
N THR A 22 -7.18 1.40 9.28
CA THR A 22 -7.99 2.29 8.46
C THR A 22 -7.17 2.89 7.33
N ILE A 23 -7.86 3.33 6.28
CA ILE A 23 -7.20 3.91 5.11
C ILE A 23 -6.40 5.14 5.51
N GLU A 24 -6.98 5.99 6.37
CA GLU A 24 -6.35 7.21 6.80
C GLU A 24 -5.17 6.95 7.73
N SER A 25 -5.19 5.86 8.51
CA SER A 25 -4.07 5.55 9.37
C SER A 25 -2.89 5.04 8.55
N VAL A 26 -3.17 4.14 7.60
CA VAL A 26 -2.15 3.63 6.70
C VAL A 26 -1.61 4.79 5.87
N ALA A 27 -2.49 5.69 5.42
CA ALA A 27 -2.07 6.83 4.63
C ALA A 27 -1.16 7.74 5.46
N ASP A 28 -1.46 7.88 6.75
CA ASP A 28 -0.69 8.74 7.63
C ASP A 28 0.69 8.11 7.88
N TYR A 29 0.78 6.78 7.80
CA TYR A 29 2.03 6.09 8.04
C TYR A 29 2.94 6.04 6.82
N PHE A 30 2.36 6.10 5.62
CA PHE A 30 3.12 6.08 4.38
C PHE A 30 3.39 7.45 3.77
N LYS A 31 2.55 8.45 4.08
CA LYS A 31 2.68 9.78 3.50
C LYS A 31 3.95 10.48 3.98
N GLN A 32 4.54 10.00 5.08
CA GLN A 32 5.75 10.62 5.63
C GLN A 32 6.97 10.34 4.75
N ILE A 33 6.89 9.31 3.90
CA ILE A 33 7.97 9.02 2.96
C ILE A 33 7.75 9.80 1.66
N GLY A 34 6.53 9.80 1.15
CA GLY A 34 6.19 10.52 -0.06
C GLY A 34 4.69 10.68 -0.22
N ILE A 35 4.27 11.54 -1.16
CA ILE A 35 2.86 11.85 -1.36
C ILE A 35 2.11 10.63 -1.91
N ILE A 36 1.07 10.22 -1.20
CA ILE A 36 0.17 9.17 -1.65
C ILE A 36 -0.77 9.74 -2.71
N LYS A 37 -1.01 9.00 -3.79
CA LYS A 37 -1.87 9.46 -4.86
C LYS A 37 -3.31 9.43 -4.41
N THR A 38 -4.10 10.42 -4.82
CA THR A 38 -5.51 10.49 -4.46
C THR A 38 -6.44 9.97 -5.55
N ASN A 39 -7.51 9.29 -5.15
CA ASN A 39 -8.54 8.84 -6.06
C ASN A 39 -9.27 10.05 -6.63
N LYS A 40 -9.67 9.97 -7.90
CA LYS A 40 -10.33 11.09 -8.56
C LYS A 40 -11.84 11.09 -8.28
N LYS A 41 -12.37 9.93 -7.87
CA LYS A 41 -13.82 9.77 -7.68
C LYS A 41 -14.19 9.65 -6.21
N THR A 42 -13.42 8.88 -5.44
CA THR A 42 -13.71 8.65 -4.03
C THR A 42 -13.08 9.73 -3.14
N GLY A 43 -12.04 10.40 -3.65
CA GLY A 43 -11.42 11.53 -2.99
C GLY A 43 -10.54 11.10 -1.81
N GLN A 44 -10.61 9.81 -1.42
CA GLN A 44 -9.74 9.26 -0.40
C GLN A 44 -8.37 8.95 -1.01
N PRO A 45 -7.32 8.83 -0.19
CA PRO A 45 -6.01 8.47 -0.69
C PRO A 45 -6.04 7.03 -1.22
N MET A 46 -5.15 6.69 -2.15
CA MET A 46 -5.12 5.37 -2.77
C MET A 46 -4.61 4.32 -1.79
N ILE A 47 -5.54 3.80 -0.99
CA ILE A 47 -5.29 2.66 -0.12
C ILE A 47 -6.41 1.65 -0.37
N ASN A 48 -6.07 0.37 -0.47
CA ASN A 48 -7.11 -0.65 -0.63
C ASN A 48 -6.88 -1.76 0.37
N LEU A 49 -7.74 -1.81 1.39
CA LEU A 49 -7.72 -2.85 2.41
C LEU A 49 -8.37 -4.10 1.85
N TYR A 50 -7.96 -5.27 2.35
CA TYR A 50 -8.58 -6.53 1.94
C TYR A 50 -9.29 -7.25 3.07
N THR A 51 -10.32 -8.03 2.72
CA THR A 51 -11.18 -8.70 3.69
C THR A 51 -11.50 -10.13 3.31
N ASP A 52 -11.56 -11.03 4.31
CA ASP A 52 -11.86 -12.43 4.08
C ASP A 52 -13.33 -12.52 3.70
N ARG A 53 -13.64 -13.25 2.62
CA ARG A 53 -15.01 -13.39 2.15
C ARG A 53 -15.70 -14.56 2.86
N GLU A 54 -14.96 -15.32 3.66
CA GLU A 54 -15.49 -16.48 4.38
C GLU A 54 -15.70 -16.17 5.87
N THR A 55 -15.12 -15.07 6.35
CA THR A 55 -15.23 -14.65 7.76
C THR A 55 -15.54 -13.17 7.93
N GLY A 56 -15.27 -12.38 6.89
CA GLY A 56 -15.61 -10.96 6.88
C GLY A 56 -14.61 -10.12 7.67
N LYS A 57 -13.56 -10.75 8.22
CA LYS A 57 -12.51 -10.05 8.96
C LYS A 57 -11.42 -9.60 8.00
N LEU A 58 -10.67 -8.58 8.39
CA LEU A 58 -9.65 -8.00 7.52
C LEU A 58 -8.48 -8.97 7.35
N LYS A 59 -7.90 -8.99 6.14
CA LYS A 59 -6.79 -9.85 5.80
C LYS A 59 -5.49 -9.36 6.43
N GLY A 60 -5.48 -8.12 6.90
CA GLY A 60 -4.28 -7.49 7.42
C GLY A 60 -3.37 -7.06 6.27
N GLU A 61 -3.95 -6.91 5.08
CA GLU A 61 -3.21 -6.56 3.87
C GLU A 61 -3.87 -5.39 3.16
N ALA A 62 -3.06 -4.52 2.56
CA ALA A 62 -3.56 -3.41 1.75
C ALA A 62 -2.52 -2.95 0.75
N THR A 63 -2.95 -2.26 -0.30
CA THR A 63 -2.03 -1.59 -1.20
C THR A 63 -2.04 -0.12 -0.84
N VAL A 64 -0.95 0.57 -1.19
CA VAL A 64 -0.84 2.02 -1.12
C VAL A 64 -0.19 2.53 -2.41
N SER A 65 -0.81 3.51 -3.07
CA SER A 65 -0.26 4.04 -4.32
C SER A 65 0.29 5.44 -4.14
N PHE A 66 1.43 5.72 -4.79
CA PHE A 66 2.11 7.00 -4.66
C PHE A 66 1.96 7.89 -5.89
N ASP A 67 2.16 9.20 -5.71
CA ASP A 67 2.06 10.15 -6.80
C ASP A 67 3.30 10.01 -7.71
N ASP A 68 4.38 9.44 -7.18
CA ASP A 68 5.63 9.26 -7.92
C ASP A 68 6.23 7.89 -7.58
N PRO A 69 6.94 7.26 -8.53
CA PRO A 69 7.51 5.93 -8.36
C PRO A 69 8.69 5.87 -7.37
N PRO A 70 9.55 6.90 -7.23
CA PRO A 70 10.71 6.80 -6.37
C PRO A 70 10.27 6.89 -4.90
N SER A 71 9.10 7.47 -4.65
CA SER A 71 8.54 7.54 -3.32
C SER A 71 8.06 6.16 -2.89
N ALA A 72 7.52 5.38 -3.82
CA ALA A 72 7.12 4.01 -3.55
C ALA A 72 8.34 3.13 -3.32
N LYS A 73 9.42 3.39 -4.09
CA LYS A 73 10.66 2.64 -3.95
C LYS A 73 11.28 2.93 -2.58
N ALA A 74 11.24 4.19 -2.14
CA ALA A 74 11.76 4.56 -0.84
C ALA A 74 10.87 4.01 0.27
N ALA A 75 9.55 3.94 0.02
CA ALA A 75 8.62 3.42 1.00
C ALA A 75 8.90 1.94 1.25
N ILE A 76 9.27 1.19 0.22
CA ILE A 76 9.66 -0.19 0.43
C ILE A 76 10.97 -0.25 1.20
N ASP A 77 11.99 0.45 0.71
CA ASP A 77 13.30 0.46 1.34
C ASP A 77 13.28 0.87 2.81
N TRP A 78 12.30 1.69 3.18
CA TRP A 78 12.17 2.19 4.54
C TRP A 78 11.19 1.38 5.40
N PHE A 79 9.93 1.22 4.94
CA PHE A 79 8.91 0.57 5.74
C PHE A 79 9.02 -0.94 5.79
N ASP A 80 9.56 -1.57 4.76
CA ASP A 80 9.74 -3.02 4.74
C ASP A 80 10.45 -3.50 6.00
N GLY A 81 9.71 -4.19 6.87
CA GLY A 81 10.26 -4.80 8.08
C GLY A 81 10.01 -3.96 9.34
N LYS A 82 9.38 -2.79 9.19
CA LYS A 82 9.04 -1.96 10.34
C LYS A 82 7.71 -2.41 10.96
N GLU A 83 7.13 -1.56 11.80
CA GLU A 83 5.86 -1.85 12.44
C GLU A 83 4.86 -0.71 12.24
N PHE A 84 3.57 -1.06 12.26
CA PHE A 84 2.48 -0.12 12.12
C PHE A 84 1.30 -0.46 13.01
N SER A 85 0.73 0.52 13.71
CA SER A 85 -0.34 0.31 14.67
C SER A 85 0.03 -0.76 15.71
N GLY A 86 1.33 -1.01 15.88
CA GLY A 86 1.82 -1.98 16.85
C GLY A 86 1.92 -3.40 16.27
N ASN A 87 2.01 -3.49 14.94
CA ASN A 87 2.05 -4.78 14.26
C ASN A 87 3.19 -4.77 13.23
N PRO A 88 3.91 -5.89 13.09
CA PRO A 88 4.97 -6.01 12.12
C PRO A 88 4.38 -6.03 10.72
N ILE A 89 5.00 -5.29 9.78
CA ILE A 89 4.50 -5.19 8.42
C ILE A 89 5.58 -5.60 7.41
N LYS A 90 5.17 -5.77 6.16
CA LYS A 90 6.05 -6.17 5.07
C LYS A 90 5.65 -5.44 3.80
N VAL A 91 6.50 -4.53 3.33
CA VAL A 91 6.24 -3.76 2.12
C VAL A 91 7.00 -4.29 0.90
N SER A 92 6.42 -4.15 -0.30
CA SER A 92 7.07 -4.57 -1.54
C SER A 92 6.39 -3.90 -2.73
N PHE A 93 6.91 -4.10 -3.93
CA PHE A 93 6.30 -3.58 -5.14
C PHE A 93 5.02 -4.30 -5.54
N ALA A 94 3.97 -3.54 -5.82
CA ALA A 94 2.68 -4.09 -6.18
C ALA A 94 2.62 -4.50 -7.66
N THR A 95 1.50 -5.11 -8.05
CA THR A 95 1.23 -5.61 -9.39
C THR A 95 -0.24 -5.34 -9.70
N ARG A 96 -0.98 -6.34 -10.19
CA ARG A 96 -2.42 -6.24 -10.32
C ARG A 96 -3.13 -7.34 -9.54
N ARG A 97 -2.51 -8.54 -9.46
CA ARG A 97 -3.08 -9.76 -8.86
C ARG A 97 -4.36 -10.23 -9.54
N ALA A 98 -5.23 -9.31 -9.94
CA ALA A 98 -6.44 -9.62 -10.66
C ALA A 98 -6.08 -10.23 -12.01
N ASP A 99 -4.89 -9.92 -12.52
CA ASP A 99 -4.44 -10.44 -13.80
C ASP A 99 -4.35 -11.96 -13.82
N PHE A 100 -4.28 -12.58 -12.65
CA PHE A 100 -4.31 -14.02 -12.51
C PHE A 100 -5.70 -14.64 -12.65
N ASN A 101 -6.76 -13.82 -12.60
CA ASN A 101 -8.13 -14.32 -12.57
C ASN A 101 -9.03 -13.67 -13.62
N ARG A 102 -8.62 -12.54 -14.20
CA ARG A 102 -9.39 -11.85 -15.23
C ARG A 102 -8.48 -11.13 -16.21
N GLY A 1 8.43 -6.97 -25.49
CA GLY A 1 8.28 -8.28 -24.83
C GLY A 1 7.54 -8.13 -23.50
N SER A 2 7.92 -8.95 -22.51
CA SER A 2 7.31 -8.93 -21.19
C SER A 2 7.63 -7.63 -20.47
N HIS A 3 6.82 -7.27 -19.47
CA HIS A 3 7.01 -6.07 -18.68
C HIS A 3 8.26 -6.21 -17.81
N MET A 4 8.99 -5.10 -17.63
CA MET A 4 10.19 -5.05 -16.82
C MET A 4 10.33 -3.67 -16.16
N ASP A 5 11.06 -3.62 -15.05
CA ASP A 5 11.30 -2.40 -14.27
C ASP A 5 10.06 -1.74 -13.70
N ASN A 6 10.24 -1.06 -12.57
CA ASN A 6 9.17 -0.32 -11.89
C ASN A 6 9.04 1.11 -12.44
N SER A 7 9.46 1.31 -13.69
CA SER A 7 9.42 2.62 -14.33
C SER A 7 7.97 3.12 -14.49
N ASP A 8 7.00 2.22 -14.29
CA ASP A 8 5.58 2.55 -14.38
C ASP A 8 4.80 1.96 -13.19
N ASN A 9 5.52 1.61 -12.12
CA ASN A 9 4.91 1.02 -10.94
C ASN A 9 5.06 1.98 -9.77
N ASN A 10 3.94 2.51 -9.29
CA ASN A 10 3.92 3.49 -8.21
C ASN A 10 3.27 2.92 -6.95
N THR A 11 2.79 1.67 -7.02
CA THR A 11 2.04 1.09 -5.92
C THR A 11 2.93 0.14 -5.13
N ILE A 12 2.81 0.22 -3.81
CA ILE A 12 3.48 -0.73 -2.93
C ILE A 12 2.44 -1.69 -2.38
N PHE A 13 2.86 -2.93 -2.13
CA PHE A 13 2.03 -3.89 -1.44
C PHE A 13 2.45 -3.97 0.01
N VAL A 14 1.48 -4.15 0.91
CA VAL A 14 1.76 -4.22 2.33
C VAL A 14 1.03 -5.38 3.00
N GLN A 15 1.70 -6.03 3.94
CA GLN A 15 1.11 -7.08 4.75
C GLN A 15 1.37 -6.79 6.23
N GLY A 16 0.50 -7.30 7.10
CA GLY A 16 0.74 -7.30 8.54
C GLY A 16 0.25 -6.02 9.20
N LEU A 17 -0.54 -5.21 8.49
CA LEU A 17 -1.00 -3.94 9.02
C LEU A 17 -1.76 -4.15 10.33
N GLY A 18 -2.73 -5.07 10.32
CA GLY A 18 -3.53 -5.39 11.49
C GLY A 18 -4.98 -5.68 11.08
N GLU A 19 -5.77 -6.20 12.02
CA GLU A 19 -7.16 -6.54 11.75
C GLU A 19 -8.11 -5.42 12.16
N ASN A 20 -7.57 -4.28 12.61
CA ASN A 20 -8.38 -3.16 13.07
C ASN A 20 -7.95 -1.84 12.40
N VAL A 21 -7.10 -1.93 11.37
CA VAL A 21 -6.52 -0.76 10.73
C VAL A 21 -7.50 -0.01 9.82
N THR A 22 -7.14 1.22 9.44
CA THR A 22 -7.94 2.07 8.59
C THR A 22 -7.13 2.67 7.45
N ILE A 23 -7.82 3.07 6.38
CA ILE A 23 -7.17 3.64 5.20
C ILE A 23 -6.45 4.93 5.58
N GLU A 24 -7.10 5.75 6.41
CA GLU A 24 -6.53 7.02 6.84
C GLU A 24 -5.28 6.81 7.69
N SER A 25 -5.26 5.76 8.52
CA SER A 25 -4.11 5.49 9.37
C SER A 25 -2.94 4.98 8.54
N VAL A 26 -3.20 4.06 7.62
CA VAL A 26 -2.18 3.55 6.73
C VAL A 26 -1.63 4.71 5.91
N ALA A 27 -2.51 5.58 5.42
CA ALA A 27 -2.08 6.71 4.61
C ALA A 27 -1.21 7.66 5.44
N ASP A 28 -1.54 7.79 6.73
CA ASP A 28 -0.79 8.66 7.62
C ASP A 28 0.59 8.07 7.89
N TYR A 29 0.70 6.73 7.84
CA TYR A 29 1.97 6.06 8.09
C TYR A 29 2.89 6.02 6.88
N PHE A 30 2.31 6.07 5.66
CA PHE A 30 3.08 6.06 4.43
C PHE A 30 3.35 7.43 3.82
N LYS A 31 2.50 8.43 4.13
CA LYS A 31 2.64 9.76 3.56
C LYS A 31 3.91 10.46 4.04
N GLN A 32 4.49 9.98 5.15
CA GLN A 32 5.70 10.60 5.69
C GLN A 32 6.93 10.32 4.83
N ILE A 33 6.87 9.30 3.98
CA ILE A 33 7.96 9.01 3.05
C ILE A 33 7.76 9.79 1.75
N GLY A 34 6.54 9.75 1.21
CA GLY A 34 6.24 10.46 -0.03
C GLY A 34 4.74 10.65 -0.20
N ILE A 35 4.36 11.48 -1.18
CA ILE A 35 2.97 11.82 -1.40
C ILE A 35 2.20 10.61 -1.92
N ILE A 36 1.15 10.23 -1.19
CA ILE A 36 0.26 9.16 -1.61
C ILE A 36 -0.70 9.69 -2.68
N LYS A 37 -0.93 8.90 -3.73
CA LYS A 37 -1.81 9.29 -4.82
C LYS A 37 -3.24 9.31 -4.32
N THR A 38 -4.08 10.15 -4.92
CA THR A 38 -5.49 10.27 -4.54
C THR A 38 -6.45 9.93 -5.67
N ASN A 39 -7.53 9.22 -5.35
CA ASN A 39 -8.54 8.83 -6.31
C ASN A 39 -9.35 10.05 -6.75
N LYS A 40 -9.77 10.05 -8.01
CA LYS A 40 -10.57 11.15 -8.56
C LYS A 40 -12.06 10.90 -8.38
N LYS A 41 -12.44 9.70 -7.94
CA LYS A 41 -13.84 9.32 -7.81
C LYS A 41 -14.24 9.21 -6.35
N THR A 42 -13.40 8.56 -5.54
CA THR A 42 -13.69 8.33 -4.12
C THR A 42 -13.17 9.45 -3.23
N GLY A 43 -12.13 10.16 -3.69
CA GLY A 43 -11.59 11.33 -2.99
C GLY A 43 -10.73 10.93 -1.79
N GLN A 44 -10.68 9.64 -1.45
CA GLN A 44 -9.83 9.15 -0.37
C GLN A 44 -8.45 8.85 -0.96
N PRO A 45 -7.41 8.76 -0.11
CA PRO A 45 -6.10 8.41 -0.59
C PRO A 45 -6.14 6.98 -1.13
N MET A 46 -5.29 6.68 -2.11
CA MET A 46 -5.39 5.42 -2.83
C MET A 46 -4.80 4.27 -2.05
N ILE A 47 -5.62 3.69 -1.18
CA ILE A 47 -5.31 2.50 -0.42
C ILE A 47 -6.39 1.47 -0.71
N ASN A 48 -6.00 0.19 -0.78
CA ASN A 48 -6.96 -0.88 -0.97
C ASN A 48 -6.71 -1.96 0.09
N LEU A 49 -7.51 -1.93 1.15
CA LEU A 49 -7.46 -2.93 2.20
C LEU A 49 -8.12 -4.21 1.69
N TYR A 50 -7.74 -5.36 2.25
CA TYR A 50 -8.37 -6.61 1.90
C TYR A 50 -9.07 -7.30 3.07
N THR A 51 -10.15 -8.03 2.76
CA THR A 51 -10.94 -8.73 3.75
C THR A 51 -11.27 -10.14 3.30
N ASP A 52 -11.41 -11.06 4.27
CA ASP A 52 -11.77 -12.43 3.97
C ASP A 52 -13.27 -12.42 3.69
N ARG A 53 -13.66 -12.86 2.49
CA ARG A 53 -15.07 -12.91 2.12
C ARG A 53 -15.78 -14.10 2.78
N GLU A 54 -15.06 -14.86 3.62
CA GLU A 54 -15.63 -16.00 4.33
C GLU A 54 -15.82 -15.70 5.82
N THR A 55 -15.23 -14.61 6.32
CA THR A 55 -15.33 -14.23 7.73
C THR A 55 -15.61 -12.75 7.93
N GLY A 56 -15.20 -11.91 6.98
CA GLY A 56 -15.54 -10.50 6.98
C GLY A 56 -14.69 -9.69 7.96
N LYS A 57 -13.60 -10.29 8.47
CA LYS A 57 -12.68 -9.63 9.38
C LYS A 57 -11.81 -8.60 8.64
N LEU A 58 -10.51 -8.85 8.58
CA LEU A 58 -9.55 -8.09 7.78
C LEU A 58 -8.33 -8.97 7.55
N LYS A 59 -7.78 -8.94 6.33
CA LYS A 59 -6.61 -9.76 6.00
C LYS A 59 -5.33 -9.12 6.54
N GLY A 60 -5.38 -7.83 6.87
CA GLY A 60 -4.21 -7.08 7.30
C GLY A 60 -3.31 -6.75 6.12
N GLU A 61 -3.75 -7.06 4.89
CA GLU A 61 -3.01 -6.76 3.68
C GLU A 61 -3.66 -5.59 2.96
N ALA A 62 -2.86 -4.81 2.23
CA ALA A 62 -3.37 -3.66 1.50
C ALA A 62 -2.35 -3.18 0.46
N THR A 63 -2.82 -2.38 -0.49
CA THR A 63 -1.93 -1.67 -1.41
C THR A 63 -1.99 -0.18 -1.14
N VAL A 64 -0.93 0.54 -1.49
CA VAL A 64 -0.90 1.99 -1.42
C VAL A 64 -0.28 2.59 -2.69
N SER A 65 -1.04 3.40 -3.42
CA SER A 65 -0.52 4.03 -4.63
C SER A 65 0.17 5.34 -4.29
N PHE A 66 1.36 5.56 -4.87
CA PHE A 66 2.10 6.80 -4.70
C PHE A 66 2.01 7.73 -5.89
N ASP A 67 2.14 9.03 -5.66
CA ASP A 67 2.03 10.00 -6.75
C ASP A 67 3.20 9.80 -7.72
N ASP A 68 4.38 9.41 -7.20
CA ASP A 68 5.57 9.19 -7.99
C ASP A 68 6.16 7.82 -7.62
N PRO A 69 6.85 7.15 -8.56
CA PRO A 69 7.40 5.82 -8.36
C PRO A 69 8.60 5.77 -7.38
N PRO A 70 9.45 6.81 -7.28
CA PRO A 70 10.62 6.73 -6.41
C PRO A 70 10.19 6.84 -4.94
N SER A 71 9.00 7.41 -4.70
CA SER A 71 8.44 7.49 -3.36
C SER A 71 7.98 6.10 -2.91
N ALA A 72 7.45 5.30 -3.83
CA ALA A 72 7.08 3.92 -3.55
C ALA A 72 8.34 3.10 -3.29
N LYS A 73 9.41 3.37 -4.06
CA LYS A 73 10.68 2.66 -3.90
C LYS A 73 11.28 2.95 -2.53
N ALA A 74 11.22 4.23 -2.11
CA ALA A 74 11.72 4.61 -0.80
C ALA A 74 10.84 4.03 0.31
N ALA A 75 9.53 3.96 0.07
CA ALA A 75 8.60 3.42 1.05
C ALA A 75 8.91 1.95 1.32
N ILE A 76 9.29 1.20 0.29
CA ILE A 76 9.69 -0.18 0.50
C ILE A 76 11.01 -0.23 1.26
N ASP A 77 12.00 0.50 0.76
CA ASP A 77 13.32 0.53 1.38
C ASP A 77 13.31 0.93 2.85
N TRP A 78 12.31 1.73 3.24
CA TRP A 78 12.18 2.23 4.59
C TRP A 78 11.22 1.40 5.45
N PHE A 79 9.96 1.23 5.00
CA PHE A 79 8.94 0.57 5.82
C PHE A 79 9.08 -0.94 5.90
N ASP A 80 9.65 -1.57 4.87
CA ASP A 80 9.84 -3.01 4.88
C ASP A 80 10.53 -3.48 6.17
N GLY A 81 9.77 -4.16 7.03
CA GLY A 81 10.29 -4.77 8.24
C GLY A 81 10.03 -3.91 9.49
N LYS A 82 9.39 -2.75 9.33
CA LYS A 82 9.04 -1.90 10.45
C LYS A 82 7.73 -2.37 11.08
N GLU A 83 7.12 -1.53 11.91
CA GLU A 83 5.86 -1.84 12.55
C GLU A 83 4.84 -0.71 12.33
N PHE A 84 3.56 -1.08 12.35
CA PHE A 84 2.45 -0.16 12.22
C PHE A 84 1.25 -0.56 13.06
N SER A 85 0.62 0.41 13.73
CA SER A 85 -0.47 0.14 14.66
C SER A 85 -0.05 -0.87 15.73
N GLY A 86 1.26 -1.06 15.89
CA GLY A 86 1.82 -1.97 16.89
C GLY A 86 1.96 -3.39 16.33
N ASN A 87 2.04 -3.53 15.01
CA ASN A 87 2.11 -4.82 14.34
C ASN A 87 3.23 -4.80 13.31
N PRO A 88 3.96 -5.91 13.15
CA PRO A 88 5.03 -6.01 12.17
C PRO A 88 4.44 -6.03 10.76
N ILE A 89 5.03 -5.28 9.85
CA ILE A 89 4.53 -5.18 8.48
C ILE A 89 5.58 -5.61 7.47
N LYS A 90 5.14 -5.74 6.21
CA LYS A 90 6.01 -6.16 5.12
C LYS A 90 5.62 -5.40 3.84
N VAL A 91 6.48 -4.47 3.42
CA VAL A 91 6.26 -3.68 2.20
C VAL A 91 7.03 -4.22 1.01
N SER A 92 6.48 -4.05 -0.20
CA SER A 92 7.11 -4.54 -1.42
C SER A 92 6.49 -3.86 -2.64
N PHE A 93 7.00 -4.16 -3.84
CA PHE A 93 6.40 -3.65 -5.07
C PHE A 93 5.14 -4.38 -5.49
N ALA A 94 4.08 -3.62 -5.77
CA ALA A 94 2.80 -4.18 -6.17
C ALA A 94 2.72 -4.45 -7.67
N THR A 95 1.56 -4.93 -8.12
CA THR A 95 1.22 -5.16 -9.53
C THR A 95 -0.28 -5.00 -9.74
N ARG A 96 -0.82 -5.49 -10.85
CA ARG A 96 -2.26 -5.44 -11.12
C ARG A 96 -2.90 -6.81 -11.01
N ARG A 97 -3.01 -7.38 -9.80
CA ARG A 97 -3.81 -8.58 -9.61
C ARG A 97 -5.28 -8.24 -9.80
N ALA A 98 -5.57 -6.95 -9.95
CA ALA A 98 -6.87 -6.45 -10.34
C ALA A 98 -7.22 -6.97 -11.74
N ASP A 99 -6.19 -7.16 -12.58
CA ASP A 99 -6.38 -7.52 -13.98
C ASP A 99 -6.88 -8.95 -14.19
N PHE A 100 -7.07 -9.71 -13.09
CA PHE A 100 -7.56 -11.07 -13.17
C PHE A 100 -9.08 -11.19 -13.37
N ASN A 101 -9.81 -10.08 -13.23
CA ASN A 101 -11.27 -10.11 -13.29
C ASN A 101 -11.86 -8.89 -14.01
N ARG A 102 -11.04 -7.88 -14.32
CA ARG A 102 -11.49 -6.65 -14.95
C ARG A 102 -10.37 -6.02 -15.76
N GLY A 1 23.57 4.95 -17.88
CA GLY A 1 22.10 4.93 -17.75
C GLY A 1 21.59 3.56 -17.37
N SER A 2 20.35 3.50 -16.88
CA SER A 2 19.73 2.25 -16.47
C SER A 2 18.22 2.37 -16.53
N HIS A 3 17.52 1.23 -16.45
CA HIS A 3 16.06 1.19 -16.50
C HIS A 3 15.54 -0.05 -15.77
N MET A 4 14.34 0.05 -15.22
CA MET A 4 13.72 -1.03 -14.45
C MET A 4 12.23 -1.15 -14.78
N ASP A 5 11.65 -2.32 -14.51
CA ASP A 5 10.24 -2.57 -14.80
C ASP A 5 9.29 -1.72 -13.96
N ASN A 6 9.82 -1.06 -12.91
CA ASN A 6 9.03 -0.20 -12.05
C ASN A 6 8.99 1.24 -12.59
N SER A 7 9.38 1.44 -13.86
CA SER A 7 9.37 2.75 -14.49
C SER A 7 7.95 3.31 -14.58
N ASP A 8 6.95 2.45 -14.38
CA ASP A 8 5.54 2.85 -14.37
C ASP A 8 4.80 2.24 -13.18
N ASN A 9 5.55 1.73 -12.20
CA ASN A 9 4.97 1.13 -11.00
C ASN A 9 5.09 2.11 -9.85
N ASN A 10 3.95 2.66 -9.40
CA ASN A 10 3.91 3.62 -8.31
C ASN A 10 3.18 3.06 -7.09
N THR A 11 2.88 1.76 -7.10
CA THR A 11 2.11 1.14 -6.03
C THR A 11 2.95 0.16 -5.25
N ILE A 12 2.70 0.08 -3.94
CA ILE A 12 3.34 -0.87 -3.06
C ILE A 12 2.27 -1.76 -2.44
N PHE A 13 2.64 -3.00 -2.15
CA PHE A 13 1.76 -3.90 -1.43
C PHE A 13 2.24 -3.94 0.00
N VAL A 14 1.30 -4.04 0.94
CA VAL A 14 1.63 -4.13 2.36
C VAL A 14 0.95 -5.33 3.01
N GLN A 15 1.69 -6.01 3.89
CA GLN A 15 1.19 -7.14 4.64
C GLN A 15 1.43 -6.87 6.12
N GLY A 16 0.61 -7.49 6.98
CA GLY A 16 0.80 -7.44 8.42
C GLY A 16 0.20 -6.17 9.01
N LEU A 17 -0.61 -5.46 8.21
CA LEU A 17 -1.19 -4.18 8.58
C LEU A 17 -1.90 -4.27 9.92
N GLY A 18 -2.85 -5.21 10.05
CA GLY A 18 -3.60 -5.41 11.29
C GLY A 18 -5.06 -5.74 10.99
N GLU A 19 -5.80 -6.12 12.04
CA GLU A 19 -7.21 -6.48 11.90
C GLU A 19 -8.14 -5.34 12.32
N ASN A 20 -7.59 -4.18 12.70
CA ASN A 20 -8.37 -3.01 13.09
C ASN A 20 -7.94 -1.77 12.33
N VAL A 21 -7.21 -1.94 11.22
CA VAL A 21 -6.61 -0.83 10.49
C VAL A 21 -7.64 -0.04 9.68
N THR A 22 -7.23 1.14 9.20
CA THR A 22 -8.05 2.00 8.37
C THR A 22 -7.22 2.61 7.24
N ILE A 23 -7.91 3.05 6.19
CA ILE A 23 -7.27 3.65 5.02
C ILE A 23 -6.53 4.92 5.44
N GLU A 24 -7.18 5.75 6.26
CA GLU A 24 -6.58 6.99 6.72
C GLU A 24 -5.35 6.73 7.60
N SER A 25 -5.37 5.66 8.40
CA SER A 25 -4.26 5.37 9.30
C SER A 25 -3.04 4.91 8.54
N VAL A 26 -3.19 3.94 7.63
CA VAL A 26 -2.07 3.50 6.82
C VAL A 26 -1.60 4.60 5.88
N ALA A 27 -2.53 5.45 5.41
CA ALA A 27 -2.14 6.57 4.58
C ALA A 27 -1.31 7.55 5.41
N ASP A 28 -1.61 7.66 6.71
CA ASP A 28 -0.92 8.59 7.58
C ASP A 28 0.47 8.03 7.91
N TYR A 29 0.62 6.70 7.87
CA TYR A 29 1.90 6.08 8.16
C TYR A 29 2.83 6.01 6.94
N PHE A 30 2.25 6.03 5.73
CA PHE A 30 3.03 6.01 4.50
C PHE A 30 3.29 7.37 3.87
N LYS A 31 2.42 8.35 4.15
CA LYS A 31 2.55 9.68 3.56
C LYS A 31 3.81 10.40 4.03
N GLN A 32 4.40 9.93 5.14
CA GLN A 32 5.59 10.57 5.68
C GLN A 32 6.82 10.30 4.83
N ILE A 33 6.80 9.25 4.01
CA ILE A 33 7.89 8.97 3.08
C ILE A 33 7.69 9.74 1.77
N GLY A 34 6.46 9.71 1.25
CA GLY A 34 6.15 10.41 0.00
C GLY A 34 4.65 10.58 -0.16
N ILE A 35 4.25 11.43 -1.11
CA ILE A 35 2.85 11.74 -1.33
C ILE A 35 2.10 10.54 -1.90
N ILE A 36 1.08 10.09 -1.17
CA ILE A 36 0.17 9.05 -1.64
C ILE A 36 -0.75 9.68 -2.69
N LYS A 37 -0.97 9.00 -3.81
CA LYS A 37 -1.79 9.54 -4.87
C LYS A 37 -3.24 9.54 -4.43
N THR A 38 -3.93 10.66 -4.64
CA THR A 38 -5.35 10.76 -4.31
C THR A 38 -6.26 10.32 -5.44
N ASN A 39 -7.34 9.61 -5.11
CA ASN A 39 -8.33 9.22 -6.08
C ASN A 39 -9.05 10.47 -6.58
N LYS A 40 -9.13 10.64 -7.90
CA LYS A 40 -9.76 11.81 -8.48
C LYS A 40 -11.27 11.59 -8.60
N LYS A 41 -11.74 10.39 -8.28
CA LYS A 41 -13.14 10.01 -8.43
C LYS A 41 -13.81 9.91 -7.06
N THR A 42 -13.03 9.75 -6.00
CA THR A 42 -13.56 9.54 -4.65
C THR A 42 -12.97 10.49 -3.61
N GLY A 43 -11.77 11.02 -3.88
CA GLY A 43 -11.16 12.04 -3.03
C GLY A 43 -10.40 11.43 -1.86
N GLN A 44 -10.56 10.12 -1.62
CA GLN A 44 -9.78 9.43 -0.60
C GLN A 44 -8.42 9.04 -1.18
N PRO A 45 -7.40 8.83 -0.33
CA PRO A 45 -6.09 8.44 -0.80
C PRO A 45 -6.13 7.03 -1.40
N MET A 46 -5.19 6.73 -2.30
CA MET A 46 -5.14 5.42 -2.94
C MET A 46 -4.69 4.34 -1.99
N ILE A 47 -5.66 3.66 -1.37
CA ILE A 47 -5.43 2.51 -0.53
C ILE A 47 -6.54 1.51 -0.78
N ASN A 48 -6.21 0.22 -0.77
CA ASN A 48 -7.23 -0.81 -0.85
C ASN A 48 -6.97 -1.87 0.20
N LEU A 49 -7.83 -1.89 1.23
CA LEU A 49 -7.80 -2.90 2.27
C LEU A 49 -8.41 -4.18 1.74
N TYR A 50 -7.99 -5.33 2.29
CA TYR A 50 -8.59 -6.61 1.93
C TYR A 50 -9.19 -7.33 3.12
N THR A 51 -10.32 -8.02 2.91
CA THR A 51 -11.08 -8.65 3.97
C THR A 51 -11.34 -10.14 3.75
N ASP A 52 -11.29 -10.93 4.82
CA ASP A 52 -11.51 -12.37 4.71
C ASP A 52 -12.98 -12.59 4.40
N ARG A 53 -13.26 -13.35 3.34
CA ARG A 53 -14.64 -13.62 2.94
C ARG A 53 -15.20 -14.84 3.69
N GLU A 54 -14.36 -15.51 4.47
CA GLU A 54 -14.78 -16.67 5.25
C GLU A 54 -15.07 -16.31 6.71
N THR A 55 -14.63 -15.13 7.15
CA THR A 55 -14.81 -14.68 8.52
C THR A 55 -15.22 -13.21 8.63
N GLY A 56 -14.90 -12.40 7.62
CA GLY A 56 -15.34 -11.02 7.55
C GLY A 56 -14.49 -10.11 8.44
N LYS A 57 -13.37 -10.63 8.95
CA LYS A 57 -12.45 -9.87 9.80
C LYS A 57 -11.68 -8.84 8.98
N LEU A 58 -10.43 -9.18 8.66
CA LEU A 58 -9.54 -8.42 7.77
C LEU A 58 -8.37 -9.33 7.39
N LYS A 59 -7.84 -9.17 6.17
CA LYS A 59 -6.71 -9.97 5.71
C LYS A 59 -5.41 -9.47 6.31
N GLY A 60 -5.42 -8.24 6.82
CA GLY A 60 -4.21 -7.61 7.33
C GLY A 60 -3.31 -7.16 6.18
N GLU A 61 -3.90 -6.97 4.99
CA GLU A 61 -3.15 -6.58 3.80
C GLU A 61 -3.85 -5.44 3.09
N ALA A 62 -3.06 -4.56 2.47
CA ALA A 62 -3.59 -3.48 1.66
C ALA A 62 -2.56 -2.98 0.66
N THR A 63 -3.03 -2.37 -0.44
CA THR A 63 -2.14 -1.68 -1.36
C THR A 63 -2.17 -0.21 -1.00
N VAL A 64 -1.07 0.49 -1.30
CA VAL A 64 -0.99 1.94 -1.20
C VAL A 64 -0.29 2.46 -2.46
N SER A 65 -0.88 3.47 -3.13
CA SER A 65 -0.31 3.97 -4.37
C SER A 65 0.25 5.39 -4.17
N PHE A 66 1.36 5.68 -4.84
CA PHE A 66 2.06 6.94 -4.71
C PHE A 66 1.94 7.85 -5.92
N ASP A 67 2.19 9.14 -5.74
CA ASP A 67 2.12 10.10 -6.85
C ASP A 67 3.31 9.89 -7.78
N ASP A 68 4.44 9.41 -7.25
CA ASP A 68 5.67 9.21 -8.00
C ASP A 68 6.25 7.83 -7.63
N PRO A 69 6.96 7.18 -8.56
CA PRO A 69 7.53 5.86 -8.36
C PRO A 69 8.70 5.81 -7.36
N PRO A 70 9.55 6.84 -7.23
CA PRO A 70 10.69 6.78 -6.32
C PRO A 70 10.22 6.88 -4.88
N SER A 71 9.03 7.44 -4.66
CA SER A 71 8.44 7.50 -3.33
C SER A 71 7.97 6.13 -2.90
N ALA A 72 7.42 5.35 -3.84
CA ALA A 72 7.05 3.96 -3.58
C ALA A 72 8.31 3.13 -3.31
N LYS A 73 9.39 3.42 -4.04
CA LYS A 73 10.66 2.72 -3.86
C LYS A 73 11.19 3.00 -2.46
N ALA A 74 11.16 4.27 -2.03
CA ALA A 74 11.64 4.63 -0.70
C ALA A 74 10.74 4.04 0.37
N ALA A 75 9.43 3.94 0.10
CA ALA A 75 8.48 3.40 1.06
C ALA A 75 8.78 1.92 1.32
N ILE A 76 9.21 1.19 0.28
CA ILE A 76 9.60 -0.21 0.49
C ILE A 76 10.90 -0.25 1.26
N ASP A 77 11.91 0.48 0.79
CA ASP A 77 13.22 0.51 1.42
C ASP A 77 13.17 0.90 2.90
N TRP A 78 12.18 1.69 3.27
CA TRP A 78 12.03 2.17 4.64
C TRP A 78 11.04 1.36 5.48
N PHE A 79 9.80 1.22 5.01
CA PHE A 79 8.77 0.58 5.81
C PHE A 79 8.87 -0.93 5.88
N ASP A 80 9.38 -1.58 4.83
CA ASP A 80 9.49 -3.03 4.83
C ASP A 80 10.29 -3.51 6.05
N GLY A 81 9.58 -4.17 6.98
CA GLY A 81 10.19 -4.76 8.17
C GLY A 81 9.93 -3.93 9.43
N LYS A 82 9.29 -2.77 9.29
CA LYS A 82 8.93 -1.94 10.43
C LYS A 82 7.60 -2.41 11.03
N GLU A 83 6.99 -1.55 11.85
CA GLU A 83 5.70 -1.88 12.46
C GLU A 83 4.70 -0.76 12.22
N PHE A 84 3.42 -1.13 12.17
CA PHE A 84 2.30 -0.22 12.01
C PHE A 84 1.09 -0.63 12.84
N SER A 85 0.44 0.34 13.49
CA SER A 85 -0.67 0.07 14.39
C SER A 85 -0.28 -0.94 15.46
N GLY A 86 1.03 -1.13 15.68
CA GLY A 86 1.54 -2.05 16.69
C GLY A 86 1.71 -3.46 16.14
N ASN A 87 1.83 -3.59 14.81
CA ASN A 87 1.94 -4.88 14.16
C ASN A 87 3.09 -4.85 13.16
N PRO A 88 3.86 -5.95 13.05
CA PRO A 88 4.94 -6.04 12.10
C PRO A 88 4.39 -6.09 10.68
N ILE A 89 4.96 -5.29 9.77
CA ILE A 89 4.47 -5.22 8.40
C ILE A 89 5.57 -5.62 7.42
N LYS A 90 5.16 -5.78 6.15
CA LYS A 90 6.06 -6.16 5.08
C LYS A 90 5.62 -5.45 3.80
N VAL A 91 6.44 -4.50 3.34
CA VAL A 91 6.16 -3.73 2.12
C VAL A 91 6.96 -4.26 0.93
N SER A 92 6.41 -4.14 -0.29
CA SER A 92 7.10 -4.54 -1.51
C SER A 92 6.43 -3.89 -2.72
N PHE A 93 7.04 -4.03 -3.90
CA PHE A 93 6.47 -3.53 -5.13
C PHE A 93 5.23 -4.28 -5.58
N ALA A 94 4.15 -3.55 -5.86
CA ALA A 94 2.90 -4.14 -6.28
C ALA A 94 2.88 -4.38 -7.80
N THR A 95 1.75 -4.95 -8.27
CA THR A 95 1.47 -5.15 -9.69
C THR A 95 -0.04 -4.99 -9.89
N ARG A 96 -0.62 -5.65 -10.90
CA ARG A 96 -2.07 -5.64 -11.11
C ARG A 96 -2.61 -7.06 -11.13
N ARG A 97 -3.10 -7.55 -9.99
CA ARG A 97 -3.85 -8.81 -9.96
C ARG A 97 -5.19 -8.64 -10.67
N ALA A 98 -5.59 -7.40 -10.93
CA ALA A 98 -6.81 -7.11 -11.65
C ALA A 98 -6.80 -7.76 -13.04
N ASP A 99 -5.61 -8.04 -13.57
CA ASP A 99 -5.46 -8.62 -14.89
C ASP A 99 -6.06 -10.04 -14.97
N PHE A 100 -6.26 -10.68 -13.81
CA PHE A 100 -6.86 -12.01 -13.77
C PHE A 100 -8.37 -12.01 -13.99
N ASN A 101 -9.01 -10.83 -13.95
CA ASN A 101 -10.46 -10.74 -14.06
C ASN A 101 -10.90 -9.70 -15.10
N ARG A 102 -10.02 -8.78 -15.49
CA ARG A 102 -10.32 -7.77 -16.49
C ARG A 102 -9.07 -7.33 -17.24
N GLY A 1 17.71 4.23 -17.10
CA GLY A 1 18.11 5.63 -17.38
C GLY A 1 18.40 6.38 -16.09
N SER A 2 17.90 7.61 -15.99
CA SER A 2 18.09 8.44 -14.80
C SER A 2 17.24 7.92 -13.63
N HIS A 3 16.35 6.97 -13.90
CA HIS A 3 15.49 6.38 -12.88
C HIS A 3 15.33 4.89 -13.16
N MET A 4 14.78 4.16 -12.18
CA MET A 4 14.55 2.73 -12.31
C MET A 4 13.48 2.45 -13.36
N ASP A 5 13.46 1.22 -13.89
CA ASP A 5 12.49 0.81 -14.89
C ASP A 5 11.08 0.70 -14.32
N ASN A 6 10.95 0.84 -12.99
CA ASN A 6 9.66 0.79 -12.31
C ASN A 6 8.91 2.12 -12.45
N SER A 7 9.22 2.89 -13.49
CA SER A 7 8.57 4.17 -13.74
C SER A 7 7.08 3.99 -14.01
N ASP A 8 6.66 2.77 -14.34
CA ASP A 8 5.27 2.43 -14.58
C ASP A 8 4.61 1.78 -13.37
N ASN A 9 5.32 1.73 -12.23
CA ASN A 9 4.83 1.09 -11.04
C ASN A 9 4.98 2.02 -9.83
N ASN A 10 3.85 2.50 -9.32
CA ASN A 10 3.81 3.42 -8.20
C ASN A 10 3.15 2.81 -6.97
N THR A 11 2.76 1.54 -7.03
CA THR A 11 2.02 0.91 -5.95
C THR A 11 2.91 -0.04 -5.16
N ILE A 12 2.69 -0.05 -3.84
CA ILE A 12 3.37 -0.97 -2.95
C ILE A 12 2.33 -1.91 -2.34
N PHE A 13 2.75 -3.14 -2.04
CA PHE A 13 1.90 -4.07 -1.31
C PHE A 13 2.35 -4.03 0.14
N VAL A 14 1.40 -4.20 1.05
CA VAL A 14 1.67 -4.17 2.49
C VAL A 14 1.05 -5.36 3.19
N GLN A 15 1.83 -6.01 4.06
CA GLN A 15 1.36 -7.14 4.84
C GLN A 15 1.57 -6.85 6.31
N GLY A 16 0.75 -7.46 7.17
CA GLY A 16 0.93 -7.42 8.61
C GLY A 16 0.33 -6.15 9.19
N LEU A 17 -0.48 -5.47 8.38
CA LEU A 17 -0.98 -4.14 8.67
C LEU A 17 -1.78 -4.13 9.97
N GLY A 18 -2.74 -5.05 10.10
CA GLY A 18 -3.53 -5.19 11.31
C GLY A 18 -4.98 -5.56 11.00
N GLU A 19 -5.72 -6.01 12.01
CA GLU A 19 -7.11 -6.41 11.84
C GLU A 19 -8.07 -5.28 12.21
N ASN A 20 -7.53 -4.10 12.57
CA ASN A 20 -8.33 -2.94 12.94
C ASN A 20 -7.91 -1.69 12.16
N VAL A 21 -7.08 -1.86 11.12
CA VAL A 21 -6.51 -0.74 10.38
C VAL A 21 -7.57 0.03 9.58
N THR A 22 -7.20 1.26 9.19
CA THR A 22 -8.04 2.11 8.35
C THR A 22 -7.23 2.73 7.22
N ILE A 23 -7.92 3.17 6.18
CA ILE A 23 -7.27 3.79 5.03
C ILE A 23 -6.52 5.05 5.46
N GLU A 24 -7.15 5.84 6.33
CA GLU A 24 -6.57 7.08 6.80
C GLU A 24 -5.32 6.83 7.66
N SER A 25 -5.31 5.75 8.46
CA SER A 25 -4.17 5.45 9.32
C SER A 25 -2.99 4.96 8.48
N VAL A 26 -3.26 4.04 7.54
CA VAL A 26 -2.24 3.55 6.64
C VAL A 26 -1.68 4.71 5.83
N ALA A 27 -2.57 5.59 5.36
CA ALA A 27 -2.13 6.72 4.56
C ALA A 27 -1.27 7.66 5.38
N ASP A 28 -1.59 7.81 6.67
CA ASP A 28 -0.84 8.68 7.56
C ASP A 28 0.55 8.08 7.82
N TYR A 29 0.67 6.75 7.76
CA TYR A 29 1.95 6.10 8.00
C TYR A 29 2.85 6.04 6.77
N PHE A 30 2.27 6.08 5.57
CA PHE A 30 3.02 6.05 4.33
C PHE A 30 3.29 7.41 3.71
N LYS A 31 2.44 8.41 4.02
CA LYS A 31 2.56 9.75 3.44
C LYS A 31 3.84 10.45 3.90
N GLN A 32 4.42 9.99 5.01
CA GLN A 32 5.62 10.64 5.54
C GLN A 32 6.85 10.37 4.68
N ILE A 33 6.82 9.31 3.88
CA ILE A 33 7.90 9.02 2.94
C ILE A 33 7.70 9.78 1.64
N GLY A 34 6.47 9.77 1.12
CA GLY A 34 6.14 10.47 -0.11
C GLY A 34 4.63 10.63 -0.28
N ILE A 35 4.22 11.51 -1.19
CA ILE A 35 2.82 11.81 -1.41
C ILE A 35 2.11 10.57 -1.96
N ILE A 36 1.05 10.15 -1.26
CA ILE A 36 0.18 9.08 -1.72
C ILE A 36 -0.76 9.64 -2.78
N LYS A 37 -0.95 8.90 -3.88
CA LYS A 37 -1.80 9.36 -4.98
C LYS A 37 -3.25 9.35 -4.53
N THR A 38 -3.98 10.41 -4.85
CA THR A 38 -5.38 10.53 -4.46
C THR A 38 -6.34 10.13 -5.57
N ASN A 39 -7.46 9.50 -5.21
CA ASN A 39 -8.51 9.19 -6.16
C ASN A 39 -9.31 10.45 -6.47
N LYS A 40 -9.52 10.74 -7.76
CA LYS A 40 -10.31 11.91 -8.17
C LYS A 40 -11.80 11.57 -8.16
N LYS A 41 -12.15 10.29 -8.02
CA LYS A 41 -13.52 9.84 -8.13
C LYS A 41 -14.12 9.58 -6.75
N THR A 42 -13.25 9.42 -5.75
CA THR A 42 -13.66 9.10 -4.38
C THR A 42 -13.08 10.05 -3.34
N GLY A 43 -11.97 10.70 -3.67
CA GLY A 43 -11.38 11.75 -2.84
C GLY A 43 -10.54 11.18 -1.70
N GLN A 44 -10.59 9.85 -1.49
CA GLN A 44 -9.77 9.20 -0.49
C GLN A 44 -8.41 8.86 -1.12
N PRO A 45 -7.36 8.70 -0.29
CA PRO A 45 -6.05 8.33 -0.79
C PRO A 45 -6.07 6.90 -1.32
N MET A 46 -5.15 6.57 -2.22
CA MET A 46 -5.10 5.24 -2.82
C MET A 46 -4.62 4.19 -1.84
N ILE A 47 -5.56 3.64 -1.07
CA ILE A 47 -5.31 2.49 -0.21
C ILE A 47 -6.41 1.48 -0.47
N ASN A 48 -6.08 0.20 -0.54
CA ASN A 48 -7.08 -0.83 -0.67
C ASN A 48 -6.85 -1.91 0.37
N LEU A 49 -7.68 -1.91 1.41
CA LEU A 49 -7.65 -2.89 2.47
C LEU A 49 -8.29 -4.19 1.98
N TYR A 50 -7.89 -5.33 2.56
CA TYR A 50 -8.48 -6.60 2.20
C TYR A 50 -9.23 -7.30 3.32
N THR A 51 -10.27 -8.04 2.95
CA THR A 51 -11.13 -8.73 3.90
C THR A 51 -11.45 -10.16 3.48
N ASP A 52 -11.57 -11.07 4.44
CA ASP A 52 -11.88 -12.46 4.16
C ASP A 52 -13.37 -12.54 3.80
N ARG A 53 -13.68 -13.24 2.71
CA ARG A 53 -15.07 -13.40 2.27
C ARG A 53 -15.74 -14.58 2.98
N GLU A 54 -14.96 -15.36 3.75
CA GLU A 54 -15.47 -16.51 4.47
C GLU A 54 -15.72 -16.22 5.95
N THR A 55 -15.20 -15.08 6.45
CA THR A 55 -15.35 -14.69 7.85
C THR A 55 -15.63 -13.20 8.00
N GLY A 56 -15.27 -12.40 7.00
CA GLY A 56 -15.54 -10.98 7.01
C GLY A 56 -14.52 -10.22 7.86
N LYS A 57 -13.51 -10.92 8.40
CA LYS A 57 -12.45 -10.27 9.16
C LYS A 57 -11.38 -9.75 8.19
N LEU A 58 -10.63 -8.73 8.60
CA LEU A 58 -9.62 -8.12 7.74
C LEU A 58 -8.43 -9.08 7.58
N LYS A 59 -7.87 -9.13 6.37
CA LYS A 59 -6.75 -10.00 6.04
C LYS A 59 -5.45 -9.49 6.63
N GLY A 60 -5.42 -8.23 7.05
CA GLY A 60 -4.21 -7.60 7.55
C GLY A 60 -3.30 -7.18 6.39
N GLU A 61 -3.86 -7.05 5.19
CA GLU A 61 -3.11 -6.68 3.99
C GLU A 61 -3.78 -5.52 3.28
N ALA A 62 -2.98 -4.66 2.63
CA ALA A 62 -3.50 -3.59 1.82
C ALA A 62 -2.48 -3.16 0.78
N THR A 63 -2.94 -2.46 -0.26
CA THR A 63 -2.03 -1.79 -1.21
C THR A 63 -2.05 -0.31 -0.90
N VAL A 64 -0.96 0.38 -1.25
CA VAL A 64 -0.88 1.84 -1.21
C VAL A 64 -0.23 2.34 -2.49
N SER A 65 -0.81 3.36 -3.13
CA SER A 65 -0.27 3.87 -4.37
C SER A 65 0.29 5.28 -4.19
N PHE A 66 1.48 5.53 -4.75
CA PHE A 66 2.17 6.80 -4.64
C PHE A 66 2.01 7.70 -5.85
N ASP A 67 2.22 9.00 -5.68
CA ASP A 67 2.11 9.94 -6.78
C ASP A 67 3.29 9.75 -7.74
N ASP A 68 4.45 9.33 -7.20
CA ASP A 68 5.66 9.12 -7.98
C ASP A 68 6.22 7.72 -7.63
N PRO A 69 6.89 7.06 -8.59
CA PRO A 69 7.44 5.72 -8.40
C PRO A 69 8.63 5.64 -7.44
N PRO A 70 9.53 6.65 -7.36
CA PRO A 70 10.69 6.54 -6.50
C PRO A 70 10.27 6.69 -5.04
N SER A 71 9.12 7.32 -4.80
CA SER A 71 8.56 7.43 -3.46
C SER A 71 8.03 6.07 -3.01
N ALA A 72 7.49 5.29 -3.94
CA ALA A 72 7.03 3.94 -3.65
C ALA A 72 8.22 3.05 -3.31
N LYS A 73 9.33 3.19 -4.05
CA LYS A 73 10.51 2.38 -3.77
C LYS A 73 11.15 2.81 -2.45
N ALA A 74 11.13 4.10 -2.14
CA ALA A 74 11.63 4.57 -0.85
C ALA A 74 10.75 4.04 0.28
N ALA A 75 9.44 3.92 0.02
CA ALA A 75 8.51 3.41 1.02
C ALA A 75 8.80 1.95 1.29
N ILE A 76 9.16 1.18 0.26
CA ILE A 76 9.55 -0.21 0.48
C ILE A 76 10.85 -0.27 1.25
N ASP A 77 11.87 0.43 0.74
CA ASP A 77 13.19 0.44 1.33
C ASP A 77 13.20 0.89 2.79
N TRP A 78 12.23 1.73 3.17
CA TRP A 78 12.12 2.23 4.52
C TRP A 78 11.14 1.44 5.40
N PHE A 79 9.89 1.28 4.96
CA PHE A 79 8.86 0.65 5.80
C PHE A 79 8.98 -0.85 5.90
N ASP A 80 9.47 -1.52 4.85
CA ASP A 80 9.60 -2.97 4.87
C ASP A 80 10.40 -3.42 6.10
N GLY A 81 9.71 -4.07 7.04
CA GLY A 81 10.33 -4.64 8.23
C GLY A 81 10.08 -3.79 9.49
N LYS A 82 9.40 -2.64 9.33
CA LYS A 82 9.05 -1.78 10.47
C LYS A 82 7.73 -2.25 11.09
N GLU A 83 7.12 -1.39 11.91
CA GLU A 83 5.87 -1.71 12.56
C GLU A 83 4.85 -0.59 12.35
N PHE A 84 3.56 -0.98 12.37
CA PHE A 84 2.44 -0.07 12.21
C PHE A 84 1.26 -0.45 13.09
N SER A 85 0.65 0.54 13.77
CA SER A 85 -0.42 0.29 14.73
C SER A 85 -0.02 -0.76 15.78
N GLY A 86 1.29 -0.97 15.97
CA GLY A 86 1.79 -1.91 16.95
C GLY A 86 1.93 -3.32 16.38
N ASN A 87 2.03 -3.44 15.06
CA ASN A 87 2.12 -4.73 14.38
C ASN A 87 3.27 -4.69 13.37
N PRO A 88 4.02 -5.78 13.23
CA PRO A 88 5.09 -5.88 12.25
C PRO A 88 4.50 -5.93 10.85
N ILE A 89 5.11 -5.20 9.91
CA ILE A 89 4.61 -5.14 8.54
C ILE A 89 5.71 -5.51 7.55
N LYS A 90 5.31 -5.71 6.30
CA LYS A 90 6.22 -6.09 5.23
C LYS A 90 5.75 -5.43 3.93
N VAL A 91 6.56 -4.48 3.42
CA VAL A 91 6.25 -3.74 2.21
C VAL A 91 7.04 -4.24 1.00
N SER A 92 6.48 -4.13 -0.21
CA SER A 92 7.15 -4.52 -1.44
C SER A 92 6.47 -3.87 -2.64
N PHE A 93 7.06 -4.01 -3.84
CA PHE A 93 6.45 -3.49 -5.06
C PHE A 93 5.25 -4.31 -5.51
N ALA A 94 4.15 -3.63 -5.80
CA ALA A 94 2.92 -4.26 -6.25
C ALA A 94 2.80 -4.27 -7.78
N THR A 95 1.66 -4.79 -8.26
CA THR A 95 1.30 -4.79 -9.67
C THR A 95 -0.24 -4.82 -9.76
N ARG A 96 -0.81 -4.94 -10.96
CA ARG A 96 -2.25 -5.08 -11.11
C ARG A 96 -2.65 -6.55 -11.25
N ARG A 97 -2.85 -7.24 -10.12
CA ARG A 97 -3.45 -8.56 -10.14
C ARG A 97 -4.92 -8.44 -10.56
N ALA A 98 -5.43 -7.21 -10.54
CA ALA A 98 -6.75 -6.86 -10.99
C ALA A 98 -6.91 -7.03 -12.50
N ASP A 99 -5.81 -7.38 -13.20
CA ASP A 99 -5.83 -7.47 -14.65
C ASP A 99 -5.85 -8.90 -15.20
N PHE A 100 -5.74 -9.91 -14.34
CA PHE A 100 -5.83 -11.30 -14.76
C PHE A 100 -6.76 -12.18 -13.91
N ASN A 101 -7.08 -11.72 -12.70
CA ASN A 101 -8.06 -12.40 -11.86
C ASN A 101 -9.49 -12.10 -12.31
N ARG A 102 -9.64 -11.16 -13.26
CA ARG A 102 -10.94 -10.71 -13.72
C ARG A 102 -10.83 -10.18 -15.15
N GLY A 1 13.70 -10.68 -22.28
CA GLY A 1 13.97 -10.14 -20.95
C GLY A 1 14.12 -8.62 -20.99
N SER A 2 13.95 -7.96 -19.85
CA SER A 2 14.06 -6.52 -19.74
C SER A 2 14.53 -6.09 -18.35
N HIS A 3 14.98 -7.08 -17.54
CA HIS A 3 15.42 -6.85 -16.17
C HIS A 3 14.33 -6.19 -15.31
N MET A 4 14.66 -5.93 -14.04
CA MET A 4 13.72 -5.30 -13.12
C MET A 4 13.45 -3.86 -13.56
N ASP A 5 12.18 -3.44 -13.50
CA ASP A 5 11.78 -2.10 -13.87
C ASP A 5 10.48 -1.73 -13.15
N ASN A 6 10.43 -0.50 -12.63
CA ASN A 6 9.28 0.02 -11.90
C ASN A 6 9.00 1.48 -12.27
N SER A 7 9.51 1.92 -13.43
CA SER A 7 9.30 3.28 -13.90
C SER A 7 7.81 3.53 -14.20
N ASP A 8 7.03 2.46 -14.33
CA ASP A 8 5.59 2.51 -14.55
C ASP A 8 4.82 1.92 -13.36
N ASN A 9 5.50 1.77 -12.22
CA ASN A 9 4.91 1.14 -11.04
C ASN A 9 5.09 2.04 -9.82
N ASN A 10 3.98 2.59 -9.35
CA ASN A 10 3.98 3.49 -8.20
C ASN A 10 3.26 2.89 -6.99
N THR A 11 2.84 1.63 -7.08
CA THR A 11 2.04 1.01 -6.03
C THR A 11 2.87 0.02 -5.24
N ILE A 12 2.62 -0.03 -3.93
CA ILE A 12 3.27 -0.96 -3.05
C ILE A 12 2.22 -1.84 -2.39
N PHE A 13 2.57 -3.11 -2.18
CA PHE A 13 1.70 -4.02 -1.47
C PHE A 13 2.18 -4.02 -0.02
N VAL A 14 1.25 -4.16 0.91
CA VAL A 14 1.56 -4.19 2.34
C VAL A 14 0.88 -5.37 3.02
N GLN A 15 1.56 -5.94 4.01
CA GLN A 15 1.00 -7.02 4.82
C GLN A 15 1.28 -6.74 6.29
N GLY A 16 0.42 -7.26 7.17
CA GLY A 16 0.66 -7.26 8.60
C GLY A 16 0.18 -5.98 9.28
N LEU A 17 -0.60 -5.16 8.56
CA LEU A 17 -1.03 -3.87 9.08
C LEU A 17 -1.79 -4.03 10.38
N GLY A 18 -2.78 -4.93 10.40
CA GLY A 18 -3.61 -5.18 11.56
C GLY A 18 -5.01 -5.60 11.14
N GLU A 19 -5.84 -6.00 12.10
CA GLU A 19 -7.18 -6.52 11.80
C GLU A 19 -8.26 -5.44 11.95
N ASN A 20 -7.90 -4.25 12.43
CA ASN A 20 -8.86 -3.15 12.57
C ASN A 20 -8.37 -1.85 11.92
N VAL A 21 -7.35 -1.93 11.07
CA VAL A 21 -6.72 -0.75 10.49
C VAL A 21 -7.64 0.00 9.53
N THR A 22 -7.30 1.27 9.25
CA THR A 22 -8.08 2.14 8.39
C THR A 22 -7.25 2.71 7.25
N ILE A 23 -7.94 3.15 6.20
CA ILE A 23 -7.30 3.74 5.02
C ILE A 23 -6.56 5.01 5.41
N GLU A 24 -7.21 5.86 6.21
CA GLU A 24 -6.64 7.11 6.67
C GLU A 24 -5.41 6.88 7.55
N SER A 25 -5.43 5.82 8.37
CA SER A 25 -4.33 5.56 9.29
C SER A 25 -3.10 5.06 8.53
N VAL A 26 -3.28 4.10 7.62
CA VAL A 26 -2.16 3.60 6.85
C VAL A 26 -1.67 4.67 5.90
N ALA A 27 -2.58 5.51 5.38
CA ALA A 27 -2.17 6.61 4.53
C ALA A 27 -1.34 7.60 5.34
N ASP A 28 -1.65 7.74 6.62
CA ASP A 28 -0.93 8.66 7.49
C ASP A 28 0.45 8.08 7.81
N TYR A 29 0.57 6.74 7.80
CA TYR A 29 1.85 6.10 8.09
C TYR A 29 2.78 6.03 6.88
N PHE A 30 2.21 6.04 5.66
CA PHE A 30 2.99 5.99 4.43
C PHE A 30 3.26 7.35 3.79
N LYS A 31 2.40 8.35 4.06
CA LYS A 31 2.55 9.67 3.44
C LYS A 31 3.80 10.37 3.93
N GLN A 32 4.38 9.93 5.05
CA GLN A 32 5.57 10.56 5.60
C GLN A 32 6.81 10.28 4.74
N ILE A 33 6.76 9.23 3.92
CA ILE A 33 7.85 8.94 2.98
C ILE A 33 7.65 9.69 1.67
N GLY A 34 6.43 9.65 1.13
CA GLY A 34 6.12 10.33 -0.11
C GLY A 34 4.61 10.48 -0.30
N ILE A 35 4.21 11.28 -1.29
CA ILE A 35 2.82 11.59 -1.52
C ILE A 35 2.08 10.37 -2.06
N ILE A 36 1.05 9.93 -1.32
CA ILE A 36 0.15 8.88 -1.76
C ILE A 36 -0.75 9.46 -2.85
N LYS A 37 -1.00 8.69 -3.91
CA LYS A 37 -1.79 9.16 -5.04
C LYS A 37 -3.25 9.26 -4.63
N THR A 38 -3.82 10.46 -4.70
CA THR A 38 -5.21 10.69 -4.36
C THR A 38 -6.15 10.46 -5.53
N ASN A 39 -7.31 9.85 -5.26
CA ASN A 39 -8.31 9.63 -6.27
C ASN A 39 -8.92 10.97 -6.65
N LYS A 40 -8.96 11.28 -7.96
CA LYS A 40 -9.51 12.54 -8.43
C LYS A 40 -11.04 12.44 -8.52
N LYS A 41 -11.59 11.24 -8.29
CA LYS A 41 -13.01 10.98 -8.45
C LYS A 41 -13.70 10.79 -7.11
N THR A 42 -12.92 10.59 -6.04
CA THR A 42 -13.47 10.36 -4.70
C THR A 42 -12.78 11.19 -3.62
N GLY A 43 -11.54 11.62 -3.87
CA GLY A 43 -10.82 12.52 -2.99
C GLY A 43 -10.13 11.76 -1.84
N GLN A 44 -10.40 10.47 -1.68
CA GLN A 44 -9.71 9.65 -0.70
C GLN A 44 -8.39 9.16 -1.30
N PRO A 45 -7.40 8.82 -0.45
CA PRO A 45 -6.11 8.36 -0.93
C PRO A 45 -6.25 6.93 -1.49
N MET A 46 -5.34 6.54 -2.39
CA MET A 46 -5.36 5.21 -2.97
C MET A 46 -4.89 4.15 -2.00
N ILE A 47 -5.85 3.48 -1.37
CA ILE A 47 -5.57 2.37 -0.47
C ILE A 47 -6.68 1.34 -0.62
N ASN A 48 -6.34 0.06 -0.51
CA ASN A 48 -7.34 -0.99 -0.43
C ASN A 48 -7.02 -1.89 0.75
N LEU A 49 -8.04 -2.20 1.55
CA LEU A 49 -7.92 -3.09 2.70
C LEU A 49 -8.58 -4.41 2.35
N TYR A 50 -7.91 -5.52 2.66
CA TYR A 50 -8.41 -6.84 2.31
C TYR A 50 -9.15 -7.56 3.44
N THR A 51 -10.10 -8.42 3.08
CA THR A 51 -10.98 -9.09 4.02
C THR A 51 -11.23 -10.54 3.68
N ASP A 52 -11.27 -11.40 4.70
CA ASP A 52 -11.46 -12.83 4.51
C ASP A 52 -12.94 -13.08 4.22
N ARG A 53 -13.22 -13.96 3.25
CA ARG A 53 -14.58 -14.36 2.94
C ARG A 53 -15.04 -15.48 3.87
N GLU A 54 -14.10 -16.13 4.56
CA GLU A 54 -14.40 -17.24 5.45
C GLU A 54 -14.69 -16.78 6.88
N THR A 55 -14.32 -15.54 7.21
CA THR A 55 -14.51 -15.00 8.56
C THR A 55 -15.00 -13.56 8.58
N GLY A 56 -14.78 -12.83 7.47
CA GLY A 56 -15.23 -11.46 7.32
C GLY A 56 -14.31 -10.47 8.03
N LYS A 57 -13.23 -10.97 8.63
CA LYS A 57 -12.25 -10.13 9.32
C LYS A 57 -11.17 -9.70 8.34
N LEU A 58 -10.43 -8.64 8.69
CA LEU A 58 -9.40 -8.10 7.81
C LEU A 58 -8.24 -9.08 7.68
N LYS A 59 -7.67 -9.18 6.48
CA LYS A 59 -6.50 -10.01 6.22
C LYS A 59 -5.23 -9.35 6.74
N GLY A 60 -5.30 -8.04 7.02
CA GLY A 60 -4.14 -7.27 7.41
C GLY A 60 -3.30 -6.90 6.19
N GLU A 61 -3.79 -7.27 5.00
CA GLU A 61 -3.14 -6.97 3.74
C GLU A 61 -3.78 -5.75 3.08
N ALA A 62 -2.99 -5.01 2.30
CA ALA A 62 -3.48 -3.81 1.66
C ALA A 62 -2.58 -3.40 0.50
N THR A 63 -3.07 -2.47 -0.32
CA THR A 63 -2.25 -1.82 -1.34
C THR A 63 -2.29 -0.34 -1.03
N VAL A 64 -1.20 0.37 -1.38
CA VAL A 64 -1.11 1.81 -1.28
C VAL A 64 -0.44 2.34 -2.54
N SER A 65 -1.08 3.27 -3.26
CA SER A 65 -0.51 3.79 -4.50
C SER A 65 0.15 5.15 -4.27
N PHE A 66 1.25 5.41 -4.97
CA PHE A 66 1.99 6.67 -4.84
C PHE A 66 1.88 7.56 -6.06
N ASP A 67 2.13 8.86 -5.89
CA ASP A 67 2.05 9.82 -6.99
C ASP A 67 3.33 9.74 -7.84
N ASP A 68 4.37 9.09 -7.32
CA ASP A 68 5.65 8.95 -8.02
C ASP A 68 6.25 7.60 -7.64
N PRO A 69 6.97 6.95 -8.58
CA PRO A 69 7.55 5.64 -8.36
C PRO A 69 8.74 5.63 -7.39
N PRO A 70 9.57 6.68 -7.28
CA PRO A 70 10.72 6.65 -6.39
C PRO A 70 10.28 6.76 -4.94
N SER A 71 9.09 7.32 -4.71
CA SER A 71 8.51 7.42 -3.38
C SER A 71 8.03 6.03 -2.94
N ALA A 72 7.54 5.22 -3.88
CA ALA A 72 7.16 3.85 -3.60
C ALA A 72 8.40 3.01 -3.31
N LYS A 73 9.49 3.27 -4.05
CA LYS A 73 10.75 2.56 -3.85
C LYS A 73 11.28 2.88 -2.44
N ALA A 74 11.21 4.16 -2.04
CA ALA A 74 11.66 4.58 -0.73
C ALA A 74 10.75 4.01 0.36
N ALA A 75 9.45 3.88 0.07
CA ALA A 75 8.51 3.35 1.03
C ALA A 75 8.82 1.89 1.32
N ILE A 76 9.25 1.13 0.31
CA ILE A 76 9.66 -0.25 0.54
C ILE A 76 10.96 -0.26 1.32
N ASP A 77 11.97 0.48 0.83
CA ASP A 77 13.27 0.54 1.48
C ASP A 77 13.20 0.93 2.95
N TRP A 78 12.18 1.72 3.30
CA TRP A 78 12.01 2.20 4.66
C TRP A 78 11.04 1.38 5.50
N PHE A 79 9.79 1.22 5.03
CA PHE A 79 8.76 0.56 5.83
C PHE A 79 8.91 -0.95 5.89
N ASP A 80 9.51 -1.57 4.87
CA ASP A 80 9.73 -3.01 4.89
C ASP A 80 10.38 -3.47 6.20
N GLY A 81 9.61 -4.20 7.02
CA GLY A 81 10.11 -4.79 8.25
C GLY A 81 9.86 -3.92 9.48
N LYS A 82 9.23 -2.76 9.31
CA LYS A 82 8.88 -1.90 10.44
C LYS A 82 7.58 -2.35 11.08
N GLU A 83 6.97 -1.50 11.90
CA GLU A 83 5.71 -1.79 12.55
C GLU A 83 4.72 -0.65 12.36
N PHE A 84 3.43 -1.01 12.39
CA PHE A 84 2.33 -0.07 12.28
C PHE A 84 1.14 -0.49 13.11
N SER A 85 0.50 0.46 13.80
CA SER A 85 -0.59 0.18 14.72
C SER A 85 -0.18 -0.86 15.77
N GLY A 86 1.12 -1.06 15.94
CA GLY A 86 1.65 -2.00 16.93
C GLY A 86 1.81 -3.40 16.36
N ASN A 87 1.92 -3.52 15.04
CA ASN A 87 2.01 -4.81 14.36
C ASN A 87 3.14 -4.76 13.33
N PRO A 88 3.89 -5.86 13.19
CA PRO A 88 4.96 -5.94 12.21
C PRO A 88 4.37 -5.98 10.80
N ILE A 89 4.95 -5.22 9.88
CA ILE A 89 4.44 -5.13 8.52
C ILE A 89 5.48 -5.55 7.50
N LYS A 90 5.05 -5.69 6.25
CA LYS A 90 5.90 -6.10 5.14
C LYS A 90 5.48 -5.38 3.87
N VAL A 91 6.37 -4.53 3.33
CA VAL A 91 6.12 -3.76 2.12
C VAL A 91 6.91 -4.29 0.92
N SER A 92 6.34 -4.17 -0.28
CA SER A 92 7.02 -4.56 -1.53
C SER A 92 6.33 -3.92 -2.72
N PHE A 93 6.90 -4.07 -3.92
CA PHE A 93 6.30 -3.55 -5.13
C PHE A 93 5.06 -4.32 -5.59
N ALA A 94 4.00 -3.58 -5.93
CA ALA A 94 2.77 -4.16 -6.43
C ALA A 94 2.66 -4.05 -7.95
N THR A 95 1.57 -4.61 -8.49
CA THR A 95 1.21 -4.54 -9.91
C THR A 95 -0.30 -4.34 -10.04
N ARG A 96 -0.89 -4.70 -11.18
CA ARG A 96 -2.34 -4.72 -11.32
C ARG A 96 -2.84 -6.14 -11.55
N ARG A 97 -2.98 -6.92 -10.47
CA ARG A 97 -3.64 -8.22 -10.53
C ARG A 97 -5.08 -8.02 -11.02
N ALA A 98 -5.59 -6.80 -10.85
CA ALA A 98 -6.92 -6.41 -11.30
C ALA A 98 -7.06 -6.53 -12.82
N ASP A 99 -5.96 -6.74 -13.54
CA ASP A 99 -5.98 -6.80 -14.99
C ASP A 99 -6.07 -8.22 -15.56
N PHE A 100 -5.92 -9.24 -14.73
CA PHE A 100 -5.99 -10.62 -15.17
C PHE A 100 -6.80 -11.56 -14.30
N ASN A 101 -7.12 -11.15 -13.07
CA ASN A 101 -7.97 -11.93 -12.19
C ASN A 101 -9.43 -11.80 -12.61
N ARG A 102 -9.70 -10.89 -13.55
CA ARG A 102 -11.03 -10.61 -14.06
C ARG A 102 -10.96 -10.34 -15.56
N GLY A 1 8.42 9.12 -14.94
CA GLY A 1 8.42 8.76 -13.51
C GLY A 1 9.83 8.83 -12.92
N SER A 2 10.67 7.85 -13.27
CA SER A 2 12.04 7.79 -12.80
C SER A 2 12.92 7.06 -13.81
N HIS A 3 14.24 7.08 -13.59
CA HIS A 3 15.19 6.42 -14.48
C HIS A 3 15.13 4.89 -14.33
N MET A 4 14.45 4.41 -13.28
CA MET A 4 14.33 2.98 -13.03
C MET A 4 13.27 2.37 -13.93
N ASP A 5 13.32 1.05 -14.11
CA ASP A 5 12.33 0.33 -14.90
C ASP A 5 10.97 0.29 -14.18
N ASN A 6 10.96 0.61 -12.88
CA ASN A 6 9.74 0.63 -12.09
C ASN A 6 8.98 1.96 -12.25
N SER A 7 9.36 2.77 -13.24
CA SER A 7 8.71 4.04 -13.49
C SER A 7 7.24 3.83 -13.86
N ASP A 8 6.89 2.64 -14.33
CA ASP A 8 5.51 2.28 -14.65
C ASP A 8 4.76 1.68 -13.47
N ASN A 9 5.37 1.73 -12.27
CA ASN A 9 4.78 1.12 -11.08
C ASN A 9 4.96 2.03 -9.88
N ASN A 10 3.85 2.59 -9.40
CA ASN A 10 3.85 3.50 -8.26
C ASN A 10 3.14 2.90 -7.05
N THR A 11 2.76 1.62 -7.12
CA THR A 11 2.00 0.97 -6.06
C THR A 11 2.87 0.03 -5.25
N ILE A 12 2.61 -0.02 -3.95
CA ILE A 12 3.26 -0.95 -3.06
C ILE A 12 2.19 -1.82 -2.39
N PHE A 13 2.53 -3.07 -2.12
CA PHE A 13 1.66 -3.96 -1.39
C PHE A 13 2.16 -3.96 0.05
N VAL A 14 1.23 -4.09 1.00
CA VAL A 14 1.58 -4.17 2.41
C VAL A 14 0.86 -5.33 3.08
N GLN A 15 1.54 -5.96 4.03
CA GLN A 15 0.97 -7.05 4.82
C GLN A 15 1.23 -6.79 6.30
N GLY A 16 0.34 -7.30 7.15
CA GLY A 16 0.57 -7.33 8.59
C GLY A 16 0.11 -6.04 9.27
N LEU A 17 -0.65 -5.20 8.55
CA LEU A 17 -1.08 -3.92 9.07
C LEU A 17 -1.82 -4.10 10.39
N GLY A 18 -2.79 -5.01 10.42
CA GLY A 18 -3.59 -5.30 11.60
C GLY A 18 -5.03 -5.66 11.19
N GLU A 19 -5.84 -6.09 12.16
CA GLU A 19 -7.22 -6.51 11.90
C GLU A 19 -8.22 -5.40 12.24
N ASN A 20 -7.75 -4.24 12.68
CA ASN A 20 -8.61 -3.12 13.04
C ASN A 20 -8.18 -1.83 12.34
N VAL A 21 -7.30 -1.93 11.34
CA VAL A 21 -6.68 -0.76 10.71
C VAL A 21 -7.63 -0.02 9.77
N THR A 22 -7.24 1.20 9.38
CA THR A 22 -8.02 2.06 8.50
C THR A 22 -7.19 2.63 7.36
N ILE A 23 -7.89 3.06 6.31
CA ILE A 23 -7.25 3.64 5.13
C ILE A 23 -6.52 4.93 5.51
N GLU A 24 -7.19 5.79 6.27
CA GLU A 24 -6.61 7.05 6.71
C GLU A 24 -5.38 6.83 7.58
N SER A 25 -5.38 5.79 8.42
CA SER A 25 -4.27 5.54 9.32
C SER A 25 -3.05 5.04 8.57
N VAL A 26 -3.23 4.06 7.67
CA VAL A 26 -2.12 3.57 6.88
C VAL A 26 -1.63 4.64 5.91
N ALA A 27 -2.55 5.48 5.41
CA ALA A 27 -2.16 6.57 4.56
C ALA A 27 -1.31 7.56 5.35
N ASP A 28 -1.60 7.71 6.65
CA ASP A 28 -0.88 8.64 7.50
C ASP A 28 0.50 8.06 7.81
N TYR A 29 0.62 6.72 7.79
CA TYR A 29 1.91 6.08 8.07
C TYR A 29 2.81 6.00 6.85
N PHE A 30 2.23 6.02 5.64
CA PHE A 30 3.01 5.99 4.41
C PHE A 30 3.26 7.35 3.77
N LYS A 31 2.40 8.34 4.03
CA LYS A 31 2.53 9.66 3.42
C LYS A 31 3.79 10.38 3.89
N GLN A 32 4.38 9.94 5.01
CA GLN A 32 5.57 10.58 5.56
C GLN A 32 6.80 10.30 4.70
N ILE A 33 6.76 9.25 3.88
CA ILE A 33 7.84 8.95 2.96
C ILE A 33 7.63 9.71 1.65
N GLY A 34 6.41 9.67 1.12
CA GLY A 34 6.08 10.37 -0.12
C GLY A 34 4.58 10.49 -0.30
N ILE A 35 4.17 11.33 -1.26
CA ILE A 35 2.77 11.62 -1.49
C ILE A 35 2.04 10.39 -2.03
N ILE A 36 1.03 9.94 -1.29
CA ILE A 36 0.13 8.88 -1.74
C ILE A 36 -0.76 9.46 -2.84
N LYS A 37 -1.00 8.68 -3.90
CA LYS A 37 -1.80 9.16 -5.01
C LYS A 37 -3.25 9.29 -4.56
N THR A 38 -3.83 10.49 -4.73
CA THR A 38 -5.21 10.73 -4.36
C THR A 38 -6.16 10.58 -5.53
N ASN A 39 -7.30 9.94 -5.29
CA ASN A 39 -8.28 9.73 -6.33
C ASN A 39 -8.94 11.07 -6.66
N LYS A 40 -9.01 11.41 -7.95
CA LYS A 40 -9.63 12.65 -8.39
C LYS A 40 -11.15 12.48 -8.46
N LYS A 41 -11.63 11.25 -8.26
CA LYS A 41 -13.04 10.91 -8.41
C LYS A 41 -13.69 10.65 -7.06
N THR A 42 -12.90 10.45 -6.01
CA THR A 42 -13.41 10.15 -4.67
C THR A 42 -12.78 11.02 -3.58
N GLY A 43 -11.58 11.54 -3.83
CA GLY A 43 -10.91 12.46 -2.93
C GLY A 43 -10.20 11.74 -1.79
N GLN A 44 -10.41 10.44 -1.64
CA GLN A 44 -9.70 9.64 -0.65
C GLN A 44 -8.37 9.16 -1.24
N PRO A 45 -7.37 8.86 -0.40
CA PRO A 45 -6.08 8.40 -0.87
C PRO A 45 -6.20 6.99 -1.44
N MET A 46 -5.27 6.61 -2.33
CA MET A 46 -5.28 5.28 -2.94
C MET A 46 -4.81 4.23 -1.95
N ILE A 47 -5.78 3.58 -1.30
CA ILE A 47 -5.53 2.44 -0.44
C ILE A 47 -6.65 1.44 -0.63
N ASN A 48 -6.31 0.15 -0.64
CA ASN A 48 -7.33 -0.89 -0.73
C ASN A 48 -7.05 -1.97 0.29
N LEU A 49 -7.91 -2.05 1.30
CA LEU A 49 -7.85 -3.09 2.32
C LEU A 49 -8.44 -4.37 1.75
N TYR A 50 -7.99 -5.52 2.28
CA TYR A 50 -8.55 -6.80 1.89
C TYR A 50 -9.12 -7.58 3.06
N THR A 51 -10.16 -8.38 2.79
CA THR A 51 -10.88 -9.11 3.81
C THR A 51 -11.05 -10.59 3.50
N ASP A 52 -11.08 -11.41 4.55
CA ASP A 52 -11.28 -12.84 4.40
C ASP A 52 -12.75 -13.07 4.09
N ARG A 53 -13.04 -13.84 3.04
CA ARG A 53 -14.43 -14.11 2.66
C ARG A 53 -14.98 -15.29 3.46
N GLU A 54 -14.15 -15.94 4.28
CA GLU A 54 -14.57 -17.08 5.08
C GLU A 54 -14.81 -16.68 6.54
N THR A 55 -14.36 -15.49 6.95
CA THR A 55 -14.51 -15.00 8.32
C THR A 55 -14.93 -13.54 8.39
N GLY A 56 -14.64 -12.77 7.33
CA GLY A 56 -15.14 -11.41 7.20
C GLY A 56 -14.41 -10.42 8.13
N LYS A 57 -13.30 -10.84 8.74
CA LYS A 57 -12.53 -10.00 9.65
C LYS A 57 -11.74 -8.95 8.86
N LEU A 58 -10.44 -9.18 8.71
CA LEU A 58 -9.55 -8.40 7.85
C LEU A 58 -8.31 -9.24 7.55
N LYS A 59 -7.76 -9.12 6.34
CA LYS A 59 -6.57 -9.86 5.93
C LYS A 59 -5.32 -9.26 6.55
N GLY A 60 -5.40 -7.97 6.92
CA GLY A 60 -4.25 -7.21 7.35
C GLY A 60 -3.42 -6.80 6.14
N GLU A 61 -3.92 -7.08 4.93
CA GLU A 61 -3.25 -6.75 3.69
C GLU A 61 -3.90 -5.54 3.05
N ALA A 62 -3.10 -4.72 2.36
CA ALA A 62 -3.61 -3.58 1.64
C ALA A 62 -2.61 -3.09 0.60
N THR A 63 -3.11 -2.45 -0.46
CA THR A 63 -2.25 -1.75 -1.40
C THR A 63 -2.26 -0.28 -1.04
N VAL A 64 -1.16 0.41 -1.34
CA VAL A 64 -1.06 1.86 -1.24
C VAL A 64 -0.37 2.38 -2.49
N SER A 65 -0.98 3.34 -3.19
CA SER A 65 -0.40 3.86 -4.42
C SER A 65 0.22 5.23 -4.19
N PHE A 66 1.28 5.53 -4.94
CA PHE A 66 2.01 6.79 -4.83
C PHE A 66 1.90 7.68 -6.05
N ASP A 67 2.11 8.98 -5.88
CA ASP A 67 2.02 9.93 -6.98
C ASP A 67 3.24 9.74 -7.90
N ASP A 68 4.37 9.30 -7.33
CA ASP A 68 5.61 9.10 -8.04
C ASP A 68 6.17 7.72 -7.67
N PRO A 69 6.88 7.05 -8.60
CA PRO A 69 7.43 5.73 -8.39
C PRO A 69 8.62 5.67 -7.43
N PRO A 70 9.49 6.69 -7.33
CA PRO A 70 10.64 6.61 -6.46
C PRO A 70 10.21 6.74 -5.00
N SER A 71 9.03 7.33 -4.77
CA SER A 71 8.46 7.42 -3.43
C SER A 71 8.01 6.04 -2.97
N ALA A 72 7.48 5.24 -3.90
CA ALA A 72 7.11 3.86 -3.62
C ALA A 72 8.36 3.03 -3.34
N LYS A 73 9.44 3.29 -4.10
CA LYS A 73 10.69 2.58 -3.90
C LYS A 73 11.24 2.90 -2.52
N ALA A 74 11.16 4.17 -2.10
CA ALA A 74 11.63 4.59 -0.79
C ALA A 74 10.73 4.01 0.30
N ALA A 75 9.43 3.89 0.03
CA ALA A 75 8.50 3.36 1.01
C ALA A 75 8.82 1.89 1.30
N ILE A 76 9.24 1.13 0.29
CA ILE A 76 9.66 -0.23 0.52
C ILE A 76 10.98 -0.24 1.28
N ASP A 77 11.97 0.49 0.78
CA ASP A 77 13.28 0.56 1.40
C ASP A 77 13.24 0.96 2.87
N TRP A 78 12.23 1.75 3.25
CA TRP A 78 12.10 2.27 4.59
C TRP A 78 11.14 1.47 5.46
N PHE A 79 9.90 1.26 5.01
CA PHE A 79 8.89 0.59 5.83
C PHE A 79 9.03 -0.92 5.90
N ASP A 80 9.62 -1.54 4.87
CA ASP A 80 9.83 -2.98 4.88
C ASP A 80 10.47 -3.47 6.19
N GLY A 81 9.68 -4.21 6.98
CA GLY A 81 10.15 -4.84 8.20
C GLY A 81 9.90 -3.99 9.45
N LYS A 82 9.26 -2.82 9.30
CA LYS A 82 8.92 -1.97 10.44
C LYS A 82 7.61 -2.42 11.08
N GLU A 83 7.03 -1.55 11.91
CA GLU A 83 5.77 -1.83 12.57
C GLU A 83 4.77 -0.70 12.35
N PHE A 84 3.48 -1.04 12.38
CA PHE A 84 2.39 -0.11 12.25
C PHE A 84 1.19 -0.49 13.10
N SER A 85 0.58 0.49 13.78
CA SER A 85 -0.52 0.24 14.71
C SER A 85 -0.11 -0.78 15.79
N GLY A 86 1.20 -0.99 15.95
CA GLY A 86 1.74 -1.91 16.94
C GLY A 86 1.86 -3.34 16.40
N ASN A 87 1.93 -3.48 15.07
CA ASN A 87 2.00 -4.78 14.42
C ASN A 87 3.12 -4.77 13.39
N PRO A 88 3.85 -5.89 13.24
CA PRO A 88 4.91 -6.00 12.25
C PRO A 88 4.30 -6.02 10.85
N ILE A 89 4.90 -5.29 9.91
CA ILE A 89 4.38 -5.19 8.55
C ILE A 89 5.43 -5.60 7.54
N LYS A 90 5.00 -5.73 6.28
CA LYS A 90 5.87 -6.11 5.17
C LYS A 90 5.46 -5.37 3.91
N VAL A 91 6.34 -4.49 3.41
CA VAL A 91 6.10 -3.71 2.21
C VAL A 91 6.84 -4.27 1.00
N SER A 92 6.28 -4.12 -0.20
CA SER A 92 6.90 -4.61 -1.42
C SER A 92 6.28 -3.93 -2.65
N PHE A 93 6.89 -4.10 -3.82
CA PHE A 93 6.31 -3.59 -5.06
C PHE A 93 5.07 -4.36 -5.51
N ALA A 94 4.01 -3.63 -5.83
CA ALA A 94 2.75 -4.21 -6.27
C ALA A 94 2.67 -4.31 -7.80
N THR A 95 1.54 -4.82 -8.28
CA THR A 95 1.18 -4.87 -9.69
C THR A 95 -0.35 -4.81 -9.80
N ARG A 96 -0.92 -5.12 -10.97
CA ARG A 96 -2.37 -5.22 -11.09
C ARG A 96 -2.79 -6.67 -11.24
N ARG A 97 -2.76 -7.43 -10.13
CA ARG A 97 -3.23 -8.81 -10.13
C ARG A 97 -4.71 -8.85 -10.51
N ALA A 98 -5.38 -7.70 -10.43
CA ALA A 98 -6.76 -7.58 -10.86
C ALA A 98 -6.89 -7.94 -12.35
N ASP A 99 -5.91 -7.54 -13.15
CA ASP A 99 -5.99 -7.66 -14.60
C ASP A 99 -6.13 -9.09 -15.12
N PHE A 100 -5.95 -10.08 -14.24
CA PHE A 100 -6.13 -11.47 -14.60
C PHE A 100 -7.61 -11.89 -14.57
N ASN A 101 -8.45 -11.10 -13.89
CA ASN A 101 -9.85 -11.46 -13.66
C ASN A 101 -10.83 -10.38 -14.11
N ARG A 102 -10.39 -9.13 -14.26
CA ARG A 102 -11.27 -8.06 -14.72
C ARG A 102 -11.60 -8.25 -16.20
N GLY A 1 13.78 -11.75 -5.66
CA GLY A 1 15.03 -10.98 -5.56
C GLY A 1 14.96 -9.71 -6.38
N SER A 2 15.72 -8.68 -5.96
CA SER A 2 15.74 -7.36 -6.58
C SER A 2 14.37 -6.68 -6.53
N HIS A 3 14.35 -5.37 -6.75
CA HIS A 3 13.11 -4.59 -6.77
C HIS A 3 12.36 -4.81 -8.08
N MET A 4 13.03 -5.41 -9.08
CA MET A 4 12.49 -5.59 -10.42
C MET A 4 12.10 -4.27 -11.06
N ASP A 5 11.60 -4.32 -12.31
CA ASP A 5 11.19 -3.13 -13.03
C ASP A 5 9.89 -2.55 -12.48
N ASN A 6 9.84 -1.22 -12.40
CA ASN A 6 8.69 -0.49 -11.89
C ASN A 6 8.52 0.85 -12.62
N SER A 7 9.01 0.93 -13.87
CA SER A 7 8.91 2.13 -14.68
C SER A 7 7.45 2.40 -15.05
N ASP A 8 6.56 1.45 -14.72
CA ASP A 8 5.13 1.55 -14.98
C ASP A 8 4.31 1.20 -13.74
N ASN A 9 4.92 1.30 -12.55
CA ASN A 9 4.25 0.96 -11.31
C ASN A 9 4.65 1.94 -10.19
N ASN A 10 3.64 2.58 -9.60
CA ASN A 10 3.83 3.51 -8.49
C ASN A 10 3.19 2.97 -7.21
N THR A 11 2.80 1.69 -7.20
CA THR A 11 2.05 1.12 -6.11
C THR A 11 2.90 0.14 -5.31
N ILE A 12 2.65 0.09 -4.00
CA ILE A 12 3.30 -0.86 -3.10
C ILE A 12 2.22 -1.73 -2.46
N PHE A 13 2.57 -2.98 -2.17
CA PHE A 13 1.69 -3.87 -1.44
C PHE A 13 2.17 -3.92 0.00
N VAL A 14 1.22 -4.04 0.93
CA VAL A 14 1.52 -4.10 2.35
C VAL A 14 0.83 -5.29 3.00
N GLN A 15 1.50 -5.91 3.99
CA GLN A 15 0.93 -6.99 4.77
C GLN A 15 1.19 -6.74 6.25
N GLY A 16 0.32 -7.26 7.11
CA GLY A 16 0.55 -7.30 8.55
C GLY A 16 0.08 -6.03 9.25
N LEU A 17 -0.68 -5.19 8.56
CA LEU A 17 -1.09 -3.90 9.09
C LEU A 17 -1.84 -4.06 10.41
N GLY A 18 -2.83 -4.96 10.43
CA GLY A 18 -3.64 -5.21 11.62
C GLY A 18 -5.00 -5.79 11.25
N GLU A 19 -5.85 -6.03 12.24
CA GLU A 19 -7.15 -6.67 12.02
C GLU A 19 -8.29 -5.65 11.98
N ASN A 20 -8.03 -4.38 12.31
CA ASN A 20 -9.07 -3.35 12.31
C ASN A 20 -8.57 -2.01 11.77
N VAL A 21 -7.49 -2.03 10.97
CA VAL A 21 -6.84 -0.81 10.51
C VAL A 21 -7.70 -0.01 9.53
N THR A 22 -7.33 1.25 9.29
CA THR A 22 -8.08 2.15 8.42
C THR A 22 -7.24 2.71 7.29
N ILE A 23 -7.92 3.18 6.24
CA ILE A 23 -7.24 3.78 5.10
C ILE A 23 -6.49 5.03 5.53
N GLU A 24 -7.14 5.88 6.32
CA GLU A 24 -6.57 7.13 6.78
C GLU A 24 -5.33 6.91 7.66
N SER A 25 -5.35 5.87 8.50
CA SER A 25 -4.21 5.60 9.37
C SER A 25 -3.05 5.04 8.57
N VAL A 26 -3.32 4.12 7.65
CA VAL A 26 -2.30 3.58 6.76
C VAL A 26 -1.72 4.72 5.93
N ALA A 27 -2.59 5.61 5.43
CA ALA A 27 -2.14 6.72 4.61
C ALA A 27 -1.26 7.66 5.44
N ASP A 28 -1.57 7.81 6.72
CA ASP A 28 -0.81 8.68 7.61
C ASP A 28 0.56 8.05 7.87
N TYR A 29 0.66 6.72 7.79
CA TYR A 29 1.92 6.03 8.04
C TYR A 29 2.82 5.97 6.81
N PHE A 30 2.24 6.04 5.61
CA PHE A 30 3.00 6.02 4.37
C PHE A 30 3.29 7.40 3.77
N LYS A 31 2.46 8.40 4.08
CA LYS A 31 2.60 9.74 3.51
C LYS A 31 3.88 10.42 4.00
N GLN A 32 4.45 9.93 5.11
CA GLN A 32 5.65 10.54 5.66
C GLN A 32 6.88 10.26 4.79
N ILE A 33 6.82 9.24 3.94
CA ILE A 33 7.90 8.94 3.01
C ILE A 33 7.71 9.70 1.70
N GLY A 34 6.49 9.67 1.16
CA GLY A 34 6.18 10.36 -0.08
C GLY A 34 4.68 10.55 -0.26
N ILE A 35 4.30 11.34 -1.26
CA ILE A 35 2.90 11.70 -1.48
C ILE A 35 2.13 10.50 -2.02
N ILE A 36 1.12 10.06 -1.27
CA ILE A 36 0.21 9.02 -1.71
C ILE A 36 -0.70 9.61 -2.78
N LYS A 37 -0.92 8.88 -3.89
CA LYS A 37 -1.76 9.37 -4.97
C LYS A 37 -3.21 9.44 -4.51
N THR A 38 -3.85 10.58 -4.75
CA THR A 38 -5.24 10.76 -4.39
C THR A 38 -6.20 10.35 -5.48
N ASN A 39 -7.30 9.70 -5.12
CA ASN A 39 -8.33 9.33 -6.06
C ASN A 39 -8.97 10.61 -6.60
N LYS A 40 -9.06 10.73 -7.93
CA LYS A 40 -9.61 11.92 -8.56
C LYS A 40 -11.14 11.91 -8.52
N LYS A 41 -11.74 10.77 -8.14
CA LYS A 41 -13.18 10.62 -8.13
C LYS A 41 -13.72 10.66 -6.70
N THR A 42 -13.09 9.88 -5.81
CA THR A 42 -13.56 9.72 -4.44
C THR A 42 -12.90 10.70 -3.47
N GLY A 43 -11.72 11.21 -3.82
CA GLY A 43 -11.04 12.23 -3.04
C GLY A 43 -10.27 11.65 -1.86
N GLN A 44 -10.46 10.36 -1.57
CA GLN A 44 -9.68 9.69 -0.53
C GLN A 44 -8.34 9.24 -1.14
N PRO A 45 -7.31 9.00 -0.31
CA PRO A 45 -6.02 8.56 -0.80
C PRO A 45 -6.12 7.14 -1.34
N MET A 46 -5.23 6.77 -2.27
CA MET A 46 -5.24 5.45 -2.87
C MET A 46 -4.74 4.40 -1.89
N ILE A 47 -5.67 3.77 -1.18
CA ILE A 47 -5.41 2.65 -0.32
C ILE A 47 -6.55 1.66 -0.46
N ASN A 48 -6.24 0.36 -0.39
CA ASN A 48 -7.27 -0.66 -0.33
C ASN A 48 -6.96 -1.63 0.79
N LEU A 49 -7.96 -1.93 1.62
CA LEU A 49 -7.85 -2.92 2.67
C LEU A 49 -8.57 -4.19 2.21
N TYR A 50 -7.96 -5.35 2.47
CA TYR A 50 -8.56 -6.62 2.08
C TYR A 50 -9.19 -7.38 3.23
N THR A 51 -10.17 -8.24 2.93
CA THR A 51 -10.92 -8.98 3.93
C THR A 51 -11.09 -10.44 3.57
N ASP A 52 -11.15 -11.30 4.59
CA ASP A 52 -11.31 -12.73 4.39
C ASP A 52 -12.79 -12.99 4.11
N ARG A 53 -13.09 -13.74 3.05
CA ARG A 53 -14.46 -14.10 2.71
C ARG A 53 -14.95 -15.25 3.59
N GLU A 54 -14.04 -15.93 4.29
CA GLU A 54 -14.39 -17.08 5.12
C GLU A 54 -14.68 -16.66 6.56
N THR A 55 -14.31 -15.44 6.95
CA THR A 55 -14.51 -14.95 8.31
C THR A 55 -15.02 -13.50 8.37
N GLY A 56 -14.71 -12.72 7.34
CA GLY A 56 -15.21 -11.35 7.21
C GLY A 56 -14.49 -10.40 8.15
N LYS A 57 -13.39 -10.85 8.78
CA LYS A 57 -12.62 -10.04 9.72
C LYS A 57 -11.77 -9.00 8.97
N LEU A 58 -10.51 -9.32 8.72
CA LEU A 58 -9.62 -8.52 7.88
C LEU A 58 -8.39 -9.36 7.52
N LYS A 59 -7.81 -9.10 6.33
CA LYS A 59 -6.62 -9.82 5.89
C LYS A 59 -5.36 -9.20 6.47
N GLY A 60 -5.45 -7.92 6.87
CA GLY A 60 -4.29 -7.15 7.30
C GLY A 60 -3.42 -6.78 6.10
N GLU A 61 -3.90 -7.10 4.90
CA GLU A 61 -3.21 -6.79 3.66
C GLU A 61 -3.81 -5.55 3.02
N ALA A 62 -3.00 -4.79 2.28
CA ALA A 62 -3.46 -3.58 1.64
C ALA A 62 -2.56 -3.18 0.48
N THR A 63 -3.03 -2.23 -0.32
CA THR A 63 -2.21 -1.58 -1.34
C THR A 63 -2.20 -0.11 -1.00
N VAL A 64 -1.10 0.57 -1.39
CA VAL A 64 -0.97 2.01 -1.30
C VAL A 64 -0.31 2.53 -2.57
N SER A 65 -0.94 3.47 -3.26
CA SER A 65 -0.38 4.00 -4.50
C SER A 65 0.27 5.36 -4.26
N PHE A 66 1.31 5.67 -5.03
CA PHE A 66 2.06 6.91 -4.91
C PHE A 66 1.99 7.81 -6.13
N ASP A 67 2.17 9.12 -5.93
CA ASP A 67 2.20 10.08 -7.02
C ASP A 67 3.46 9.99 -7.87
N ASP A 68 4.49 9.27 -7.38
CA ASP A 68 5.75 9.09 -8.09
C ASP A 68 6.30 7.72 -7.69
N PRO A 69 7.00 7.04 -8.60
CA PRO A 69 7.55 5.72 -8.38
C PRO A 69 8.75 5.67 -7.40
N PRO A 70 9.60 6.72 -7.30
CA PRO A 70 10.75 6.66 -6.41
C PRO A 70 10.29 6.79 -4.96
N SER A 71 9.12 7.37 -4.74
CA SER A 71 8.53 7.46 -3.42
C SER A 71 8.05 6.08 -2.97
N ALA A 72 7.52 5.29 -3.91
CA ALA A 72 7.13 3.92 -3.64
C ALA A 72 8.38 3.08 -3.35
N LYS A 73 9.47 3.35 -4.06
CA LYS A 73 10.73 2.64 -3.87
C LYS A 73 11.27 2.92 -2.47
N ALA A 74 11.23 4.19 -2.05
CA ALA A 74 11.69 4.58 -0.72
C ALA A 74 10.77 4.01 0.35
N ALA A 75 9.46 3.92 0.06
CA ALA A 75 8.52 3.39 1.02
C ALA A 75 8.81 1.92 1.30
N ILE A 76 9.20 1.16 0.27
CA ILE A 76 9.59 -0.22 0.49
C ILE A 76 10.88 -0.27 1.27
N ASP A 77 11.91 0.41 0.77
CA ASP A 77 13.22 0.43 1.41
C ASP A 77 13.19 0.85 2.87
N TRP A 78 12.20 1.66 3.24
CA TRP A 78 12.07 2.14 4.60
C TRP A 78 11.09 1.33 5.44
N PHE A 79 9.84 1.17 4.98
CA PHE A 79 8.81 0.52 5.78
C PHE A 79 8.94 -1.00 5.83
N ASP A 80 9.53 -1.61 4.82
CA ASP A 80 9.77 -3.05 4.82
C ASP A 80 10.39 -3.53 6.13
N GLY A 81 9.59 -4.26 6.92
CA GLY A 81 10.07 -4.88 8.16
C GLY A 81 9.82 -4.03 9.40
N LYS A 82 9.22 -2.85 9.24
CA LYS A 82 8.88 -2.00 10.39
C LYS A 82 7.56 -2.44 11.01
N GLU A 83 6.98 -1.58 11.85
CA GLU A 83 5.71 -1.86 12.50
C GLU A 83 4.72 -0.72 12.31
N PHE A 84 3.43 -1.06 12.39
CA PHE A 84 2.33 -0.12 12.27
C PHE A 84 1.15 -0.51 13.13
N SER A 85 0.55 0.46 13.82
CA SER A 85 -0.54 0.19 14.77
C SER A 85 -0.11 -0.86 15.82
N GLY A 86 1.19 -1.06 15.98
CA GLY A 86 1.75 -2.00 16.94
C GLY A 86 1.84 -3.41 16.38
N ASN A 87 1.93 -3.54 15.05
CA ASN A 87 1.98 -4.84 14.39
C ASN A 87 3.10 -4.81 13.36
N PRO A 88 3.83 -5.92 13.20
CA PRO A 88 4.89 -6.02 12.20
C PRO A 88 4.27 -6.05 10.81
N ILE A 89 4.86 -5.29 9.87
CA ILE A 89 4.34 -5.20 8.52
C ILE A 89 5.39 -5.61 7.50
N LYS A 90 4.96 -5.72 6.23
CA LYS A 90 5.84 -6.09 5.13
C LYS A 90 5.43 -5.33 3.87
N VAL A 91 6.33 -4.50 3.35
CA VAL A 91 6.09 -3.72 2.13
C VAL A 91 6.89 -4.24 0.94
N SER A 92 6.34 -4.10 -0.28
CA SER A 92 7.02 -4.51 -1.49
C SER A 92 6.35 -3.87 -2.70
N PHE A 93 6.95 -4.01 -3.89
CA PHE A 93 6.36 -3.51 -5.12
C PHE A 93 5.13 -4.29 -5.57
N ALA A 94 4.06 -3.56 -5.87
CA ALA A 94 2.80 -4.15 -6.29
C ALA A 94 2.77 -4.43 -7.81
N THR A 95 1.64 -4.94 -8.27
CA THR A 95 1.33 -5.18 -9.67
C THR A 95 -0.17 -4.99 -9.86
N ARG A 96 -0.77 -5.54 -10.92
CA ARG A 96 -2.20 -5.40 -11.14
C ARG A 96 -2.98 -6.55 -10.53
N ARG A 97 -2.48 -7.79 -10.67
CA ARG A 97 -3.16 -9.02 -10.23
C ARG A 97 -4.52 -9.24 -10.92
N ALA A 98 -5.18 -8.15 -11.33
CA ALA A 98 -6.47 -8.18 -11.97
C ALA A 98 -6.33 -8.44 -13.46
N ASP A 99 -5.29 -7.89 -14.08
CA ASP A 99 -5.16 -7.89 -15.53
C ASP A 99 -4.94 -9.29 -16.13
N PHE A 100 -4.79 -10.30 -15.26
CA PHE A 100 -4.63 -11.67 -15.69
C PHE A 100 -5.97 -12.36 -15.95
N ASN A 101 -7.08 -11.69 -15.60
CA ASN A 101 -8.41 -12.28 -15.70
C ASN A 101 -9.45 -11.29 -16.21
N ARG A 102 -9.21 -9.99 -16.07
CA ARG A 102 -10.15 -8.96 -16.52
C ARG A 102 -9.40 -7.77 -17.13
N GLY A 1 11.67 12.64 -9.71
CA GLY A 1 11.87 11.31 -10.31
C GLY A 1 10.57 10.77 -10.89
N SER A 2 10.57 10.47 -12.19
CA SER A 2 9.39 9.95 -12.88
C SER A 2 9.80 9.07 -14.06
N HIS A 3 11.06 8.63 -14.10
CA HIS A 3 11.59 7.81 -15.17
C HIS A 3 12.67 6.87 -14.63
N MET A 4 12.84 5.72 -15.30
CA MET A 4 13.75 4.65 -14.89
C MET A 4 13.36 4.06 -13.53
N ASP A 5 13.71 2.78 -13.32
CA ASP A 5 13.44 2.05 -12.09
C ASP A 5 11.97 2.07 -11.68
N ASN A 6 11.20 1.10 -12.18
CA ASN A 6 9.78 0.96 -11.85
C ASN A 6 8.99 2.24 -12.08
N SER A 7 9.33 3.00 -13.13
CA SER A 7 8.64 4.23 -13.46
C SER A 7 7.19 3.96 -13.85
N ASP A 8 6.89 2.70 -14.20
CA ASP A 8 5.55 2.27 -14.57
C ASP A 8 4.78 1.65 -13.40
N ASN A 9 5.37 1.70 -12.20
CA ASN A 9 4.77 1.09 -11.02
C ASN A 9 4.96 1.99 -9.81
N ASN A 10 3.85 2.57 -9.33
CA ASN A 10 3.86 3.49 -8.21
C ASN A 10 3.14 2.92 -7.00
N THR A 11 2.75 1.64 -7.04
CA THR A 11 1.98 1.04 -5.97
C THR A 11 2.84 0.08 -5.18
N ILE A 12 2.63 0.07 -3.86
CA ILE A 12 3.27 -0.87 -2.96
C ILE A 12 2.23 -1.81 -2.38
N PHE A 13 2.63 -3.05 -2.14
CA PHE A 13 1.79 -4.01 -1.45
C PHE A 13 2.25 -4.00 0.01
N VAL A 14 1.30 -4.10 0.93
CA VAL A 14 1.59 -4.13 2.36
C VAL A 14 0.88 -5.29 3.04
N GLN A 15 1.55 -5.90 4.01
CA GLN A 15 0.98 -6.97 4.81
C GLN A 15 1.26 -6.71 6.29
N GLY A 16 0.39 -7.23 7.16
CA GLY A 16 0.62 -7.24 8.59
C GLY A 16 0.15 -5.96 9.27
N LEU A 17 -0.61 -5.13 8.56
CA LEU A 17 -1.04 -3.83 9.07
C LEU A 17 -1.79 -4.01 10.39
N GLY A 18 -2.80 -4.89 10.40
CA GLY A 18 -3.62 -5.16 11.57
C GLY A 18 -5.02 -5.59 11.16
N GLU A 19 -5.82 -6.03 12.13
CA GLU A 19 -7.14 -6.57 11.85
C GLU A 19 -8.23 -5.49 11.91
N ASN A 20 -7.89 -4.29 12.37
CA ASN A 20 -8.87 -3.21 12.51
C ASN A 20 -8.37 -1.86 11.97
N VAL A 21 -7.30 -1.89 11.16
CA VAL A 21 -6.67 -0.67 10.66
C VAL A 21 -7.57 0.10 9.70
N THR A 22 -7.26 1.39 9.50
CA THR A 22 -8.02 2.27 8.62
C THR A 22 -7.18 2.79 7.47
N ILE A 23 -7.84 3.18 6.38
CA ILE A 23 -7.17 3.70 5.21
C ILE A 23 -6.39 4.96 5.55
N GLU A 24 -7.00 5.85 6.32
CA GLU A 24 -6.39 7.11 6.70
C GLU A 24 -5.21 6.92 7.64
N SER A 25 -5.24 5.87 8.48
CA SER A 25 -4.14 5.61 9.39
C SER A 25 -2.94 5.05 8.62
N VAL A 26 -3.20 4.13 7.69
CA VAL A 26 -2.16 3.59 6.82
C VAL A 26 -1.60 4.73 5.98
N ALA A 27 -2.47 5.61 5.49
CA ALA A 27 -2.05 6.73 4.67
C ALA A 27 -1.18 7.67 5.50
N ASP A 28 -1.48 7.82 6.79
CA ASP A 28 -0.72 8.69 7.68
C ASP A 28 0.65 8.07 7.95
N TYR A 29 0.74 6.74 7.90
CA TYR A 29 2.01 6.06 8.16
C TYR A 29 2.92 6.01 6.93
N PHE A 30 2.34 6.07 5.73
CA PHE A 30 3.09 6.05 4.48
C PHE A 30 3.38 7.42 3.87
N LYS A 31 2.55 8.42 4.17
CA LYS A 31 2.69 9.75 3.60
C LYS A 31 3.96 10.44 4.09
N GLN A 32 4.54 9.95 5.19
CA GLN A 32 5.74 10.56 5.75
C GLN A 32 6.97 10.29 4.88
N ILE A 33 6.91 9.25 4.04
CA ILE A 33 7.99 8.96 3.10
C ILE A 33 7.82 9.73 1.81
N GLY A 34 6.59 9.72 1.26
CA GLY A 34 6.30 10.42 0.02
C GLY A 34 4.80 10.62 -0.16
N ILE A 35 4.43 11.40 -1.18
CA ILE A 35 3.05 11.76 -1.42
C ILE A 35 2.27 10.55 -1.91
N ILE A 36 1.26 10.15 -1.13
CA ILE A 36 0.34 9.09 -1.54
C ILE A 36 -0.61 9.65 -2.59
N LYS A 37 -0.87 8.87 -3.64
CA LYS A 37 -1.75 9.30 -4.71
C LYS A 37 -3.18 9.36 -4.19
N THR A 38 -3.95 10.35 -4.63
CA THR A 38 -5.33 10.49 -4.23
C THR A 38 -6.28 10.38 -5.41
N ASN A 39 -7.37 9.64 -5.23
CA ASN A 39 -8.34 9.42 -6.27
C ASN A 39 -9.06 10.73 -6.56
N LYS A 40 -9.17 11.09 -7.84
CA LYS A 40 -9.87 12.31 -8.23
C LYS A 40 -11.38 12.09 -8.29
N LYS A 41 -11.82 10.82 -8.21
CA LYS A 41 -13.23 10.49 -8.23
C LYS A 41 -13.78 10.26 -6.84
N THR A 42 -13.08 9.44 -6.05
CA THR A 42 -13.51 9.09 -4.69
C THR A 42 -13.05 10.08 -3.63
N GLY A 43 -11.93 10.79 -3.90
CA GLY A 43 -11.43 11.84 -3.04
C GLY A 43 -10.67 11.30 -1.84
N GLN A 44 -10.71 9.98 -1.61
CA GLN A 44 -9.97 9.35 -0.53
C GLN A 44 -8.57 8.99 -1.05
N PRO A 45 -7.59 8.79 -0.16
CA PRO A 45 -6.26 8.39 -0.59
C PRO A 45 -6.33 6.99 -1.17
N MET A 46 -5.47 6.70 -2.14
CA MET A 46 -5.56 5.47 -2.92
C MET A 46 -4.97 4.30 -2.17
N ILE A 47 -5.81 3.69 -1.33
CA ILE A 47 -5.49 2.50 -0.56
C ILE A 47 -6.61 1.48 -0.77
N ASN A 48 -6.26 0.20 -0.76
CA ASN A 48 -7.26 -0.86 -0.85
C ASN A 48 -6.99 -1.92 0.21
N LEU A 49 -7.88 -1.99 1.21
CA LEU A 49 -7.84 -2.97 2.28
C LEU A 49 -8.45 -4.27 1.76
N TYR A 50 -7.96 -5.41 2.28
CA TYR A 50 -8.52 -6.69 1.93
C TYR A 50 -9.21 -7.40 3.10
N THR A 51 -10.20 -8.23 2.79
CA THR A 51 -11.03 -8.87 3.79
C THR A 51 -11.33 -10.34 3.49
N ASP A 52 -11.37 -11.16 4.55
CA ASP A 52 -11.63 -12.59 4.41
C ASP A 52 -13.11 -12.77 4.07
N ARG A 53 -13.41 -13.60 3.08
CA ARG A 53 -14.78 -13.86 2.65
C ARG A 53 -15.40 -14.98 3.48
N GLU A 54 -14.58 -15.68 4.28
CA GLU A 54 -15.04 -16.79 5.10
C GLU A 54 -15.29 -16.36 6.55
N THR A 55 -14.78 -15.17 6.94
CA THR A 55 -14.92 -14.66 8.29
C THR A 55 -15.29 -13.18 8.35
N GLY A 56 -15.02 -12.45 7.27
CA GLY A 56 -15.39 -11.05 7.15
C GLY A 56 -14.42 -10.13 7.89
N LYS A 57 -13.37 -10.71 8.48
CA LYS A 57 -12.34 -9.94 9.18
C LYS A 57 -11.26 -9.54 8.19
N LEU A 58 -10.49 -8.50 8.53
CA LEU A 58 -9.47 -7.97 7.63
C LEU A 58 -8.34 -8.97 7.45
N LYS A 59 -7.78 -9.02 6.23
CA LYS A 59 -6.63 -9.87 5.92
C LYS A 59 -5.36 -9.28 6.52
N GLY A 60 -5.40 -8.00 6.91
CA GLY A 60 -4.24 -7.29 7.38
C GLY A 60 -3.35 -6.85 6.20
N GLU A 61 -3.87 -6.98 4.97
CA GLU A 61 -3.14 -6.65 3.77
C GLU A 61 -3.82 -5.51 3.02
N ALA A 62 -3.02 -4.70 2.32
CA ALA A 62 -3.54 -3.57 1.56
C ALA A 62 -2.55 -3.14 0.48
N THR A 63 -3.04 -2.37 -0.49
CA THR A 63 -2.17 -1.71 -1.46
C THR A 63 -2.24 -0.21 -1.22
N VAL A 64 -1.18 0.50 -1.59
CA VAL A 64 -1.13 1.96 -1.53
C VAL A 64 -0.50 2.53 -2.79
N SER A 65 -1.21 3.42 -3.49
CA SER A 65 -0.66 4.04 -4.68
C SER A 65 0.07 5.33 -4.32
N PHE A 66 1.20 5.60 -4.97
CA PHE A 66 1.97 6.82 -4.78
C PHE A 66 1.92 7.76 -5.98
N ASP A 67 2.07 9.06 -5.73
CA ASP A 67 1.97 10.05 -6.80
C ASP A 67 3.18 9.90 -7.74
N ASP A 68 4.31 9.44 -7.20
CA ASP A 68 5.55 9.28 -7.94
C ASP A 68 6.12 7.89 -7.62
N PRO A 69 6.83 7.26 -8.57
CA PRO A 69 7.38 5.92 -8.40
C PRO A 69 8.54 5.83 -7.40
N PRO A 70 9.40 6.86 -7.24
CA PRO A 70 10.54 6.75 -6.35
C PRO A 70 10.09 6.86 -4.89
N SER A 71 8.90 7.43 -4.67
CA SER A 71 8.32 7.51 -3.34
C SER A 71 7.86 6.12 -2.89
N ALA A 72 7.35 5.32 -3.83
CA ALA A 72 6.98 3.95 -3.55
C ALA A 72 8.23 3.11 -3.33
N LYS A 73 9.30 3.39 -4.09
CA LYS A 73 10.56 2.69 -3.95
C LYS A 73 11.15 2.98 -2.57
N ALA A 74 11.10 4.23 -2.14
CA ALA A 74 11.60 4.61 -0.82
C ALA A 74 10.72 4.02 0.28
N ALA A 75 9.41 3.93 0.04
CA ALA A 75 8.49 3.39 1.02
C ALA A 75 8.80 1.92 1.28
N ILE A 76 9.19 1.16 0.24
CA ILE A 76 9.58 -0.21 0.44
C ILE A 76 10.92 -0.28 1.15
N ASP A 77 11.89 0.49 0.66
CA ASP A 77 13.25 0.46 1.20
C ASP A 77 13.23 0.84 2.68
N TRP A 78 12.24 1.63 3.10
CA TRP A 78 12.14 2.09 4.46
C TRP A 78 11.18 1.27 5.32
N PHE A 79 9.91 1.13 4.91
CA PHE A 79 8.90 0.49 5.74
C PHE A 79 9.02 -1.03 5.80
N ASP A 80 9.59 -1.65 4.77
CA ASP A 80 9.82 -3.09 4.77
C ASP A 80 10.47 -3.57 6.08
N GLY A 81 9.69 -4.26 6.91
CA GLY A 81 10.19 -4.88 8.13
C GLY A 81 9.96 -4.02 9.37
N LYS A 82 9.31 -2.86 9.23
CA LYS A 82 9.00 -2.00 10.37
C LYS A 82 7.69 -2.44 11.03
N GLU A 83 7.10 -1.57 11.85
CA GLU A 83 5.84 -1.86 12.53
C GLU A 83 4.85 -0.72 12.34
N PHE A 84 3.57 -1.06 12.40
CA PHE A 84 2.47 -0.11 12.29
C PHE A 84 1.29 -0.49 13.16
N SER A 85 0.69 0.49 13.84
CA SER A 85 -0.36 0.23 14.82
C SER A 85 0.07 -0.81 15.87
N GLY A 86 1.39 -1.01 16.01
CA GLY A 86 1.94 -1.95 16.97
C GLY A 86 2.02 -3.36 16.40
N ASN A 87 2.04 -3.50 15.07
CA ASN A 87 2.06 -4.78 14.40
C ASN A 87 3.19 -4.79 13.36
N PRO A 88 3.90 -5.91 13.20
CA PRO A 88 4.95 -6.05 12.21
C PRO A 88 4.33 -6.05 10.82
N ILE A 89 4.94 -5.30 9.89
CA ILE A 89 4.42 -5.19 8.53
C ILE A 89 5.46 -5.63 7.51
N LYS A 90 5.03 -5.73 6.26
CA LYS A 90 5.89 -6.12 5.15
C LYS A 90 5.48 -5.35 3.89
N VAL A 91 6.38 -4.52 3.38
CA VAL A 91 6.14 -3.73 2.17
C VAL A 91 6.94 -4.26 0.98
N SER A 92 6.38 -4.14 -0.23
CA SER A 92 7.06 -4.56 -1.45
C SER A 92 6.38 -3.91 -2.66
N PHE A 93 6.94 -4.11 -3.86
CA PHE A 93 6.34 -3.61 -5.09
C PHE A 93 5.09 -4.36 -5.50
N ALA A 94 4.02 -3.63 -5.80
CA ALA A 94 2.78 -4.21 -6.25
C ALA A 94 2.81 -4.50 -7.75
N THR A 95 1.72 -5.09 -8.27
CA THR A 95 1.54 -5.41 -9.68
C THR A 95 0.08 -5.21 -10.08
N ARG A 96 -0.38 -5.90 -11.13
CA ARG A 96 -1.79 -5.94 -11.50
C ARG A 96 -2.29 -7.37 -11.42
N ARG A 97 -2.34 -7.94 -10.21
CA ARG A 97 -2.96 -9.25 -10.01
C ARG A 97 -4.41 -9.22 -10.50
N ALA A 98 -4.95 -8.01 -10.64
CA ALA A 98 -6.27 -7.76 -11.15
C ALA A 98 -6.41 -8.23 -12.61
N ASP A 99 -5.30 -8.53 -13.28
CA ASP A 99 -5.32 -8.87 -14.69
C ASP A 99 -5.30 -10.39 -14.95
N PHE A 100 -4.62 -11.15 -14.08
CA PHE A 100 -4.41 -12.58 -14.31
C PHE A 100 -5.12 -13.52 -13.35
N ASN A 101 -5.53 -13.01 -12.20
CA ASN A 101 -6.23 -13.83 -11.22
C ASN A 101 -7.72 -13.96 -11.57
N ARG A 102 -8.17 -13.20 -12.58
CA ARG A 102 -9.56 -13.23 -13.01
C ARG A 102 -9.92 -14.58 -13.61
N GLY A 1 21.28 4.59 -19.69
CA GLY A 1 20.08 5.44 -19.66
C GLY A 1 19.93 6.13 -18.31
N SER A 2 18.71 6.55 -17.98
CA SER A 2 18.41 7.21 -16.71
C SER A 2 18.55 6.24 -15.55
N HIS A 3 18.85 6.77 -14.36
CA HIS A 3 19.00 5.96 -13.15
C HIS A 3 17.63 5.53 -12.61
N MET A 4 16.55 6.08 -13.16
CA MET A 4 15.19 5.76 -12.74
C MET A 4 14.83 4.32 -13.13
N ASP A 5 13.86 3.74 -12.41
CA ASP A 5 13.40 2.38 -12.65
C ASP A 5 11.98 2.28 -12.08
N ASN A 6 11.25 1.23 -12.47
CA ASN A 6 9.88 1.01 -12.05
C ASN A 6 9.01 2.25 -12.28
N SER A 7 9.29 3.01 -13.33
CA SER A 7 8.56 4.24 -13.63
C SER A 7 7.10 3.91 -13.96
N ASP A 8 6.82 2.66 -14.37
CA ASP A 8 5.48 2.21 -14.68
C ASP A 8 4.75 1.65 -13.46
N ASN A 9 5.35 1.75 -12.28
CA ASN A 9 4.80 1.17 -11.07
C ASN A 9 5.02 2.09 -9.87
N ASN A 10 3.93 2.69 -9.38
CA ASN A 10 3.98 3.60 -8.25
C ASN A 10 3.26 3.02 -7.02
N THR A 11 2.86 1.75 -7.08
CA THR A 11 2.07 1.14 -6.02
C THR A 11 2.90 0.15 -5.23
N ILE A 12 2.64 0.09 -3.92
CA ILE A 12 3.28 -0.86 -3.05
C ILE A 12 2.21 -1.73 -2.40
N PHE A 13 2.56 -2.99 -2.14
CA PHE A 13 1.66 -3.88 -1.41
C PHE A 13 2.15 -3.90 0.03
N VAL A 14 1.22 -4.02 0.97
CA VAL A 14 1.55 -4.07 2.39
C VAL A 14 0.86 -5.26 3.06
N GLN A 15 1.57 -5.89 3.99
CA GLN A 15 1.04 -7.01 4.76
C GLN A 15 1.27 -6.75 6.24
N GLY A 16 0.38 -7.27 7.09
CA GLY A 16 0.59 -7.29 8.53
C GLY A 16 0.12 -6.00 9.20
N LEU A 17 -0.67 -5.19 8.50
CA LEU A 17 -1.10 -3.90 9.02
C LEU A 17 -1.82 -4.07 10.35
N GLY A 18 -2.81 -4.96 10.38
CA GLY A 18 -3.60 -5.21 11.58
C GLY A 18 -5.03 -5.62 11.22
N GLU A 19 -5.84 -5.94 12.23
CA GLU A 19 -7.22 -6.38 12.03
C GLU A 19 -8.22 -5.26 12.30
N ASN A 20 -7.75 -4.08 12.72
CA ASN A 20 -8.61 -2.95 13.03
C ASN A 20 -8.15 -1.67 12.32
N VAL A 21 -7.28 -1.80 11.31
CA VAL A 21 -6.65 -0.65 10.66
C VAL A 21 -7.61 0.10 9.73
N THR A 22 -7.23 1.34 9.38
CA THR A 22 -8.02 2.21 8.53
C THR A 22 -7.20 2.77 7.38
N ILE A 23 -7.90 3.24 6.34
CA ILE A 23 -7.26 3.81 5.17
C ILE A 23 -6.51 5.08 5.53
N GLU A 24 -7.15 5.95 6.32
CA GLU A 24 -6.55 7.20 6.76
C GLU A 24 -5.33 6.95 7.64
N SER A 25 -5.35 5.90 8.47
CA SER A 25 -4.25 5.61 9.38
C SER A 25 -3.03 5.11 8.62
N VAL A 26 -3.23 4.15 7.70
CA VAL A 26 -2.12 3.63 6.91
C VAL A 26 -1.63 4.71 5.95
N ALA A 27 -2.52 5.56 5.46
CA ALA A 27 -2.12 6.65 4.59
C ALA A 27 -1.27 7.63 5.39
N ASP A 28 -1.56 7.78 6.68
CA ASP A 28 -0.81 8.68 7.54
C ASP A 28 0.56 8.08 7.84
N TYR A 29 0.66 6.74 7.82
CA TYR A 29 1.93 6.08 8.10
C TYR A 29 2.84 6.01 6.89
N PHE A 30 2.28 6.04 5.68
CA PHE A 30 3.06 6.02 4.45
C PHE A 30 3.34 7.39 3.83
N LYS A 31 2.48 8.37 4.09
CA LYS A 31 2.62 9.71 3.49
C LYS A 31 3.88 10.41 3.97
N GLN A 32 4.46 9.94 5.09
CA GLN A 32 5.67 10.56 5.64
C GLN A 32 6.89 10.27 4.78
N ILE A 33 6.84 9.23 3.94
CA ILE A 33 7.93 8.94 3.00
C ILE A 33 7.72 9.72 1.71
N GLY A 34 6.49 9.70 1.18
CA GLY A 34 6.17 10.43 -0.03
C GLY A 34 4.66 10.55 -0.22
N ILE A 35 4.26 11.40 -1.16
CA ILE A 35 2.84 11.71 -1.38
C ILE A 35 2.11 10.50 -1.93
N ILE A 36 1.06 10.06 -1.23
CA ILE A 36 0.16 9.02 -1.69
C ILE A 36 -0.73 9.61 -2.77
N LYS A 37 -0.95 8.87 -3.87
CA LYS A 37 -1.76 9.36 -4.96
C LYS A 37 -3.22 9.40 -4.53
N THR A 38 -3.88 10.53 -4.76
CA THR A 38 -5.29 10.67 -4.41
C THR A 38 -6.21 10.24 -5.54
N ASN A 39 -7.30 9.54 -5.19
CA ASN A 39 -8.29 9.14 -6.16
C ASN A 39 -8.95 10.38 -6.75
N LYS A 40 -9.06 10.42 -8.08
CA LYS A 40 -9.60 11.58 -8.78
C LYS A 40 -11.14 11.55 -8.74
N LYS A 41 -11.72 10.43 -8.31
CA LYS A 41 -13.16 10.24 -8.32
C LYS A 41 -13.72 10.28 -6.90
N THR A 42 -13.10 9.50 -6.00
CA THR A 42 -13.57 9.37 -4.63
C THR A 42 -12.95 10.41 -3.69
N GLY A 43 -11.77 10.92 -4.03
CA GLY A 43 -11.12 11.99 -3.28
C GLY A 43 -10.36 11.46 -2.07
N GLN A 44 -10.53 10.17 -1.73
CA GLN A 44 -9.75 9.55 -0.67
C GLN A 44 -8.39 9.12 -1.22
N PRO A 45 -7.38 8.93 -0.37
CA PRO A 45 -6.06 8.49 -0.84
C PRO A 45 -6.15 7.08 -1.39
N MET A 46 -5.24 6.72 -2.31
CA MET A 46 -5.23 5.39 -2.92
C MET A 46 -4.78 4.34 -1.93
N ILE A 47 -5.76 3.69 -1.31
CA ILE A 47 -5.52 2.55 -0.43
C ILE A 47 -6.64 1.56 -0.63
N ASN A 48 -6.31 0.26 -0.61
CA ASN A 48 -7.33 -0.77 -0.61
C ASN A 48 -7.02 -1.80 0.46
N LEU A 49 -7.86 -1.83 1.50
CA LEU A 49 -7.77 -2.83 2.56
C LEU A 49 -8.48 -4.10 2.06
N TYR A 50 -8.01 -5.27 2.50
CA TYR A 50 -8.64 -6.51 2.11
C TYR A 50 -9.27 -7.29 3.25
N THR A 51 -10.30 -8.07 2.93
CA THR A 51 -11.06 -8.82 3.91
C THR A 51 -11.27 -10.29 3.52
N ASP A 52 -11.27 -11.18 4.50
CA ASP A 52 -11.46 -12.60 4.24
C ASP A 52 -12.94 -12.82 4.00
N ARG A 53 -13.28 -13.58 2.95
CA ARG A 53 -14.66 -13.89 2.65
C ARG A 53 -15.13 -15.15 3.40
N GLU A 54 -14.20 -15.83 4.06
CA GLU A 54 -14.51 -17.05 4.81
C GLU A 54 -14.69 -16.74 6.31
N THR A 55 -14.27 -15.56 6.76
CA THR A 55 -14.35 -15.15 8.15
C THR A 55 -14.85 -13.73 8.35
N GLY A 56 -14.71 -12.89 7.31
CA GLY A 56 -15.20 -11.51 7.34
C GLY A 56 -14.24 -10.59 8.09
N LYS A 57 -13.13 -11.12 8.59
CA LYS A 57 -12.13 -10.32 9.28
C LYS A 57 -11.11 -9.80 8.26
N LEU A 58 -10.41 -8.72 8.61
CA LEU A 58 -9.46 -8.09 7.70
C LEU A 58 -8.26 -9.01 7.50
N LYS A 59 -7.74 -9.02 6.27
CA LYS A 59 -6.58 -9.83 5.90
C LYS A 59 -5.31 -9.26 6.52
N GLY A 60 -5.36 -7.99 6.93
CA GLY A 60 -4.17 -7.27 7.33
C GLY A 60 -3.36 -6.85 6.12
N GLU A 61 -3.91 -7.10 4.92
CA GLU A 61 -3.26 -6.77 3.66
C GLU A 61 -3.89 -5.52 3.05
N ALA A 62 -3.10 -4.75 2.31
CA ALA A 62 -3.60 -3.58 1.62
C ALA A 62 -2.62 -3.10 0.56
N THR A 63 -3.12 -2.33 -0.41
CA THR A 63 -2.26 -1.63 -1.35
C THR A 63 -2.26 -0.17 -0.97
N VAL A 64 -1.15 0.52 -1.28
CA VAL A 64 -1.04 1.97 -1.18
C VAL A 64 -0.34 2.48 -2.43
N SER A 65 -0.95 3.43 -3.14
CA SER A 65 -0.38 3.93 -4.39
C SER A 65 0.22 5.32 -4.19
N PHE A 66 1.35 5.59 -4.84
CA PHE A 66 2.07 6.84 -4.72
C PHE A 66 1.95 7.74 -5.95
N ASP A 67 2.18 9.04 -5.78
CA ASP A 67 2.12 9.98 -6.87
C ASP A 67 3.34 9.80 -7.78
N ASP A 68 4.47 9.38 -7.19
CA ASP A 68 5.74 9.21 -7.90
C ASP A 68 6.31 7.82 -7.55
N PRO A 69 7.01 7.18 -8.50
CA PRO A 69 7.55 5.84 -8.34
C PRO A 69 8.74 5.76 -7.35
N PRO A 70 9.62 6.77 -7.24
CA PRO A 70 10.78 6.65 -6.36
C PRO A 70 10.34 6.75 -4.90
N SER A 71 9.18 7.37 -4.65
CA SER A 71 8.63 7.45 -3.31
C SER A 71 8.11 6.07 -2.88
N ALA A 72 7.57 5.30 -3.83
CA ALA A 72 7.14 3.93 -3.56
C ALA A 72 8.37 3.05 -3.31
N LYS A 73 9.46 3.29 -4.05
CA LYS A 73 10.69 2.55 -3.91
C LYS A 73 11.29 2.80 -2.52
N ALA A 74 11.27 4.07 -2.08
CA ALA A 74 11.78 4.44 -0.77
C ALA A 74 10.84 3.89 0.32
N ALA A 75 9.54 3.84 0.04
CA ALA A 75 8.57 3.33 1.00
C ALA A 75 8.83 1.85 1.27
N ILE A 76 9.22 1.09 0.24
CA ILE A 76 9.56 -0.30 0.45
C ILE A 76 10.86 -0.40 1.24
N ASP A 77 11.90 0.30 0.77
CA ASP A 77 13.20 0.28 1.41
C ASP A 77 13.17 0.69 2.88
N TRP A 78 12.21 1.55 3.24
CA TRP A 78 12.07 2.04 4.60
C TRP A 78 11.06 1.25 5.43
N PHE A 79 9.82 1.12 4.98
CA PHE A 79 8.77 0.50 5.78
C PHE A 79 8.87 -1.02 5.86
N ASP A 80 9.36 -1.67 4.80
CA ASP A 80 9.47 -3.12 4.81
C ASP A 80 10.27 -3.59 6.01
N GLY A 81 9.59 -4.21 6.99
CA GLY A 81 10.21 -4.79 8.17
C GLY A 81 9.96 -3.95 9.42
N LYS A 82 9.29 -2.80 9.29
CA LYS A 82 8.94 -1.96 10.43
C LYS A 82 7.62 -2.42 11.04
N GLU A 83 7.02 -1.57 11.88
CA GLU A 83 5.74 -1.86 12.51
C GLU A 83 4.77 -0.70 12.32
N PHE A 84 3.48 -1.03 12.36
CA PHE A 84 2.39 -0.09 12.25
C PHE A 84 1.19 -0.48 13.11
N SER A 85 0.58 0.49 13.79
CA SER A 85 -0.52 0.23 14.73
C SER A 85 -0.11 -0.80 15.78
N GLY A 86 1.20 -1.05 15.92
CA GLY A 86 1.74 -1.98 16.91
C GLY A 86 1.86 -3.39 16.35
N ASN A 87 1.95 -3.53 15.02
CA ASN A 87 2.02 -4.82 14.37
C ASN A 87 3.13 -4.79 13.32
N PRO A 88 3.89 -5.88 13.17
CA PRO A 88 4.94 -5.98 12.18
C PRO A 88 4.32 -6.00 10.78
N ILE A 89 4.91 -5.24 9.85
CA ILE A 89 4.39 -5.16 8.50
C ILE A 89 5.45 -5.58 7.48
N LYS A 90 5.02 -5.71 6.22
CA LYS A 90 5.90 -6.12 5.13
C LYS A 90 5.48 -5.40 3.86
N VAL A 91 6.35 -4.52 3.35
CA VAL A 91 6.08 -3.76 2.12
C VAL A 91 6.84 -4.32 0.93
N SER A 92 6.28 -4.17 -0.28
CA SER A 92 6.95 -4.60 -1.51
C SER A 92 6.28 -3.94 -2.72
N PHE A 93 6.86 -4.14 -3.91
CA PHE A 93 6.28 -3.62 -5.14
C PHE A 93 5.00 -4.35 -5.56
N ALA A 94 3.96 -3.57 -5.88
CA ALA A 94 2.68 -4.12 -6.29
C ALA A 94 2.56 -4.23 -7.82
N THR A 95 1.43 -4.76 -8.27
CA THR A 95 1.05 -4.84 -9.68
C THR A 95 -0.47 -4.72 -9.78
N ARG A 96 -1.09 -5.18 -10.87
CA ARG A 96 -2.54 -5.19 -10.97
C ARG A 96 -3.06 -6.62 -11.17
N ARG A 97 -3.30 -7.34 -10.08
CA ARG A 97 -3.97 -8.63 -10.15
C ARG A 97 -5.40 -8.45 -10.64
N ALA A 98 -5.91 -7.22 -10.59
CA ALA A 98 -7.24 -6.90 -11.05
C ALA A 98 -7.41 -7.26 -12.52
N ASP A 99 -6.32 -7.24 -13.28
CA ASP A 99 -6.36 -7.45 -14.72
C ASP A 99 -6.87 -8.86 -15.04
N PHE A 100 -6.85 -9.77 -14.07
CA PHE A 100 -7.30 -11.13 -14.26
C PHE A 100 -8.82 -11.29 -14.17
N ASN A 101 -9.52 -10.26 -13.67
CA ASN A 101 -10.95 -10.35 -13.40
C ASN A 101 -11.75 -9.12 -13.85
N ARG A 102 -11.09 -8.05 -14.31
CA ARG A 102 -11.79 -6.88 -14.83
C ARG A 102 -10.94 -6.18 -15.89
N GLY A 1 8.69 10.38 -14.07
CA GLY A 1 8.86 8.96 -13.70
C GLY A 1 10.21 8.72 -13.02
N SER A 2 10.96 7.73 -13.50
CA SER A 2 12.27 7.40 -12.96
C SER A 2 13.12 6.70 -14.02
N HIS A 3 14.45 6.73 -13.84
CA HIS A 3 15.36 6.04 -14.74
C HIS A 3 15.30 4.53 -14.52
N MET A 4 14.72 4.11 -13.38
CA MET A 4 14.55 2.71 -13.06
C MET A 4 13.35 2.14 -13.84
N ASP A 5 13.39 0.84 -14.13
CA ASP A 5 12.33 0.17 -14.88
C ASP A 5 11.01 0.14 -14.12
N ASN A 6 11.03 0.46 -12.82
CA ASN A 6 9.84 0.51 -11.99
C ASN A 6 9.08 1.82 -12.17
N SER A 7 9.45 2.63 -13.18
CA SER A 7 8.78 3.90 -13.43
C SER A 7 7.31 3.66 -13.81
N ASP A 8 6.99 2.44 -14.27
CA ASP A 8 5.62 2.07 -14.61
C ASP A 8 4.85 1.49 -13.41
N ASN A 9 5.45 1.55 -12.21
CA ASN A 9 4.87 0.97 -11.02
C ASN A 9 5.03 1.91 -9.84
N ASN A 10 3.91 2.47 -9.39
CA ASN A 10 3.89 3.43 -8.28
C ASN A 10 3.18 2.85 -7.06
N THR A 11 2.81 1.57 -7.11
CA THR A 11 2.05 0.95 -6.04
C THR A 11 2.91 0.01 -5.24
N ILE A 12 2.69 -0.01 -3.93
CA ILE A 12 3.33 -0.95 -3.03
C ILE A 12 2.27 -1.84 -2.40
N PHE A 13 2.64 -3.10 -2.13
CA PHE A 13 1.75 -4.00 -1.42
C PHE A 13 2.24 -4.02 0.02
N VAL A 14 1.29 -4.14 0.96
CA VAL A 14 1.59 -4.18 2.38
C VAL A 14 0.89 -5.36 3.04
N GLN A 15 1.57 -5.99 4.01
CA GLN A 15 0.99 -7.07 4.79
C GLN A 15 1.26 -6.79 6.27
N GLY A 16 0.36 -7.29 7.14
CA GLY A 16 0.59 -7.29 8.57
C GLY A 16 0.10 -6.01 9.25
N LEU A 17 -0.67 -5.19 8.52
CA LEU A 17 -1.12 -3.91 9.04
C LEU A 17 -1.88 -4.11 10.36
N GLY A 18 -2.87 -5.01 10.35
CA GLY A 18 -3.69 -5.29 11.53
C GLY A 18 -5.11 -5.67 11.12
N GLU A 19 -5.94 -6.06 12.10
CA GLU A 19 -7.31 -6.48 11.85
C GLU A 19 -8.31 -5.35 12.13
N ASN A 20 -7.82 -4.18 12.55
CA ASN A 20 -8.67 -3.05 12.90
C ASN A 20 -8.23 -1.75 12.20
N VAL A 21 -7.35 -1.87 11.21
CA VAL A 21 -6.73 -0.72 10.56
C VAL A 21 -7.69 0.04 9.64
N THR A 22 -7.32 1.28 9.31
CA THR A 22 -8.12 2.16 8.46
C THR A 22 -7.28 2.75 7.33
N ILE A 23 -7.96 3.18 6.27
CA ILE A 23 -7.29 3.75 5.11
C ILE A 23 -6.55 5.02 5.50
N GLU A 24 -7.20 5.89 6.28
CA GLU A 24 -6.62 7.15 6.71
C GLU A 24 -5.38 6.93 7.59
N SER A 25 -5.37 5.87 8.39
CA SER A 25 -4.25 5.60 9.28
C SER A 25 -3.05 5.07 8.47
N VAL A 26 -3.33 4.14 7.55
CA VAL A 26 -2.29 3.61 6.67
C VAL A 26 -1.74 4.75 5.82
N ALA A 27 -2.62 5.63 5.35
CA ALA A 27 -2.19 6.75 4.52
C ALA A 27 -1.31 7.68 5.34
N ASP A 28 -1.63 7.85 6.63
CA ASP A 28 -0.86 8.72 7.51
C ASP A 28 0.51 8.09 7.77
N TYR A 29 0.59 6.75 7.72
CA TYR A 29 1.84 6.07 7.98
C TYR A 29 2.77 6.01 6.76
N PHE A 30 2.19 6.06 5.55
CA PHE A 30 2.97 6.04 4.32
C PHE A 30 3.27 7.40 3.71
N LYS A 31 2.42 8.40 4.00
CA LYS A 31 2.55 9.73 3.41
C LYS A 31 3.83 10.43 3.90
N GLN A 32 4.39 9.96 5.02
CA GLN A 32 5.59 10.58 5.58
C GLN A 32 6.82 10.30 4.72
N ILE A 33 6.77 9.27 3.87
CA ILE A 33 7.85 8.97 2.94
C ILE A 33 7.65 9.73 1.63
N GLY A 34 6.43 9.69 1.09
CA GLY A 34 6.11 10.39 -0.14
C GLY A 34 4.61 10.54 -0.33
N ILE A 35 4.21 11.38 -1.29
CA ILE A 35 2.80 11.68 -1.53
C ILE A 35 2.09 10.46 -2.06
N ILE A 36 1.06 10.02 -1.34
CA ILE A 36 0.16 8.96 -1.79
C ILE A 36 -0.76 9.56 -2.85
N LYS A 37 -1.00 8.83 -3.95
CA LYS A 37 -1.82 9.33 -5.03
C LYS A 37 -3.26 9.41 -4.56
N THR A 38 -3.87 10.59 -4.69
CA THR A 38 -5.25 10.80 -4.31
C THR A 38 -6.21 10.63 -5.49
N ASN A 39 -7.39 10.06 -5.23
CA ASN A 39 -8.38 9.87 -6.26
C ASN A 39 -9.10 11.18 -6.54
N LYS A 40 -9.24 11.52 -7.81
CA LYS A 40 -9.96 12.73 -8.23
C LYS A 40 -11.47 12.50 -8.16
N LYS A 41 -11.88 11.25 -7.96
CA LYS A 41 -13.27 10.83 -8.07
C LYS A 41 -13.87 10.51 -6.69
N THR A 42 -13.01 10.24 -5.71
CA THR A 42 -13.44 9.90 -4.36
C THR A 42 -12.83 10.80 -3.28
N GLY A 43 -11.69 11.43 -3.59
CA GLY A 43 -11.07 12.41 -2.71
C GLY A 43 -10.25 11.73 -1.60
N GLN A 44 -10.38 10.41 -1.46
CA GLN A 44 -9.59 9.66 -0.49
C GLN A 44 -8.27 9.22 -1.14
N PRO A 45 -7.23 8.96 -0.35
CA PRO A 45 -5.95 8.50 -0.86
C PRO A 45 -6.07 7.06 -1.36
N MET A 46 -5.17 6.67 -2.28
CA MET A 46 -5.18 5.33 -2.85
C MET A 46 -4.68 4.29 -1.86
N ILE A 47 -5.61 3.71 -1.11
CA ILE A 47 -5.37 2.57 -0.25
C ILE A 47 -6.51 1.59 -0.44
N ASN A 48 -6.20 0.30 -0.47
CA ASN A 48 -7.24 -0.72 -0.56
C ASN A 48 -6.95 -1.83 0.43
N LEU A 49 -7.78 -1.94 1.46
CA LEU A 49 -7.68 -2.99 2.47
C LEU A 49 -8.35 -4.26 1.93
N TYR A 50 -7.90 -5.42 2.38
CA TYR A 50 -8.50 -6.68 1.98
C TYR A 50 -9.15 -7.45 3.11
N THR A 51 -10.18 -8.26 2.78
CA THR A 51 -10.97 -8.97 3.77
C THR A 51 -11.18 -10.44 3.44
N ASP A 52 -11.24 -11.29 4.48
CA ASP A 52 -11.45 -12.71 4.30
C ASP A 52 -12.93 -12.93 4.03
N ARG A 53 -13.26 -13.75 3.02
CA ARG A 53 -14.64 -14.05 2.68
C ARG A 53 -15.15 -15.25 3.47
N GLU A 54 -14.25 -15.94 4.19
CA GLU A 54 -14.61 -17.10 4.99
C GLU A 54 -14.83 -16.75 6.46
N THR A 55 -14.39 -15.56 6.88
CA THR A 55 -14.53 -15.10 8.26
C THR A 55 -14.97 -13.65 8.38
N GLY A 56 -14.73 -12.86 7.34
CA GLY A 56 -15.17 -11.47 7.29
C GLY A 56 -14.18 -10.56 8.02
N LYS A 57 -13.10 -11.12 8.55
CA LYS A 57 -12.05 -10.33 9.21
C LYS A 57 -11.08 -9.81 8.16
N LEU A 58 -10.36 -8.75 8.50
CA LEU A 58 -9.40 -8.14 7.58
C LEU A 58 -8.20 -9.06 7.39
N LYS A 59 -7.68 -9.12 6.16
CA LYS A 59 -6.53 -9.94 5.80
C LYS A 59 -5.25 -9.36 6.40
N GLY A 60 -5.31 -8.10 6.85
CA GLY A 60 -4.14 -7.37 7.29
C GLY A 60 -3.32 -6.91 6.08
N GLU A 61 -3.83 -7.17 4.87
CA GLU A 61 -3.16 -6.81 3.63
C GLU A 61 -3.81 -5.59 3.02
N ALA A 62 -3.02 -4.79 2.29
CA ALA A 62 -3.54 -3.62 1.62
C ALA A 62 -2.55 -3.15 0.54
N THR A 63 -3.05 -2.40 -0.44
CA THR A 63 -2.18 -1.73 -1.39
C THR A 63 -2.18 -0.25 -1.03
N VAL A 64 -1.08 0.43 -1.38
CA VAL A 64 -0.98 1.88 -1.30
C VAL A 64 -0.31 2.39 -2.57
N SER A 65 -0.94 3.33 -3.26
CA SER A 65 -0.38 3.86 -4.52
C SER A 65 0.20 5.26 -4.31
N PHE A 66 1.35 5.51 -4.93
CA PHE A 66 2.05 6.78 -4.81
C PHE A 66 1.93 7.67 -6.04
N ASP A 67 2.16 8.97 -5.87
CA ASP A 67 2.08 9.90 -6.98
C ASP A 67 3.28 9.68 -7.92
N ASP A 68 4.42 9.26 -7.36
CA ASP A 68 5.65 9.05 -8.10
C ASP A 68 6.22 7.68 -7.73
N PRO A 69 6.93 7.01 -8.66
CA PRO A 69 7.48 5.69 -8.45
C PRO A 69 8.66 5.64 -7.46
N PRO A 70 9.52 6.68 -7.35
CA PRO A 70 10.66 6.61 -6.45
C PRO A 70 10.21 6.73 -5.00
N SER A 71 9.02 7.29 -4.79
CA SER A 71 8.44 7.38 -3.46
C SER A 71 7.98 6.00 -3.00
N ALA A 72 7.47 5.19 -3.93
CA ALA A 72 7.11 3.82 -3.65
C ALA A 72 8.36 3.00 -3.36
N LYS A 73 9.45 3.27 -4.10
CA LYS A 73 10.71 2.59 -3.90
C LYS A 73 11.24 2.90 -2.50
N ALA A 74 11.19 4.17 -2.10
CA ALA A 74 11.66 4.57 -0.79
C ALA A 74 10.76 4.00 0.31
N ALA A 75 9.46 3.90 0.03
CA ALA A 75 8.52 3.37 1.01
C ALA A 75 8.83 1.91 1.29
N ILE A 76 9.24 1.15 0.28
CA ILE A 76 9.65 -0.23 0.51
C ILE A 76 10.96 -0.25 1.28
N ASP A 77 11.96 0.48 0.78
CA ASP A 77 13.26 0.54 1.42
C ASP A 77 13.21 0.92 2.89
N TRP A 78 12.20 1.72 3.26
CA TRP A 78 12.04 2.22 4.62
C TRP A 78 11.06 1.39 5.47
N PHE A 79 9.83 1.21 5.00
CA PHE A 79 8.80 0.56 5.81
C PHE A 79 8.94 -0.95 5.89
N ASP A 80 9.54 -1.58 4.88
CA ASP A 80 9.77 -3.01 4.90
C ASP A 80 10.41 -3.47 6.21
N GLY A 81 9.63 -4.18 7.04
CA GLY A 81 10.13 -4.78 8.26
C GLY A 81 9.85 -3.92 9.50
N LYS A 82 9.23 -2.75 9.33
CA LYS A 82 8.86 -1.89 10.45
C LYS A 82 7.54 -2.36 11.07
N GLU A 83 6.95 -1.52 11.90
CA GLU A 83 5.66 -1.80 12.52
C GLU A 83 4.68 -0.66 12.31
N PHE A 84 3.39 -1.00 12.36
CA PHE A 84 2.30 -0.07 12.23
C PHE A 84 1.10 -0.46 13.08
N SER A 85 0.49 0.52 13.76
CA SER A 85 -0.59 0.25 14.69
C SER A 85 -0.19 -0.78 15.76
N GLY A 86 1.12 -0.99 15.92
CA GLY A 86 1.65 -1.91 16.91
C GLY A 86 1.77 -3.33 16.36
N ASN A 87 1.86 -3.46 15.03
CA ASN A 87 1.94 -4.77 14.39
C ASN A 87 3.06 -4.74 13.36
N PRO A 88 3.81 -5.85 13.21
CA PRO A 88 4.87 -5.96 12.25
C PRO A 88 4.29 -5.99 10.84
N ILE A 89 4.88 -5.25 9.91
CA ILE A 89 4.37 -5.16 8.55
C ILE A 89 5.44 -5.58 7.54
N LYS A 90 5.01 -5.71 6.28
CA LYS A 90 5.88 -6.11 5.17
C LYS A 90 5.48 -5.37 3.90
N VAL A 91 6.38 -4.51 3.40
CA VAL A 91 6.15 -3.75 2.18
C VAL A 91 6.95 -4.28 0.99
N SER A 92 6.40 -4.17 -0.22
CA SER A 92 7.10 -4.58 -1.43
C SER A 92 6.42 -3.95 -2.65
N PHE A 93 7.02 -4.10 -3.83
CA PHE A 93 6.42 -3.61 -5.07
C PHE A 93 5.18 -4.40 -5.50
N ALA A 94 4.10 -3.67 -5.80
CA ALA A 94 2.85 -4.27 -6.21
C ALA A 94 2.78 -4.49 -7.73
N THR A 95 1.65 -5.04 -8.18
CA THR A 95 1.31 -5.20 -9.59
C THR A 95 -0.22 -5.09 -9.73
N ARG A 96 -0.81 -5.67 -10.78
CA ARG A 96 -2.26 -5.71 -10.90
C ARG A 96 -2.77 -7.15 -11.02
N ARG A 97 -3.07 -7.77 -9.88
CA ARG A 97 -3.77 -9.06 -9.88
C ARG A 97 -5.19 -8.86 -10.36
N ALA A 98 -5.64 -7.60 -10.42
CA ALA A 98 -6.93 -7.25 -10.98
C ALA A 98 -6.99 -7.60 -12.46
N ASP A 99 -5.83 -7.71 -13.12
CA ASP A 99 -5.76 -7.96 -14.54
C ASP A 99 -6.37 -9.33 -14.89
N PHE A 100 -6.52 -10.21 -13.90
CA PHE A 100 -7.14 -11.51 -14.10
C PHE A 100 -8.66 -11.45 -14.31
N ASN A 101 -9.27 -10.29 -14.03
CA ASN A 101 -10.70 -10.10 -14.18
C ASN A 101 -11.06 -8.75 -14.81
N ARG A 102 -10.10 -7.81 -14.86
CA ARG A 102 -10.30 -6.51 -15.48
C ARG A 102 -8.97 -5.97 -16.03
N GLY A 1 22.98 7.76 -13.49
CA GLY A 1 22.83 6.82 -14.61
C GLY A 1 21.44 6.91 -15.23
N SER A 2 20.95 5.79 -15.77
CA SER A 2 19.63 5.75 -16.39
C SER A 2 18.54 5.86 -15.33
N HIS A 3 17.31 6.19 -15.76
CA HIS A 3 16.18 6.31 -14.87
C HIS A 3 15.75 4.93 -14.37
N MET A 4 14.99 4.90 -13.28
CA MET A 4 14.53 3.65 -12.68
C MET A 4 13.54 2.93 -13.61
N ASP A 5 13.61 1.60 -13.66
CA ASP A 5 12.75 0.80 -14.53
C ASP A 5 11.30 0.75 -14.06
N ASN A 6 11.07 0.97 -12.77
CA ASN A 6 9.74 0.92 -12.17
C ASN A 6 8.99 2.24 -12.37
N SER A 7 9.32 2.99 -13.43
CA SER A 7 8.67 4.26 -13.71
C SER A 7 7.18 4.04 -14.04
N ASP A 8 6.79 2.80 -14.33
CA ASP A 8 5.41 2.44 -14.62
C ASP A 8 4.71 1.83 -13.40
N ASN A 9 5.38 1.81 -12.24
CA ASN A 9 4.85 1.21 -11.04
C ASN A 9 5.01 2.16 -9.86
N ASN A 10 3.88 2.70 -9.40
CA ASN A 10 3.83 3.63 -8.28
C ASN A 10 3.12 3.02 -7.07
N THR A 11 2.87 1.72 -7.10
CA THR A 11 2.10 1.05 -6.07
C THR A 11 2.95 0.09 -5.26
N ILE A 12 2.66 0.01 -3.96
CA ILE A 12 3.31 -0.92 -3.07
C ILE A 12 2.27 -1.82 -2.42
N PHE A 13 2.62 -3.07 -2.16
CA PHE A 13 1.76 -3.97 -1.43
C PHE A 13 2.26 -4.01 0.02
N VAL A 14 1.32 -4.11 0.96
CA VAL A 14 1.64 -4.17 2.37
C VAL A 14 0.94 -5.33 3.05
N GLN A 15 1.64 -5.97 3.98
CA GLN A 15 1.08 -7.06 4.77
C GLN A 15 1.33 -6.78 6.25
N GLY A 16 0.45 -7.30 7.11
CA GLY A 16 0.68 -7.32 8.55
C GLY A 16 0.20 -6.04 9.22
N LEU A 17 -0.58 -5.22 8.51
CA LEU A 17 -1.01 -3.93 9.03
C LEU A 17 -1.75 -4.13 10.36
N GLY A 18 -2.72 -5.04 10.38
CA GLY A 18 -3.52 -5.31 11.57
C GLY A 18 -4.94 -5.69 11.20
N GLU A 19 -5.75 -6.08 12.19
CA GLU A 19 -7.13 -6.49 11.95
C GLU A 19 -8.12 -5.39 12.31
N ASN A 20 -7.63 -4.21 12.72
CA ASN A 20 -8.48 -3.08 13.08
C ASN A 20 -8.06 -1.79 12.35
N VAL A 21 -7.21 -1.92 11.33
CA VAL A 21 -6.60 -0.77 10.67
C VAL A 21 -7.57 -0.04 9.74
N THR A 22 -7.19 1.18 9.34
CA THR A 22 -8.00 2.04 8.48
C THR A 22 -7.18 2.62 7.32
N ILE A 23 -7.88 3.06 6.28
CA ILE A 23 -7.25 3.66 5.11
C ILE A 23 -6.53 4.94 5.50
N GLU A 24 -7.17 5.77 6.31
CA GLU A 24 -6.60 7.02 6.76
C GLU A 24 -5.37 6.79 7.64
N SER A 25 -5.37 5.73 8.46
CA SER A 25 -4.26 5.47 9.37
C SER A 25 -3.04 4.98 8.60
N VAL A 26 -3.22 4.04 7.68
CA VAL A 26 -2.11 3.55 6.88
C VAL A 26 -1.62 4.64 5.93
N ALA A 27 -2.53 5.50 5.46
CA ALA A 27 -2.14 6.61 4.61
C ALA A 27 -1.30 7.59 5.43
N ASP A 28 -1.60 7.71 6.72
CA ASP A 28 -0.87 8.62 7.60
C ASP A 28 0.50 8.03 7.90
N TYR A 29 0.64 6.70 7.86
CA TYR A 29 1.91 6.06 8.13
C TYR A 29 2.83 5.99 6.91
N PHE A 30 2.25 6.03 5.70
CA PHE A 30 3.03 6.01 4.47
C PHE A 30 3.29 7.38 3.85
N LYS A 31 2.44 8.37 4.14
CA LYS A 31 2.57 9.70 3.55
C LYS A 31 3.84 10.40 4.03
N GLN A 32 4.43 9.93 5.13
CA GLN A 32 5.63 10.55 5.68
C GLN A 32 6.86 10.27 4.80
N ILE A 33 6.80 9.23 3.98
CA ILE A 33 7.88 8.95 3.03
C ILE A 33 7.67 9.72 1.73
N GLY A 34 6.45 9.70 1.21
CA GLY A 34 6.12 10.42 -0.01
C GLY A 34 4.61 10.57 -0.18
N ILE A 35 4.20 11.45 -1.10
CA ILE A 35 2.80 11.76 -1.31
C ILE A 35 2.06 10.55 -1.87
N ILE A 36 1.06 10.08 -1.14
CA ILE A 36 0.16 9.04 -1.61
C ILE A 36 -0.75 9.64 -2.68
N LYS A 37 -0.97 8.94 -3.78
CA LYS A 37 -1.80 9.47 -4.86
C LYS A 37 -3.24 9.47 -4.41
N THR A 38 -3.93 10.60 -4.59
CA THR A 38 -5.33 10.71 -4.22
C THR A 38 -6.26 10.37 -5.37
N ASN A 39 -7.37 9.71 -5.07
CA ASN A 39 -8.35 9.31 -6.07
C ASN A 39 -9.06 10.55 -6.61
N LYS A 40 -9.09 10.71 -7.93
CA LYS A 40 -9.81 11.80 -8.57
C LYS A 40 -11.31 11.50 -8.64
N LYS A 41 -11.70 10.28 -8.30
CA LYS A 41 -13.07 9.81 -8.46
C LYS A 41 -13.77 9.73 -7.11
N THR A 42 -13.01 9.67 -6.02
CA THR A 42 -13.57 9.50 -4.68
C THR A 42 -12.98 10.46 -3.64
N GLY A 43 -11.80 11.01 -3.92
CA GLY A 43 -11.18 12.03 -3.07
C GLY A 43 -10.43 11.42 -1.88
N GLN A 44 -10.60 10.12 -1.64
CA GLN A 44 -9.84 9.43 -0.59
C GLN A 44 -8.48 9.02 -1.16
N PRO A 45 -7.47 8.79 -0.31
CA PRO A 45 -6.16 8.40 -0.77
C PRO A 45 -6.20 6.99 -1.36
N MET A 46 -5.26 6.68 -2.27
CA MET A 46 -5.22 5.36 -2.91
C MET A 46 -4.74 4.29 -1.95
N ILE A 47 -5.70 3.61 -1.33
CA ILE A 47 -5.45 2.46 -0.49
C ILE A 47 -6.55 1.44 -0.73
N ASN A 48 -6.20 0.15 -0.76
CA ASN A 48 -7.19 -0.89 -0.88
C ASN A 48 -6.91 -1.97 0.15
N LEU A 49 -7.75 -2.03 1.19
CA LEU A 49 -7.66 -3.03 2.23
C LEU A 49 -8.30 -4.33 1.73
N TYR A 50 -7.89 -5.47 2.28
CA TYR A 50 -8.48 -6.75 1.93
C TYR A 50 -9.07 -7.51 3.10
N THR A 51 -10.11 -8.29 2.85
CA THR A 51 -10.86 -8.99 3.88
C THR A 51 -11.17 -10.43 3.51
N ASP A 52 -11.24 -11.31 4.52
CA ASP A 52 -11.54 -12.71 4.31
C ASP A 52 -13.04 -12.80 4.00
N ARG A 53 -13.39 -13.46 2.90
CA ARG A 53 -14.79 -13.60 2.51
C ARG A 53 -15.46 -14.72 3.30
N GLU A 54 -14.68 -15.47 4.10
CA GLU A 54 -15.19 -16.56 4.89
C GLU A 54 -15.42 -16.17 6.35
N THR A 55 -14.87 -15.02 6.77
CA THR A 55 -15.00 -14.55 8.14
C THR A 55 -15.34 -13.05 8.24
N GLY A 56 -14.97 -12.28 7.22
CA GLY A 56 -15.36 -10.88 7.12
C GLY A 56 -14.56 -9.98 8.07
N LYS A 57 -13.47 -10.53 8.65
CA LYS A 57 -12.60 -9.79 9.56
C LYS A 57 -11.73 -8.79 8.78
N LEU A 58 -10.43 -9.08 8.67
CA LEU A 58 -9.49 -8.33 7.82
C LEU A 58 -8.29 -9.22 7.54
N LYS A 59 -7.72 -9.12 6.33
CA LYS A 59 -6.54 -9.90 5.95
C LYS A 59 -5.28 -9.27 6.52
N GLY A 60 -5.35 -7.98 6.88
CA GLY A 60 -4.18 -7.22 7.29
C GLY A 60 -3.34 -6.83 6.07
N GLU A 61 -3.85 -7.14 4.87
CA GLU A 61 -3.18 -6.84 3.61
C GLU A 61 -3.82 -5.62 2.96
N ALA A 62 -3.02 -4.84 2.24
CA ALA A 62 -3.52 -3.68 1.53
C ALA A 62 -2.52 -3.17 0.50
N THR A 63 -3.00 -2.43 -0.49
CA THR A 63 -2.13 -1.71 -1.41
C THR A 63 -2.16 -0.24 -1.04
N VAL A 64 -1.07 0.48 -1.36
CA VAL A 64 -0.99 1.92 -1.25
C VAL A 64 -0.30 2.46 -2.50
N SER A 65 -0.88 3.47 -3.14
CA SER A 65 -0.30 4.02 -4.36
C SER A 65 0.30 5.41 -4.13
N PHE A 66 1.34 5.74 -4.88
CA PHE A 66 2.07 7.00 -4.74
C PHE A 66 1.96 7.91 -5.96
N ASP A 67 2.18 9.21 -5.75
CA ASP A 67 2.11 10.17 -6.84
C ASP A 67 3.31 9.96 -7.79
N ASP A 68 4.45 9.55 -7.23
CA ASP A 68 5.68 9.34 -7.99
C ASP A 68 6.23 7.95 -7.65
N PRO A 69 6.91 7.28 -8.60
CA PRO A 69 7.44 5.94 -8.42
C PRO A 69 8.61 5.83 -7.43
N PRO A 70 9.50 6.84 -7.30
CA PRO A 70 10.64 6.73 -6.41
C PRO A 70 10.19 6.84 -4.95
N SER A 71 9.02 7.44 -4.74
CA SER A 71 8.44 7.52 -3.40
C SER A 71 7.96 6.14 -2.96
N ALA A 72 7.41 5.37 -3.90
CA ALA A 72 7.03 3.99 -3.62
C ALA A 72 8.27 3.14 -3.35
N LYS A 73 9.34 3.41 -4.10
CA LYS A 73 10.59 2.69 -3.95
C LYS A 73 11.18 2.97 -2.56
N ALA A 74 11.14 4.22 -2.11
CA ALA A 74 11.64 4.59 -0.80
C ALA A 74 10.73 4.02 0.29
N ALA A 75 9.43 3.94 0.02
CA ALA A 75 8.48 3.40 0.99
C ALA A 75 8.79 1.93 1.25
N ILE A 76 9.18 1.18 0.22
CA ILE A 76 9.58 -0.21 0.42
C ILE A 76 10.88 -0.24 1.20
N ASP A 77 11.90 0.47 0.72
CA ASP A 77 13.21 0.49 1.35
C ASP A 77 13.19 0.90 2.81
N TRP A 78 12.19 1.70 3.19
CA TRP A 78 12.06 2.18 4.55
C TRP A 78 11.08 1.35 5.39
N PHE A 79 9.84 1.18 4.95
CA PHE A 79 8.82 0.52 5.75
C PHE A 79 8.97 -1.00 5.82
N ASP A 80 9.56 -1.62 4.79
CA ASP A 80 9.80 -3.05 4.82
C ASP A 80 10.46 -3.51 6.11
N GLY A 81 9.68 -4.21 6.96
CA GLY A 81 10.19 -4.81 8.18
C GLY A 81 9.95 -3.96 9.42
N LYS A 82 9.30 -2.78 9.26
CA LYS A 82 8.98 -1.92 10.39
C LYS A 82 7.68 -2.39 11.04
N GLU A 83 7.08 -1.52 11.87
CA GLU A 83 5.83 -1.83 12.54
C GLU A 83 4.81 -0.70 12.35
N PHE A 84 3.53 -1.07 12.38
CA PHE A 84 2.43 -0.14 12.26
C PHE A 84 1.23 -0.55 13.11
N SER A 85 0.60 0.42 13.78
CA SER A 85 -0.49 0.14 14.70
C SER A 85 -0.07 -0.88 15.77
N GLY A 86 1.24 -1.07 15.94
CA GLY A 86 1.80 -1.99 16.93
C GLY A 86 1.92 -3.41 16.36
N ASN A 87 2.02 -3.54 15.04
CA ASN A 87 2.09 -4.83 14.38
C ASN A 87 3.21 -4.81 13.34
N PRO A 88 3.95 -5.92 13.18
CA PRO A 88 4.99 -6.03 12.19
C PRO A 88 4.39 -6.05 10.79
N ILE A 89 4.99 -5.29 9.87
CA ILE A 89 4.48 -5.19 8.51
C ILE A 89 5.53 -5.59 7.49
N LYS A 90 5.11 -5.73 6.23
CA LYS A 90 5.98 -6.10 5.13
C LYS A 90 5.55 -5.37 3.86
N VAL A 91 6.44 -4.51 3.33
CA VAL A 91 6.18 -3.75 2.12
C VAL A 91 6.97 -4.29 0.93
N SER A 92 6.41 -4.15 -0.29
CA SER A 92 7.08 -4.57 -1.51
C SER A 92 6.40 -3.93 -2.72
N PHE A 93 6.98 -4.09 -3.91
CA PHE A 93 6.39 -3.58 -5.13
C PHE A 93 5.13 -4.33 -5.56
N ALA A 94 4.07 -3.58 -5.85
CA ALA A 94 2.80 -4.16 -6.27
C ALA A 94 2.76 -4.36 -7.78
N THR A 95 1.66 -4.95 -8.25
CA THR A 95 1.34 -5.11 -9.66
C THR A 95 -0.18 -4.95 -9.79
N ARG A 96 -0.82 -5.66 -10.73
CA ARG A 96 -2.28 -5.68 -10.80
C ARG A 96 -2.80 -7.10 -10.94
N ARG A 97 -2.99 -7.79 -9.81
CA ARG A 97 -3.68 -9.06 -9.79
C ARG A 97 -5.13 -8.88 -10.27
N ALA A 98 -5.59 -7.63 -10.28
CA ALA A 98 -6.93 -7.30 -10.73
C ALA A 98 -7.10 -7.64 -12.20
N ASP A 99 -6.01 -7.56 -12.96
CA ASP A 99 -6.04 -7.76 -14.41
C ASP A 99 -6.42 -9.19 -14.81
N PHE A 100 -6.47 -10.11 -13.84
CA PHE A 100 -6.91 -11.47 -14.09
C PHE A 100 -8.44 -11.58 -14.14
N ASN A 101 -9.14 -10.53 -13.73
CA ASN A 101 -10.60 -10.55 -13.64
C ASN A 101 -11.27 -9.28 -14.16
N ARG A 102 -10.50 -8.26 -14.57
CA ARG A 102 -11.06 -7.07 -15.18
C ARG A 102 -10.14 -6.54 -16.28
N GLY A 1 20.69 -7.10 -4.09
CA GLY A 1 20.12 -7.58 -5.37
C GLY A 1 18.61 -7.52 -5.36
N SER A 2 17.97 -8.56 -5.90
CA SER A 2 16.51 -8.67 -5.96
C SER A 2 15.86 -7.47 -6.64
N HIS A 3 16.57 -6.83 -7.57
CA HIS A 3 16.04 -5.70 -8.32
C HIS A 3 14.85 -6.13 -9.16
N MET A 4 13.98 -5.15 -9.51
CA MET A 4 12.80 -5.41 -10.31
C MET A 4 12.41 -4.16 -11.09
N ASP A 5 11.84 -4.34 -12.29
CA ASP A 5 11.39 -3.24 -13.11
C ASP A 5 10.12 -2.62 -12.53
N ASN A 6 10.20 -1.32 -12.25
CA ASN A 6 9.09 -0.56 -11.70
C ASN A 6 9.02 0.83 -12.34
N SER A 7 9.53 0.95 -13.57
CA SER A 7 9.49 2.20 -14.32
C SER A 7 8.05 2.53 -14.76
N ASP A 8 7.10 1.68 -14.39
CA ASP A 8 5.69 1.86 -14.71
C ASP A 8 4.80 1.46 -13.53
N ASN A 9 5.38 1.44 -12.33
CA ASN A 9 4.67 1.05 -11.13
C ASN A 9 4.95 2.00 -9.98
N ASN A 10 3.88 2.59 -9.44
CA ASN A 10 3.96 3.51 -8.31
C ASN A 10 3.29 2.92 -7.07
N THR A 11 2.90 1.65 -7.10
CA THR A 11 2.13 1.03 -6.03
C THR A 11 2.98 0.05 -5.24
N ILE A 12 2.71 -0.03 -3.93
CA ILE A 12 3.36 -0.98 -3.05
C ILE A 12 2.30 -1.84 -2.39
N PHE A 13 2.65 -3.08 -2.07
CA PHE A 13 1.75 -3.96 -1.34
C PHE A 13 2.22 -3.99 0.10
N VAL A 14 1.27 -4.11 1.03
CA VAL A 14 1.56 -4.11 2.46
C VAL A 14 0.89 -5.32 3.11
N GLN A 15 1.63 -5.98 4.00
CA GLN A 15 1.13 -7.11 4.78
C GLN A 15 1.39 -6.87 6.26
N GLY A 16 0.56 -7.47 7.11
CA GLY A 16 0.76 -7.45 8.56
C GLY A 16 0.17 -6.18 9.15
N LEU A 17 -0.62 -5.47 8.34
CA LEU A 17 -1.11 -4.14 8.64
C LEU A 17 -1.93 -4.13 9.94
N GLY A 18 -2.89 -5.07 10.06
CA GLY A 18 -3.67 -5.22 11.27
C GLY A 18 -5.10 -5.66 10.96
N GLU A 19 -5.82 -6.08 12.01
CA GLU A 19 -7.20 -6.54 11.86
C GLU A 19 -8.19 -5.41 12.17
N ASN A 20 -7.68 -4.22 12.52
CA ASN A 20 -8.51 -3.07 12.86
C ASN A 20 -8.08 -1.80 12.13
N VAL A 21 -7.25 -1.93 11.08
CA VAL A 21 -6.67 -0.78 10.39
C VAL A 21 -7.70 0.03 9.62
N THR A 22 -7.31 1.25 9.23
CA THR A 22 -8.13 2.16 8.43
C THR A 22 -7.31 2.78 7.33
N ILE A 23 -7.98 3.22 6.26
CA ILE A 23 -7.29 3.81 5.13
C ILE A 23 -6.53 5.07 5.54
N GLU A 24 -7.16 5.91 6.35
CA GLU A 24 -6.55 7.15 6.80
C GLU A 24 -5.33 6.89 7.66
N SER A 25 -5.33 5.81 8.46
CA SER A 25 -4.20 5.50 9.33
C SER A 25 -3.03 5.00 8.50
N VAL A 26 -3.30 4.09 7.55
CA VAL A 26 -2.27 3.57 6.67
C VAL A 26 -1.72 4.73 5.83
N ALA A 27 -2.59 5.62 5.36
CA ALA A 27 -2.17 6.75 4.56
C ALA A 27 -1.29 7.67 5.38
N ASP A 28 -1.60 7.83 6.67
CA ASP A 28 -0.84 8.70 7.56
C ASP A 28 0.54 8.09 7.80
N TYR A 29 0.63 6.76 7.77
CA TYR A 29 1.90 6.09 8.01
C TYR A 29 2.81 6.03 6.79
N PHE A 30 2.23 6.07 5.59
CA PHE A 30 2.99 6.06 4.34
C PHE A 30 3.27 7.42 3.73
N LYS A 31 2.42 8.42 4.04
CA LYS A 31 2.55 9.75 3.45
C LYS A 31 3.82 10.46 3.93
N GLN A 32 4.41 9.99 5.04
CA GLN A 32 5.60 10.60 5.59
C GLN A 32 6.84 10.32 4.71
N ILE A 33 6.77 9.29 3.87
CA ILE A 33 7.85 9.00 2.94
C ILE A 33 7.65 9.75 1.63
N GLY A 34 6.42 9.72 1.10
CA GLY A 34 6.11 10.41 -0.13
C GLY A 34 4.60 10.56 -0.32
N ILE A 35 4.20 11.35 -1.32
CA ILE A 35 2.80 11.65 -1.56
C ILE A 35 2.06 10.43 -2.07
N ILE A 36 1.04 9.99 -1.33
CA ILE A 36 0.15 8.94 -1.76
C ILE A 36 -0.77 9.48 -2.85
N LYS A 37 -1.03 8.70 -3.90
CA LYS A 37 -1.86 9.16 -5.00
C LYS A 37 -3.30 9.24 -4.53
N THR A 38 -3.94 10.37 -4.79
CA THR A 38 -5.35 10.57 -4.42
C THR A 38 -6.31 10.19 -5.53
N ASN A 39 -7.40 9.52 -5.17
CA ASN A 39 -8.44 9.20 -6.11
C ASN A 39 -9.15 10.49 -6.50
N LYS A 40 -9.30 10.75 -7.80
CA LYS A 40 -9.97 11.95 -8.26
C LYS A 40 -11.49 11.74 -8.26
N LYS A 41 -11.93 10.48 -8.14
CA LYS A 41 -13.34 10.14 -8.21
C LYS A 41 -13.95 10.09 -6.81
N THR A 42 -13.10 9.92 -5.79
CA THR A 42 -13.56 9.73 -4.42
C THR A 42 -12.89 10.68 -3.41
N GLY A 43 -11.69 11.16 -3.73
CA GLY A 43 -11.00 12.16 -2.92
C GLY A 43 -10.24 11.54 -1.76
N GLN A 44 -10.44 10.24 -1.51
CA GLN A 44 -9.66 9.53 -0.49
C GLN A 44 -8.34 9.07 -1.11
N PRO A 45 -7.30 8.84 -0.29
CA PRO A 45 -6.01 8.40 -0.77
C PRO A 45 -6.10 6.97 -1.29
N MET A 46 -5.17 6.58 -2.18
CA MET A 46 -5.16 5.24 -2.75
C MET A 46 -4.66 4.21 -1.75
N ILE A 47 -5.59 3.71 -0.94
CA ILE A 47 -5.34 2.57 -0.07
C ILE A 47 -6.49 1.60 -0.28
N ASN A 48 -6.20 0.30 -0.38
CA ASN A 48 -7.26 -0.68 -0.49
C ASN A 48 -7.00 -1.84 0.46
N LEU A 49 -7.84 -1.93 1.48
CA LEU A 49 -7.77 -3.00 2.48
C LEU A 49 -8.40 -4.26 1.90
N TYR A 50 -7.94 -5.43 2.36
CA TYR A 50 -8.51 -6.70 1.93
C TYR A 50 -9.14 -7.48 3.07
N THR A 51 -10.20 -8.23 2.76
CA THR A 51 -10.95 -8.98 3.76
C THR A 51 -11.17 -10.44 3.37
N ASP A 52 -11.23 -11.31 4.37
CA ASP A 52 -11.47 -12.72 4.15
C ASP A 52 -12.97 -12.87 3.90
N ARG A 53 -13.35 -13.53 2.81
CA ARG A 53 -14.75 -13.75 2.50
C ARG A 53 -15.31 -14.93 3.30
N GLU A 54 -14.42 -15.66 4.00
CA GLU A 54 -14.81 -16.81 4.81
C GLU A 54 -15.06 -16.42 6.26
N THR A 55 -14.61 -15.23 6.68
CA THR A 55 -14.77 -14.77 8.06
C THR A 55 -15.22 -13.32 8.18
N GLY A 56 -14.91 -12.50 7.16
CA GLY A 56 -15.39 -11.13 7.08
C GLY A 56 -14.62 -10.20 8.03
N LYS A 57 -13.50 -10.68 8.58
CA LYS A 57 -12.67 -9.91 9.49
C LYS A 57 -11.83 -8.89 8.72
N LEU A 58 -10.53 -9.14 8.61
CA LEU A 58 -9.61 -8.39 7.75
C LEU A 58 -8.40 -9.28 7.46
N LYS A 59 -7.83 -9.16 6.26
CA LYS A 59 -6.68 -9.95 5.84
C LYS A 59 -5.40 -9.45 6.50
N GLY A 60 -5.41 -8.19 6.95
CA GLY A 60 -4.21 -7.54 7.45
C GLY A 60 -3.34 -7.11 6.27
N GLU A 61 -3.94 -6.97 5.09
CA GLU A 61 -3.24 -6.61 3.87
C GLU A 61 -3.89 -5.41 3.20
N ALA A 62 -3.08 -4.55 2.59
CA ALA A 62 -3.59 -3.46 1.78
C ALA A 62 -2.59 -3.01 0.75
N THR A 63 -3.06 -2.41 -0.34
CA THR A 63 -2.18 -1.76 -1.30
C THR A 63 -2.16 -0.28 -0.95
N VAL A 64 -1.04 0.39 -1.27
CA VAL A 64 -0.92 1.84 -1.20
C VAL A 64 -0.27 2.34 -2.47
N SER A 65 -0.91 3.29 -3.16
CA SER A 65 -0.38 3.78 -4.42
C SER A 65 0.20 5.17 -4.24
N PHE A 66 1.32 5.46 -4.92
CA PHE A 66 2.01 6.73 -4.82
C PHE A 66 1.87 7.62 -6.05
N ASP A 67 2.07 8.92 -5.88
CA ASP A 67 1.98 9.85 -7.00
C ASP A 67 3.21 9.68 -7.90
N ASP A 68 4.36 9.31 -7.31
CA ASP A 68 5.61 9.12 -8.02
C ASP A 68 6.20 7.76 -7.65
N PRO A 69 6.92 7.11 -8.57
CA PRO A 69 7.47 5.78 -8.36
C PRO A 69 8.68 5.74 -7.39
N PRO A 70 9.52 6.79 -7.27
CA PRO A 70 10.68 6.72 -6.40
C PRO A 70 10.24 6.83 -4.94
N SER A 71 9.06 7.40 -4.71
CA SER A 71 8.49 7.48 -3.37
C SER A 71 8.03 6.10 -2.93
N ALA A 72 7.52 5.29 -3.87
CA ALA A 72 7.14 3.92 -3.59
C ALA A 72 8.38 3.08 -3.32
N LYS A 73 9.46 3.35 -4.07
CA LYS A 73 10.72 2.64 -3.90
C LYS A 73 11.27 2.93 -2.50
N ALA A 74 11.23 4.19 -2.08
CA ALA A 74 11.71 4.59 -0.77
C ALA A 74 10.80 4.02 0.32
N ALA A 75 9.50 3.92 0.04
CA ALA A 75 8.56 3.40 1.00
C ALA A 75 8.84 1.94 1.29
N ILE A 76 9.24 1.16 0.28
CA ILE A 76 9.65 -0.22 0.51
C ILE A 76 10.95 -0.25 1.28
N ASP A 77 11.96 0.45 0.78
CA ASP A 77 13.28 0.48 1.40
C ASP A 77 13.25 0.90 2.86
N TRP A 78 12.26 1.71 3.23
CA TRP A 78 12.11 2.20 4.58
C TRP A 78 11.14 1.38 5.43
N PHE A 79 9.89 1.22 4.98
CA PHE A 79 8.86 0.57 5.79
C PHE A 79 9.00 -0.95 5.87
N ASP A 80 9.61 -1.57 4.86
CA ASP A 80 9.87 -3.01 4.89
C ASP A 80 10.45 -3.47 6.23
N GLY A 81 9.62 -4.18 7.02
CA GLY A 81 10.05 -4.80 8.26
C GLY A 81 9.83 -3.91 9.48
N LYS A 82 9.23 -2.72 9.31
CA LYS A 82 8.94 -1.83 10.42
C LYS A 82 7.65 -2.23 11.13
N GLU A 83 7.19 -1.37 12.05
CA GLU A 83 5.97 -1.61 12.81
C GLU A 83 4.90 -0.61 12.40
N PHE A 84 3.63 -1.00 12.49
CA PHE A 84 2.49 -0.13 12.28
C PHE A 84 1.30 -0.48 13.17
N SER A 85 0.72 0.53 13.83
CA SER A 85 -0.36 0.33 14.79
C SER A 85 0.04 -0.69 15.86
N GLY A 86 1.35 -0.92 16.04
CA GLY A 86 1.87 -1.85 17.02
C GLY A 86 1.95 -3.27 16.47
N ASN A 87 2.13 -3.42 15.15
CA ASN A 87 2.16 -4.72 14.49
C ASN A 87 3.24 -4.72 13.41
N PRO A 88 3.95 -5.84 13.24
CA PRO A 88 4.98 -5.97 12.23
C PRO A 88 4.36 -5.99 10.84
N ILE A 89 4.95 -5.25 9.91
CA ILE A 89 4.45 -5.20 8.54
C ILE A 89 5.53 -5.58 7.53
N LYS A 90 5.12 -5.75 6.28
CA LYS A 90 6.02 -6.11 5.19
C LYS A 90 5.58 -5.38 3.92
N VAL A 91 6.45 -4.50 3.41
CA VAL A 91 6.18 -3.73 2.20
C VAL A 91 6.98 -4.27 1.01
N SER A 92 6.40 -4.16 -0.20
CA SER A 92 7.09 -4.59 -1.42
C SER A 92 6.42 -3.96 -2.64
N PHE A 93 7.02 -4.13 -3.81
CA PHE A 93 6.45 -3.63 -5.05
C PHE A 93 5.21 -4.37 -5.50
N ALA A 94 4.14 -3.62 -5.79
CA ALA A 94 2.87 -4.20 -6.19
C ALA A 94 2.76 -4.33 -7.71
N THR A 95 1.62 -4.84 -8.17
CA THR A 95 1.26 -4.95 -9.58
C THR A 95 -0.26 -4.86 -9.71
N ARG A 96 -0.83 -5.24 -10.86
CA ARG A 96 -2.27 -5.22 -11.07
C ARG A 96 -2.79 -6.63 -11.33
N ARG A 97 -3.19 -7.34 -10.26
CA ARG A 97 -3.85 -8.64 -10.44
C ARG A 97 -5.14 -8.46 -11.23
N ALA A 98 -5.64 -7.23 -11.30
CA ALA A 98 -6.82 -6.89 -12.06
C ALA A 98 -6.59 -7.10 -13.56
N ASP A 99 -5.36 -7.39 -13.98
CA ASP A 99 -5.05 -7.52 -15.40
C ASP A 99 -4.63 -8.92 -15.82
N PHE A 100 -4.37 -9.83 -14.86
CA PHE A 100 -3.98 -11.19 -15.19
C PHE A 100 -4.68 -12.26 -14.37
N ASN A 101 -5.18 -11.91 -13.19
CA ASN A 101 -5.88 -12.86 -12.33
C ASN A 101 -7.35 -12.95 -12.74
N ARG A 102 -7.76 -12.15 -13.74
CA ARG A 102 -9.13 -12.14 -14.23
C ARG A 102 -9.15 -11.90 -15.74
N GLY A 1 21.90 6.44 -16.39
CA GLY A 1 22.13 5.84 -15.07
C GLY A 1 21.36 4.55 -14.90
N SER A 2 21.11 4.16 -13.65
CA SER A 2 20.37 2.94 -13.34
C SER A 2 18.90 3.07 -13.78
N HIS A 3 18.25 1.94 -14.03
CA HIS A 3 16.86 1.90 -14.45
C HIS A 3 16.23 0.57 -14.07
N MET A 4 14.93 0.58 -13.76
CA MET A 4 14.19 -0.61 -13.36
C MET A 4 12.80 -0.60 -13.98
N ASP A 5 12.19 -1.79 -14.10
CA ASP A 5 10.87 -1.94 -14.69
C ASP A 5 9.79 -1.30 -13.81
N ASN A 6 10.13 -0.95 -12.57
CA ASN A 6 9.20 -0.31 -11.65
C ASN A 6 9.04 1.18 -11.96
N SER A 7 9.60 1.65 -13.09
CA SER A 7 9.40 3.03 -13.52
C SER A 7 7.92 3.26 -13.84
N ASP A 8 7.20 2.19 -14.19
CA ASP A 8 5.77 2.21 -14.44
C ASP A 8 4.98 1.69 -13.24
N ASN A 9 5.64 1.57 -12.08
CA ASN A 9 5.03 1.00 -10.89
C ASN A 9 5.14 1.98 -9.73
N ASN A 10 4.01 2.55 -9.33
CA ASN A 10 3.94 3.53 -8.27
C ASN A 10 3.21 3.00 -7.04
N THR A 11 2.84 1.72 -7.03
CA THR A 11 2.06 1.15 -5.94
C THR A 11 2.91 0.15 -5.16
N ILE A 12 2.66 0.09 -3.85
CA ILE A 12 3.29 -0.87 -2.98
C ILE A 12 2.23 -1.76 -2.35
N PHE A 13 2.59 -3.02 -2.11
CA PHE A 13 1.73 -3.93 -1.39
C PHE A 13 2.20 -3.93 0.06
N VAL A 14 1.25 -4.07 0.99
CA VAL A 14 1.55 -4.10 2.41
C VAL A 14 0.87 -5.28 3.09
N GLN A 15 1.56 -5.90 4.05
CA GLN A 15 1.02 -7.00 4.83
C GLN A 15 1.27 -6.75 6.31
N GLY A 16 0.38 -7.26 7.17
CA GLY A 16 0.60 -7.27 8.60
C GLY A 16 0.12 -6.00 9.28
N LEU A 17 -0.66 -5.17 8.58
CA LEU A 17 -1.07 -3.89 9.11
C LEU A 17 -1.83 -4.07 10.42
N GLY A 18 -2.81 -4.97 10.44
CA GLY A 18 -3.62 -5.23 11.62
C GLY A 18 -5.04 -5.60 11.22
N GLU A 19 -5.87 -5.96 12.21
CA GLU A 19 -7.25 -6.38 11.94
C GLU A 19 -8.26 -5.27 12.24
N ASN A 20 -7.78 -4.09 12.67
CA ASN A 20 -8.65 -2.96 12.99
C ASN A 20 -8.18 -1.68 12.28
N VAL A 21 -7.30 -1.81 11.30
CA VAL A 21 -6.67 -0.66 10.66
C VAL A 21 -7.60 0.08 9.69
N THR A 22 -7.20 1.28 9.28
CA THR A 22 -7.98 2.14 8.40
C THR A 22 -7.17 2.68 7.24
N ILE A 23 -7.87 3.16 6.20
CA ILE A 23 -7.24 3.75 5.03
C ILE A 23 -6.46 5.00 5.41
N GLU A 24 -7.08 5.86 6.23
CA GLU A 24 -6.47 7.11 6.63
C GLU A 24 -5.28 6.90 7.59
N SER A 25 -5.32 5.87 8.43
CA SER A 25 -4.23 5.63 9.37
C SER A 25 -3.02 5.09 8.62
N VAL A 26 -3.21 4.14 7.71
CA VAL A 26 -2.11 3.62 6.92
C VAL A 26 -1.61 4.70 5.94
N ALA A 27 -2.52 5.54 5.44
CA ALA A 27 -2.12 6.64 4.58
C ALA A 27 -1.26 7.61 5.37
N ASP A 28 -1.54 7.75 6.67
CA ASP A 28 -0.80 8.67 7.53
C ASP A 28 0.58 8.07 7.81
N TYR A 29 0.70 6.74 7.79
CA TYR A 29 1.97 6.08 8.07
C TYR A 29 2.88 6.02 6.84
N PHE A 30 2.30 6.05 5.63
CA PHE A 30 3.06 6.01 4.40
C PHE A 30 3.32 7.38 3.77
N LYS A 31 2.47 8.36 4.03
CA LYS A 31 2.58 9.69 3.43
C LYS A 31 3.86 10.40 3.90
N GLN A 32 4.45 9.96 5.00
CA GLN A 32 5.64 10.60 5.54
C GLN A 32 6.88 10.31 4.68
N ILE A 33 6.83 9.25 3.86
CA ILE A 33 7.91 8.96 2.93
C ILE A 33 7.70 9.72 1.62
N GLY A 34 6.48 9.67 1.10
CA GLY A 34 6.15 10.36 -0.14
C GLY A 34 4.64 10.52 -0.30
N ILE A 35 4.23 11.37 -1.24
CA ILE A 35 2.83 11.69 -1.44
C ILE A 35 2.08 10.47 -1.99
N ILE A 36 1.05 10.03 -1.26
CA ILE A 36 0.13 9.00 -1.73
C ILE A 36 -0.79 9.61 -2.78
N LYS A 37 -1.02 8.91 -3.89
CA LYS A 37 -1.85 9.42 -4.97
C LYS A 37 -3.31 9.47 -4.50
N THR A 38 -3.98 10.59 -4.74
CA THR A 38 -5.37 10.73 -4.37
C THR A 38 -6.32 10.38 -5.50
N ASN A 39 -7.39 9.65 -5.19
CA ASN A 39 -8.42 9.34 -6.16
C ASN A 39 -9.12 10.64 -6.55
N LYS A 40 -9.19 10.92 -7.84
CA LYS A 40 -9.82 12.15 -8.30
C LYS A 40 -11.34 11.98 -8.37
N LYS A 41 -11.80 10.72 -8.28
CA LYS A 41 -13.22 10.41 -8.42
C LYS A 41 -13.90 10.32 -7.05
N THR A 42 -13.11 10.06 -6.00
CA THR A 42 -13.64 9.85 -4.66
C THR A 42 -13.00 10.76 -3.61
N GLY A 43 -11.78 11.23 -3.87
CA GLY A 43 -11.12 12.20 -3.00
C GLY A 43 -10.39 11.54 -1.84
N GLN A 44 -10.60 10.23 -1.62
CA GLN A 44 -9.86 9.49 -0.61
C GLN A 44 -8.51 9.09 -1.19
N PRO A 45 -7.50 8.83 -0.34
CA PRO A 45 -6.18 8.44 -0.81
C PRO A 45 -6.24 7.03 -1.40
N MET A 46 -5.31 6.70 -2.30
CA MET A 46 -5.28 5.39 -2.93
C MET A 46 -4.79 4.32 -1.96
N ILE A 47 -5.76 3.64 -1.34
CA ILE A 47 -5.50 2.53 -0.45
C ILE A 47 -6.61 1.51 -0.62
N ASN A 48 -6.29 0.22 -0.50
CA ASN A 48 -7.31 -0.81 -0.46
C ASN A 48 -7.00 -1.78 0.65
N LEU A 49 -8.00 -2.05 1.50
CA LEU A 49 -7.90 -3.03 2.57
C LEU A 49 -8.55 -4.32 2.08
N TYR A 50 -7.94 -5.47 2.40
CA TYR A 50 -8.48 -6.75 2.00
C TYR A 50 -9.12 -7.52 3.16
N THR A 51 -10.14 -8.33 2.84
CA THR A 51 -10.93 -9.02 3.84
C THR A 51 -11.18 -10.49 3.50
N ASP A 52 -11.24 -11.33 4.53
CA ASP A 52 -11.49 -12.75 4.35
C ASP A 52 -12.97 -12.93 4.02
N ARG A 53 -13.28 -13.75 3.02
CA ARG A 53 -14.66 -14.02 2.63
C ARG A 53 -15.24 -15.19 3.43
N GLU A 54 -14.39 -15.91 4.16
CA GLU A 54 -14.81 -17.05 4.97
C GLU A 54 -15.04 -16.65 6.44
N THR A 55 -14.56 -15.48 6.83
CA THR A 55 -14.68 -15.00 8.21
C THR A 55 -15.07 -13.53 8.31
N GLY A 56 -14.85 -12.76 7.24
CA GLY A 56 -15.26 -11.36 7.17
C GLY A 56 -14.29 -10.46 7.93
N LYS A 57 -13.22 -11.03 8.49
CA LYS A 57 -12.20 -10.26 9.20
C LYS A 57 -11.13 -9.79 8.21
N LEU A 58 -10.41 -8.72 8.57
CA LEU A 58 -9.42 -8.14 7.69
C LEU A 58 -8.21 -9.06 7.54
N LYS A 59 -7.66 -9.12 6.33
CA LYS A 59 -6.48 -9.93 6.03
C LYS A 59 -5.23 -9.29 6.62
N GLY A 60 -5.32 -8.00 6.97
CA GLY A 60 -4.17 -7.22 7.38
C GLY A 60 -3.35 -6.82 6.15
N GLU A 61 -3.86 -7.14 4.95
CA GLU A 61 -3.21 -6.84 3.69
C GLU A 61 -3.83 -5.59 3.07
N ALA A 62 -3.02 -4.84 2.33
CA ALA A 62 -3.49 -3.63 1.68
C ALA A 62 -2.55 -3.22 0.55
N THR A 63 -3.03 -2.29 -0.30
CA THR A 63 -2.18 -1.64 -1.28
C THR A 63 -2.21 -0.16 -0.94
N VAL A 64 -1.11 0.54 -1.24
CA VAL A 64 -1.04 1.98 -1.16
C VAL A 64 -0.35 2.51 -2.41
N SER A 65 -1.01 3.40 -3.15
CA SER A 65 -0.44 3.90 -4.40
C SER A 65 0.15 5.29 -4.21
N PHE A 66 1.32 5.53 -4.81
CA PHE A 66 2.02 6.80 -4.71
C PHE A 66 1.87 7.67 -5.95
N ASP A 67 2.15 8.98 -5.81
CA ASP A 67 2.07 9.90 -6.93
C ASP A 67 3.27 9.69 -7.87
N ASP A 68 4.38 9.17 -7.34
CA ASP A 68 5.61 8.97 -8.08
C ASP A 68 6.20 7.60 -7.70
N PRO A 69 6.91 6.94 -8.64
CA PRO A 69 7.48 5.62 -8.43
C PRO A 69 8.67 5.58 -7.45
N PRO A 70 9.51 6.63 -7.35
CA PRO A 70 10.66 6.57 -6.47
C PRO A 70 10.22 6.70 -5.02
N SER A 71 9.03 7.28 -4.79
CA SER A 71 8.46 7.37 -3.46
C SER A 71 7.99 6.00 -3.00
N ALA A 72 7.45 5.19 -3.92
CA ALA A 72 7.06 3.83 -3.63
C ALA A 72 8.31 2.99 -3.36
N LYS A 73 9.39 3.25 -4.11
CA LYS A 73 10.64 2.53 -3.95
C LYS A 73 11.23 2.81 -2.56
N ALA A 74 11.19 4.09 -2.14
CA ALA A 74 11.69 4.46 -0.82
C ALA A 74 10.78 3.91 0.27
N ALA A 75 9.47 3.84 0.01
CA ALA A 75 8.53 3.33 0.98
C ALA A 75 8.81 1.86 1.27
N ILE A 76 9.20 1.09 0.24
CA ILE A 76 9.58 -0.29 0.47
C ILE A 76 10.89 -0.35 1.25
N ASP A 77 11.91 0.35 0.76
CA ASP A 77 13.22 0.37 1.39
C ASP A 77 13.19 0.80 2.84
N TRP A 78 12.21 1.62 3.21
CA TRP A 78 12.09 2.17 4.55
C TRP A 78 11.12 1.38 5.42
N PHE A 79 9.86 1.19 4.98
CA PHE A 79 8.85 0.56 5.80
C PHE A 79 8.95 -0.96 5.87
N ASP A 80 9.45 -1.61 4.82
CA ASP A 80 9.57 -3.06 4.81
C ASP A 80 10.27 -3.58 6.06
N GLY A 81 9.51 -4.27 6.93
CA GLY A 81 10.04 -4.91 8.13
C GLY A 81 9.82 -4.08 9.39
N LYS A 82 9.24 -2.89 9.26
CA LYS A 82 8.93 -2.04 10.42
C LYS A 82 7.61 -2.47 11.06
N GLU A 83 7.04 -1.59 11.89
CA GLU A 83 5.76 -1.85 12.54
C GLU A 83 4.80 -0.69 12.34
N PHE A 84 3.51 -1.00 12.43
CA PHE A 84 2.42 -0.06 12.31
C PHE A 84 1.24 -0.43 13.19
N SER A 85 0.65 0.56 13.87
CA SER A 85 -0.41 0.31 14.85
C SER A 85 0.00 -0.74 15.89
N GLY A 86 1.31 -0.98 16.04
CA GLY A 86 1.82 -1.93 17.02
C GLY A 86 1.90 -3.35 16.44
N ASN A 87 1.98 -3.47 15.11
CA ASN A 87 2.00 -4.76 14.45
C ASN A 87 3.12 -4.75 13.40
N PRO A 88 3.84 -5.87 13.25
CA PRO A 88 4.90 -5.98 12.27
C PRO A 88 4.29 -6.00 10.87
N ILE A 89 4.89 -5.24 9.94
CA ILE A 89 4.38 -5.14 8.58
C ILE A 89 5.44 -5.55 7.58
N LYS A 90 5.03 -5.69 6.31
CA LYS A 90 5.92 -6.06 5.22
C LYS A 90 5.48 -5.36 3.94
N VAL A 91 6.37 -4.50 3.40
CA VAL A 91 6.11 -3.76 2.18
C VAL A 91 6.87 -4.33 0.98
N SER A 92 6.32 -4.20 -0.23
CA SER A 92 6.97 -4.64 -1.45
C SER A 92 6.33 -3.98 -2.67
N PHE A 93 6.90 -4.17 -3.85
CA PHE A 93 6.34 -3.66 -5.08
C PHE A 93 5.06 -4.36 -5.52
N ALA A 94 4.04 -3.58 -5.82
CA ALA A 94 2.75 -4.09 -6.27
C ALA A 94 2.72 -4.32 -7.77
N THR A 95 1.55 -4.68 -8.29
CA THR A 95 1.29 -4.88 -9.72
C THR A 95 -0.20 -4.74 -10.00
N ARG A 96 -0.65 -5.03 -11.22
CA ARG A 96 -2.07 -5.00 -11.56
C ARG A 96 -2.63 -6.43 -11.54
N ARG A 97 -2.68 -7.03 -10.34
CA ARG A 97 -3.33 -8.33 -10.18
C ARG A 97 -4.79 -8.22 -10.58
N ALA A 98 -5.30 -6.98 -10.64
CA ALA A 98 -6.63 -6.66 -11.12
C ALA A 98 -6.80 -7.13 -12.57
N ASP A 99 -5.72 -7.11 -13.35
CA ASP A 99 -5.78 -7.39 -14.79
C ASP A 99 -6.17 -8.83 -15.14
N PHE A 100 -6.22 -9.72 -14.15
CA PHE A 100 -6.67 -11.09 -14.36
C PHE A 100 -8.17 -11.16 -14.08
N ASN A 101 -8.70 -10.18 -13.34
CA ASN A 101 -10.10 -10.16 -12.95
C ASN A 101 -10.94 -9.35 -13.94
N ARG A 102 -10.42 -8.21 -14.39
CA ARG A 102 -11.17 -7.33 -15.29
C ARG A 102 -11.20 -7.91 -16.70
#